data_6AP5
#
_entry.id   6AP5
#
_entity_poly.entity_id   1
_entity_poly.type   'polypeptide(L)'
_entity_poly.pdbx_seq_one_letter_code
;MAHHHHHHMSGTVTVTDSTFKTDVLDSDTPVLVDFWADWCGPCKMVAPVLEEIANEKSGTLKVAKLDVDANPEAARDFQV
VSIPTMILFKGGTPVKRIVGAKGKAALLREIEDAL
;
_entity_poly.pdbx_strand_id   A
#
# COMPACT_ATOMS: atom_id res chain seq x y z
N MET A 1 12.58 -5.66 29.90
CA MET A 1 11.45 -5.70 28.96
C MET A 1 11.15 -4.31 28.43
N ALA A 2 11.52 -4.05 27.18
CA ALA A 2 11.28 -2.76 26.55
C ALA A 2 9.96 -2.75 25.79
N HIS A 3 9.11 -1.80 26.12
CA HIS A 3 7.80 -1.68 25.47
C HIS A 3 7.83 -0.60 24.39
N HIS A 4 8.00 0.65 24.81
CA HIS A 4 8.05 1.77 23.89
C HIS A 4 9.06 1.51 22.77
N HIS A 5 8.79 2.07 21.59
CA HIS A 5 9.67 1.90 20.45
C HIS A 5 9.73 3.17 19.61
N HIS A 6 10.71 3.25 18.71
CA HIS A 6 10.88 4.41 17.86
C HIS A 6 10.77 4.02 16.39
N HIS A 7 9.98 2.99 16.11
CA HIS A 7 9.80 2.52 14.74
C HIS A 7 8.55 3.14 14.12
N HIS A 8 7.51 3.31 14.94
CA HIS A 8 6.26 3.88 14.46
C HIS A 8 6.50 5.21 13.75
N MET A 9 7.47 5.97 14.24
CA MET A 9 7.80 7.27 13.66
C MET A 9 8.05 7.13 12.15
N SER A 10 8.67 6.02 11.75
CA SER A 10 8.96 5.77 10.35
C SER A 10 7.69 5.89 9.50
N GLY A 11 7.77 6.70 8.45
CA GLY A 11 6.62 6.87 7.57
C GLY A 11 6.23 5.60 6.86
N THR A 12 6.69 5.46 5.61
CA THR A 12 6.38 4.27 4.82
C THR A 12 6.96 3.01 5.45
N VAL A 13 6.09 2.11 5.88
CA VAL A 13 6.53 0.86 6.50
C VAL A 13 5.57 -0.28 6.16
N THR A 14 6.12 -1.49 6.02
CA THR A 14 5.32 -2.66 5.70
C THR A 14 4.59 -3.17 6.94
N VAL A 15 3.28 -3.35 6.81
CA VAL A 15 2.47 -3.85 7.92
C VAL A 15 2.24 -5.35 7.81
N THR A 16 2.66 -6.10 8.82
CA THR A 16 2.50 -7.54 8.83
C THR A 16 1.03 -7.92 8.76
N ASP A 17 0.76 -9.22 8.62
CA ASP A 17 -0.60 -9.72 8.54
C ASP A 17 -1.24 -9.76 9.93
N SER A 18 -0.48 -10.20 10.92
CA SER A 18 -0.97 -10.29 12.29
C SER A 18 -1.19 -8.91 12.88
N THR A 19 -0.34 -7.96 12.49
CA THR A 19 -0.43 -6.59 12.99
C THR A 19 -1.43 -5.78 12.16
N PHE A 20 -1.74 -6.27 10.96
CA PHE A 20 -2.66 -5.59 10.07
C PHE A 20 -3.97 -5.24 10.79
N LYS A 21 -4.57 -6.25 11.41
CA LYS A 21 -5.81 -6.06 12.15
C LYS A 21 -5.60 -5.14 13.35
N THR A 22 -4.34 -4.91 13.71
CA THR A 22 -4.01 -4.05 14.83
C THR A 22 -3.76 -2.62 14.38
N ASP A 23 -3.21 -2.47 13.17
CA ASP A 23 -2.93 -1.16 12.61
C ASP A 23 -4.05 -0.71 11.68
N VAL A 24 -4.14 -1.34 10.52
CA VAL A 24 -5.16 -1.01 9.54
C VAL A 24 -6.54 -1.01 10.17
N LEU A 25 -7.05 -2.20 10.48
CA LEU A 25 -8.36 -2.35 11.10
C LEU A 25 -8.58 -1.28 12.16
N ASP A 26 -7.71 -1.26 13.17
CA ASP A 26 -7.81 -0.29 14.25
C ASP A 26 -7.96 1.13 13.70
N SER A 27 -6.93 1.60 13.01
CA SER A 27 -6.95 2.94 12.43
C SER A 27 -8.16 3.13 11.52
N ASP A 28 -8.70 4.34 11.50
CA ASP A 28 -9.86 4.65 10.68
C ASP A 28 -9.46 5.51 9.49
N THR A 29 -8.27 5.26 8.94
CA THR A 29 -7.77 6.01 7.81
C THR A 29 -7.58 5.11 6.59
N PRO A 30 -7.52 5.72 5.40
CA PRO A 30 -7.34 4.99 4.14
C PRO A 30 -5.93 4.40 4.02
N VAL A 31 -5.83 3.09 4.17
CA VAL A 31 -4.54 2.41 4.07
C VAL A 31 -4.24 2.01 2.64
N LEU A 32 -3.15 2.56 2.10
CA LEU A 32 -2.74 2.27 0.73
C LEU A 32 -1.71 1.16 0.69
N VAL A 33 -2.15 -0.06 0.39
CA VAL A 33 -1.26 -1.21 0.33
C VAL A 33 -0.91 -1.54 -1.12
N ASP A 34 0.36 -1.88 -1.34
CA ASP A 34 0.83 -2.22 -2.68
C ASP A 34 1.50 -3.59 -2.69
N PHE A 35 0.98 -4.50 -3.51
CA PHE A 35 1.52 -5.84 -3.61
C PHE A 35 2.41 -5.98 -4.86
N TRP A 36 3.69 -5.70 -4.70
CA TRP A 36 4.64 -5.80 -5.80
C TRP A 36 5.90 -6.52 -5.38
N ALA A 37 6.94 -6.46 -6.21
CA ALA A 37 8.20 -7.11 -5.92
C ALA A 37 8.76 -6.66 -4.57
N ASP A 38 10.03 -6.97 -4.33
CA ASP A 38 10.68 -6.59 -3.08
C ASP A 38 11.10 -5.12 -3.11
N TRP A 39 10.59 -4.39 -4.09
CA TRP A 39 10.91 -2.97 -4.23
C TRP A 39 12.30 -2.79 -4.82
N CYS A 40 12.36 -2.62 -6.13
CA CYS A 40 13.63 -2.43 -6.83
C CYS A 40 13.41 -2.13 -8.31
N GLY A 41 12.73 -3.05 -9.00
CA GLY A 41 12.46 -2.87 -10.40
C GLY A 41 11.29 -1.94 -10.67
N PRO A 42 10.08 -2.40 -10.34
CA PRO A 42 8.84 -1.62 -10.52
C PRO A 42 8.76 -0.45 -9.56
N CYS A 43 9.09 -0.69 -8.30
CA CYS A 43 9.05 0.36 -7.28
C CYS A 43 9.83 1.58 -7.74
N LYS A 44 10.91 1.35 -8.46
CA LYS A 44 11.75 2.44 -8.96
C LYS A 44 10.98 3.32 -9.94
N MET A 45 10.09 2.69 -10.71
CA MET A 45 9.29 3.41 -11.70
C MET A 45 8.04 4.00 -11.05
N VAL A 46 7.45 3.24 -10.14
CA VAL A 46 6.24 3.68 -9.44
C VAL A 46 6.59 4.36 -8.12
N ALA A 47 7.82 4.84 -8.01
CA ALA A 47 8.27 5.51 -6.80
C ALA A 47 7.74 6.93 -6.73
N PRO A 48 8.11 7.75 -7.73
CA PRO A 48 7.68 9.15 -7.80
C PRO A 48 6.19 9.29 -8.11
N VAL A 49 5.74 8.58 -9.14
CA VAL A 49 4.34 8.62 -9.54
C VAL A 49 3.42 8.37 -8.35
N LEU A 50 3.90 7.60 -7.39
CA LEU A 50 3.13 7.29 -6.19
C LEU A 50 3.26 8.39 -5.15
N GLU A 51 4.47 8.93 -5.01
CA GLU A 51 4.73 9.99 -4.05
C GLU A 51 3.89 11.23 -4.37
N GLU A 52 3.70 11.48 -5.66
CA GLU A 52 2.91 12.63 -6.10
C GLU A 52 1.53 12.62 -5.46
N ILE A 53 0.77 11.57 -5.74
CA ILE A 53 -0.58 11.44 -5.20
C ILE A 53 -0.58 11.64 -3.68
N ALA A 54 0.45 11.12 -3.03
CA ALA A 54 0.57 11.24 -1.58
C ALA A 54 0.82 12.69 -1.17
N ASN A 55 1.70 13.36 -1.90
CA ASN A 55 2.03 14.75 -1.60
C ASN A 55 0.80 15.64 -1.73
N GLU A 56 -0.01 15.38 -2.76
CA GLU A 56 -1.22 16.16 -2.99
C GLU A 56 -2.33 15.73 -2.04
N LYS A 57 -2.41 14.44 -1.76
CA LYS A 57 -3.41 13.91 -0.86
C LYS A 57 -3.31 14.54 0.53
N SER A 58 -2.30 14.11 1.29
CA SER A 58 -2.09 14.64 2.63
C SER A 58 -0.84 14.02 3.25
N GLY A 59 -0.51 14.47 4.47
CA GLY A 59 0.65 13.96 5.16
C GLY A 59 0.28 13.16 6.40
N THR A 60 -0.84 12.46 6.34
CA THR A 60 -1.30 11.66 7.47
C THR A 60 -1.47 10.20 7.07
N LEU A 61 -1.98 9.98 5.85
CA LEU A 61 -2.18 8.62 5.36
C LEU A 61 -0.92 7.78 5.51
N LYS A 62 -1.06 6.48 5.29
CA LYS A 62 0.07 5.56 5.40
C LYS A 62 0.19 4.69 4.16
N VAL A 63 1.43 4.43 3.74
CA VAL A 63 1.68 3.61 2.56
C VAL A 63 2.37 2.31 2.94
N ALA A 64 1.66 1.19 2.77
CA ALA A 64 2.21 -0.12 3.09
C ALA A 64 2.57 -0.89 1.82
N LYS A 65 3.62 -1.70 1.91
CA LYS A 65 4.07 -2.50 0.77
C LYS A 65 4.47 -3.91 1.21
N LEU A 66 4.43 -4.84 0.28
CA LEU A 66 4.79 -6.22 0.56
C LEU A 66 5.50 -6.87 -0.63
N ASP A 67 6.56 -7.62 -0.35
CA ASP A 67 7.32 -8.29 -1.39
C ASP A 67 6.64 -9.59 -1.81
N VAL A 68 6.04 -9.58 -2.99
CA VAL A 68 5.35 -10.76 -3.51
C VAL A 68 6.28 -11.97 -3.55
N ASP A 69 7.54 -11.73 -3.92
CA ASP A 69 8.53 -12.79 -3.99
C ASP A 69 8.61 -13.55 -2.67
N ALA A 70 8.45 -12.83 -1.56
CA ALA A 70 8.51 -13.44 -0.25
C ALA A 70 7.12 -13.89 0.21
N ASN A 71 6.10 -13.10 -0.15
CA ASN A 71 4.73 -13.41 0.22
C ASN A 71 3.87 -13.67 -1.02
N PRO A 72 4.15 -14.77 -1.72
CA PRO A 72 3.42 -15.15 -2.94
C PRO A 72 1.99 -15.58 -2.63
N GLU A 73 1.80 -16.21 -1.47
CA GLU A 73 0.48 -16.68 -1.07
C GLU A 73 -0.49 -15.51 -0.91
N ALA A 74 0.02 -14.39 -0.42
CA ALA A 74 -0.80 -13.20 -0.22
C ALA A 74 -1.31 -12.66 -1.55
N ALA A 75 -0.49 -12.78 -2.59
CA ALA A 75 -0.86 -12.31 -3.92
C ALA A 75 -2.14 -12.99 -4.41
N ARG A 76 -2.04 -14.29 -4.66
CA ARG A 76 -3.19 -15.07 -5.13
C ARG A 76 -4.38 -14.89 -4.21
N ASP A 77 -4.12 -14.83 -2.91
CA ASP A 77 -5.18 -14.66 -1.93
C ASP A 77 -6.06 -13.47 -2.28
N PHE A 78 -5.45 -12.42 -2.78
CA PHE A 78 -6.18 -11.21 -3.16
C PHE A 78 -6.21 -11.03 -4.68
N GLN A 79 -6.18 -12.16 -5.39
CA GLN A 79 -6.20 -12.13 -6.85
C GLN A 79 -5.16 -11.16 -7.39
N VAL A 80 -3.92 -11.62 -7.48
CA VAL A 80 -2.83 -10.79 -7.98
C VAL A 80 -2.07 -11.48 -9.11
N VAL A 81 -2.34 -11.06 -10.34
CA VAL A 81 -1.70 -11.66 -11.50
C VAL A 81 -0.52 -10.80 -11.96
N SER A 82 -0.66 -9.48 -11.82
CA SER A 82 0.40 -8.55 -12.23
C SER A 82 1.25 -8.15 -11.03
N ILE A 83 2.50 -7.81 -11.30
CA ILE A 83 3.42 -7.40 -10.25
C ILE A 83 3.00 -6.07 -9.63
N PRO A 84 2.90 -5.03 -10.48
CA PRO A 84 2.50 -3.69 -10.05
C PRO A 84 1.03 -3.63 -9.64
N THR A 85 0.71 -4.25 -8.51
CA THR A 85 -0.66 -4.26 -8.00
C THR A 85 -0.79 -3.42 -6.74
N MET A 86 -1.96 -2.82 -6.56
CA MET A 86 -2.22 -1.99 -5.38
C MET A 86 -3.67 -2.06 -4.97
N ILE A 87 -3.92 -1.95 -3.67
CA ILE A 87 -5.29 -2.01 -3.14
C ILE A 87 -5.53 -0.89 -2.14
N LEU A 88 -6.44 0.01 -2.48
CA LEU A 88 -6.77 1.13 -1.61
C LEU A 88 -7.76 0.71 -0.53
N PHE A 89 -7.24 0.49 0.68
CA PHE A 89 -8.09 0.08 1.80
C PHE A 89 -8.60 1.29 2.56
N LYS A 90 -9.54 1.05 3.47
CA LYS A 90 -10.12 2.12 4.28
C LYS A 90 -10.87 1.55 5.48
N GLY A 91 -10.19 1.53 6.62
CA GLY A 91 -10.81 1.02 7.84
C GLY A 91 -10.77 -0.51 7.90
N GLY A 92 -9.69 -1.10 7.40
CA GLY A 92 -9.57 -2.54 7.41
C GLY A 92 -10.51 -3.21 6.43
N THR A 93 -10.64 -2.63 5.25
CA THR A 93 -11.52 -3.17 4.22
C THR A 93 -11.15 -2.63 2.83
N PRO A 94 -11.07 -3.54 1.85
CA PRO A 94 -10.73 -3.16 0.47
C PRO A 94 -11.84 -2.38 -0.22
N VAL A 95 -11.82 -1.07 -0.05
CA VAL A 95 -12.83 -0.20 -0.65
C VAL A 95 -12.54 0.02 -2.13
N LYS A 96 -11.27 0.10 -2.47
CA LYS A 96 -10.85 0.31 -3.86
C LYS A 96 -9.62 -0.52 -4.20
N ARG A 97 -9.35 -0.69 -5.49
CA ARG A 97 -8.20 -1.45 -5.94
C ARG A 97 -7.69 -0.93 -7.28
N ILE A 98 -6.37 -0.76 -7.38
CA ILE A 98 -5.76 -0.27 -8.61
C ILE A 98 -4.49 -1.04 -8.94
N VAL A 99 -4.34 -1.40 -10.20
CA VAL A 99 -3.17 -2.15 -10.66
C VAL A 99 -2.63 -1.59 -11.96
N GLY A 100 -1.31 -1.52 -12.06
CA GLY A 100 -0.67 -1.00 -13.26
C GLY A 100 0.35 0.07 -12.95
N ALA A 101 1.52 -0.03 -13.59
CA ALA A 101 2.58 0.94 -13.39
C ALA A 101 2.45 2.12 -14.34
N LYS A 102 1.67 3.12 -13.94
CA LYS A 102 1.46 4.30 -14.75
C LYS A 102 1.81 5.57 -13.97
N GLY A 103 1.81 6.70 -14.67
CA GLY A 103 2.12 7.96 -14.03
C GLY A 103 1.17 8.31 -12.90
N LYS A 104 1.49 9.35 -12.15
CA LYS A 104 0.66 9.79 -11.03
C LYS A 104 -0.74 10.12 -11.52
N ALA A 105 -0.83 10.83 -12.64
CA ALA A 105 -2.11 11.22 -13.21
C ALA A 105 -3.00 10.00 -13.44
N ALA A 106 -2.59 9.13 -14.34
CA ALA A 106 -3.34 7.92 -14.64
C ALA A 106 -3.63 7.12 -13.37
N LEU A 107 -2.59 6.76 -12.66
CA LEU A 107 -2.73 5.98 -11.42
C LEU A 107 -3.77 6.63 -10.50
N LEU A 108 -3.80 7.95 -10.50
CA LEU A 108 -4.74 8.69 -9.66
C LEU A 108 -6.17 8.52 -10.17
N ARG A 109 -6.32 8.50 -11.50
CA ARG A 109 -7.62 8.35 -12.12
C ARG A 109 -8.21 6.97 -11.83
N GLU A 110 -7.36 5.94 -11.90
CA GLU A 110 -7.79 4.57 -11.65
C GLU A 110 -8.52 4.47 -10.32
N ILE A 111 -8.22 5.39 -9.40
CA ILE A 111 -8.84 5.41 -8.09
C ILE A 111 -10.18 6.15 -8.13
N GLU A 112 -10.12 7.45 -8.33
CA GLU A 112 -11.32 8.28 -8.39
C GLU A 112 -12.32 7.70 -9.39
N ASP A 113 -11.84 7.39 -10.59
CA ASP A 113 -12.70 6.83 -11.63
C ASP A 113 -13.36 5.54 -11.15
N ALA A 114 -12.64 4.77 -10.35
CA ALA A 114 -13.15 3.51 -9.82
C ALA A 114 -14.13 3.75 -8.68
N LEU A 115 -13.87 4.78 -7.89
CA LEU A 115 -14.74 5.13 -6.76
C LEU A 115 -16.19 5.28 -7.22
N MET A 1 15.72 -0.07 32.65
CA MET A 1 15.64 -0.09 31.20
C MET A 1 14.19 -0.24 30.73
N ALA A 2 13.93 0.16 29.49
CA ALA A 2 12.59 0.08 28.93
C ALA A 2 12.64 -0.39 27.48
N HIS A 3 11.45 -0.64 26.91
CA HIS A 3 11.36 -1.09 25.52
C HIS A 3 12.18 -0.19 24.60
N HIS A 4 11.95 1.11 24.69
CA HIS A 4 12.68 2.07 23.86
C HIS A 4 12.64 1.65 22.39
N HIS A 5 11.52 1.06 21.98
CA HIS A 5 11.36 0.62 20.60
C HIS A 5 11.56 1.78 19.63
N HIS A 6 11.69 1.45 18.34
CA HIS A 6 11.88 2.47 17.31
C HIS A 6 10.76 2.43 16.30
N HIS A 7 9.57 2.04 16.74
CA HIS A 7 8.40 1.96 15.86
C HIS A 7 7.96 3.34 15.42
N HIS A 8 8.07 4.31 16.32
CA HIS A 8 7.69 5.68 16.02
C HIS A 8 8.47 6.22 14.82
N MET A 9 9.77 5.93 14.78
CA MET A 9 10.63 6.39 13.70
C MET A 9 10.29 5.66 12.40
N SER A 10 9.94 4.38 12.53
CA SER A 10 9.60 3.57 11.35
C SER A 10 8.27 4.01 10.76
N GLY A 11 8.30 4.43 9.50
CA GLY A 11 7.09 4.88 8.84
C GLY A 11 6.42 3.76 8.04
N THR A 12 6.77 3.63 6.78
CA THR A 12 6.20 2.61 5.92
C THR A 12 6.64 1.21 6.36
N VAL A 13 5.68 0.39 6.74
CA VAL A 13 5.96 -0.97 7.18
C VAL A 13 4.86 -1.94 6.75
N THR A 14 5.23 -3.19 6.53
CA THR A 14 4.27 -4.21 6.11
C THR A 14 3.36 -4.61 7.27
N VAL A 15 2.05 -4.63 7.01
CA VAL A 15 1.07 -4.99 8.03
C VAL A 15 0.76 -6.48 7.98
N THR A 16 1.00 -7.17 9.09
CA THR A 16 0.74 -8.61 9.17
C THR A 16 -0.72 -8.91 8.91
N ASP A 17 -1.03 -10.17 8.63
CA ASP A 17 -2.39 -10.60 8.36
C ASP A 17 -3.25 -10.48 9.62
N SER A 18 -2.67 -10.85 10.76
CA SER A 18 -3.37 -10.79 12.03
C SER A 18 -3.48 -9.35 12.54
N THR A 19 -2.34 -8.70 12.70
CA THR A 19 -2.30 -7.32 13.17
C THR A 19 -3.14 -6.42 12.28
N PHE A 20 -3.33 -6.83 11.03
CA PHE A 20 -4.12 -6.05 10.08
C PHE A 20 -5.48 -5.69 10.67
N LYS A 21 -6.00 -6.56 11.53
CA LYS A 21 -7.29 -6.33 12.16
C LYS A 21 -7.20 -5.20 13.19
N THR A 22 -6.05 -5.09 13.84
CA THR A 22 -5.83 -4.06 14.86
C THR A 22 -5.21 -2.82 14.23
N ASP A 23 -4.63 -2.98 13.05
CA ASP A 23 -3.99 -1.87 12.36
C ASP A 23 -4.97 -1.19 11.39
N VAL A 24 -5.28 -1.88 10.30
CA VAL A 24 -6.20 -1.35 9.29
C VAL A 24 -7.63 -1.30 9.83
N LEU A 25 -8.23 -2.49 9.99
CA LEU A 25 -9.59 -2.58 10.49
C LEU A 25 -9.83 -1.58 11.62
N ASP A 26 -9.05 -1.72 12.70
CA ASP A 26 -9.17 -0.83 13.84
C ASP A 26 -9.14 0.63 13.41
N SER A 27 -8.08 1.01 12.71
CA SER A 27 -7.92 2.38 12.23
C SER A 27 -9.17 2.84 11.47
N ASP A 28 -9.36 4.15 11.38
CA ASP A 28 -10.50 4.71 10.68
C ASP A 28 -10.04 5.58 9.51
N THR A 29 -8.96 5.17 8.86
CA THR A 29 -8.42 5.91 7.72
C THR A 29 -8.13 4.99 6.55
N PRO A 30 -8.04 5.57 5.35
CA PRO A 30 -7.75 4.81 4.12
C PRO A 30 -6.32 4.28 4.08
N VAL A 31 -6.18 2.97 3.96
CA VAL A 31 -4.87 2.33 3.91
C VAL A 31 -4.48 1.99 2.48
N LEU A 32 -3.34 2.51 2.04
CA LEU A 32 -2.85 2.25 0.69
C LEU A 32 -1.87 1.09 0.67
N VAL A 33 -2.37 -0.09 0.28
CA VAL A 33 -1.53 -1.28 0.22
C VAL A 33 -1.08 -1.56 -1.21
N ASP A 34 0.16 -2.03 -1.36
CA ASP A 34 0.70 -2.35 -2.67
C ASP A 34 1.44 -3.68 -2.64
N PHE A 35 0.98 -4.62 -3.46
CA PHE A 35 1.59 -5.95 -3.53
C PHE A 35 2.52 -6.05 -4.74
N TRP A 36 3.80 -5.77 -4.51
CA TRP A 36 4.79 -5.84 -5.59
C TRP A 36 6.07 -6.51 -5.10
N ALA A 37 7.13 -6.39 -5.91
CA ALA A 37 8.40 -7.00 -5.56
C ALA A 37 8.89 -6.50 -4.20
N ASP A 38 10.18 -6.73 -3.93
CA ASP A 38 10.77 -6.30 -2.66
C ASP A 38 11.07 -4.80 -2.68
N TRP A 39 10.54 -4.11 -3.68
CA TRP A 39 10.76 -2.67 -3.81
C TRP A 39 12.14 -2.39 -4.38
N CYS A 40 12.22 -2.25 -5.70
CA CYS A 40 13.49 -1.97 -6.36
C CYS A 40 13.28 -1.76 -7.85
N GLY A 41 12.64 -2.72 -8.50
CA GLY A 41 12.39 -2.64 -9.93
C GLY A 41 11.20 -1.75 -10.25
N PRO A 42 9.99 -2.24 -9.93
CA PRO A 42 8.75 -1.52 -10.19
C PRO A 42 8.59 -0.29 -9.28
N CYS A 43 9.12 -0.40 -8.07
CA CYS A 43 9.03 0.68 -7.10
C CYS A 43 9.72 1.94 -7.64
N LYS A 44 10.78 1.74 -8.42
CA LYS A 44 11.51 2.86 -9.01
C LYS A 44 10.63 3.66 -9.96
N MET A 45 9.67 2.98 -10.57
CA MET A 45 8.76 3.62 -11.51
C MET A 45 7.56 4.23 -10.77
N VAL A 46 7.04 3.50 -9.80
CA VAL A 46 5.89 3.96 -9.02
C VAL A 46 6.35 4.66 -7.74
N ALA A 47 7.59 5.14 -7.75
CA ALA A 47 8.14 5.83 -6.59
C ALA A 47 7.61 7.25 -6.49
N PRO A 48 7.89 8.07 -7.51
CA PRO A 48 7.44 9.46 -7.57
C PRO A 48 5.94 9.58 -7.76
N VAL A 49 5.40 8.87 -8.74
CA VAL A 49 3.97 8.89 -9.02
C VAL A 49 3.16 8.64 -7.76
N LEU A 50 3.73 7.86 -6.85
CA LEU A 50 3.06 7.53 -5.59
C LEU A 50 3.25 8.64 -4.57
N GLU A 51 4.44 9.24 -4.57
CA GLU A 51 4.75 10.32 -3.64
C GLU A 51 3.78 11.48 -3.81
N GLU A 52 3.36 11.73 -5.05
CA GLU A 52 2.43 12.81 -5.35
C GLU A 52 1.10 12.60 -4.64
N ILE A 53 0.37 11.57 -5.06
CA ILE A 53 -0.92 11.26 -4.46
C ILE A 53 -0.82 11.16 -2.95
N ALA A 54 0.29 10.62 -2.46
CA ALA A 54 0.52 10.48 -1.03
C ALA A 54 0.67 11.84 -0.36
N ASN A 55 1.40 12.74 -1.02
CA ASN A 55 1.61 14.08 -0.49
C ASN A 55 0.31 14.85 -0.40
N GLU A 56 -0.47 14.82 -1.48
CA GLU A 56 -1.74 15.52 -1.53
C GLU A 56 -2.77 14.85 -0.61
N LYS A 57 -2.73 13.52 -0.55
CA LYS A 57 -3.64 12.77 0.28
C LYS A 57 -3.57 13.23 1.73
N SER A 58 -2.42 12.99 2.37
CA SER A 58 -2.23 13.38 3.76
C SER A 58 -0.74 13.60 4.05
N GLY A 59 -0.46 14.08 5.26
CA GLY A 59 0.93 14.32 5.65
C GLY A 59 1.68 13.04 5.93
N THR A 60 1.02 12.11 6.62
CA THR A 60 1.64 10.83 6.95
C THR A 60 0.60 9.72 7.02
N LEU A 61 -0.17 9.56 5.95
CA LEU A 61 -1.19 8.53 5.89
C LEU A 61 -0.59 7.15 6.09
N LYS A 62 -1.43 6.12 5.98
CA LYS A 62 -0.99 4.75 6.14
C LYS A 62 -0.43 4.19 4.83
N VAL A 63 0.81 3.71 4.87
CA VAL A 63 1.46 3.15 3.69
C VAL A 63 2.10 1.80 4.00
N ALA A 64 1.46 0.73 3.53
CA ALA A 64 1.95 -0.62 3.76
C ALA A 64 2.29 -1.30 2.43
N LYS A 65 3.40 -2.03 2.42
CA LYS A 65 3.84 -2.74 1.21
C LYS A 65 4.27 -4.16 1.55
N LEU A 66 4.28 -5.03 0.54
CA LEU A 66 4.68 -6.42 0.73
C LEU A 66 5.52 -6.91 -0.44
N ASP A 67 6.52 -7.73 -0.16
CA ASP A 67 7.39 -8.27 -1.19
C ASP A 67 6.87 -9.61 -1.68
N VAL A 68 6.32 -9.62 -2.90
CA VAL A 68 5.79 -10.84 -3.49
C VAL A 68 6.85 -11.93 -3.57
N ASP A 69 8.09 -11.52 -3.84
CA ASP A 69 9.20 -12.46 -3.93
C ASP A 69 9.26 -13.35 -2.70
N ALA A 70 8.94 -12.78 -1.55
CA ALA A 70 8.96 -13.53 -0.29
C ALA A 70 7.57 -14.03 0.07
N ASN A 71 6.56 -13.23 -0.25
CA ASN A 71 5.18 -13.58 0.05
C ASN A 71 4.37 -13.76 -1.23
N PRO A 72 4.62 -14.87 -1.94
CA PRO A 72 3.93 -15.18 -3.19
C PRO A 72 2.47 -15.53 -2.98
N GLU A 73 2.17 -16.12 -1.82
CA GLU A 73 0.80 -16.50 -1.49
C GLU A 73 -0.10 -15.27 -1.37
N ALA A 74 0.45 -14.22 -0.78
CA ALA A 74 -0.30 -12.97 -0.60
C ALA A 74 -0.88 -12.48 -1.92
N ALA A 75 -0.02 -12.43 -2.95
CA ALA A 75 -0.44 -11.97 -4.26
C ALA A 75 -1.66 -12.74 -4.75
N ARG A 76 -1.49 -14.04 -4.95
CA ARG A 76 -2.57 -14.90 -5.42
C ARG A 76 -3.82 -14.71 -4.56
N ASP A 77 -3.61 -14.46 -3.27
CA ASP A 77 -4.72 -14.27 -2.35
C ASP A 77 -5.69 -13.21 -2.88
N PHE A 78 -5.15 -12.15 -3.45
CA PHE A 78 -5.96 -11.07 -4.00
C PHE A 78 -5.97 -11.12 -5.53
N GLN A 79 -5.80 -12.31 -6.08
CA GLN A 79 -5.80 -12.50 -7.53
C GLN A 79 -4.83 -11.52 -8.19
N VAL A 80 -3.59 -11.50 -7.71
CA VAL A 80 -2.58 -10.61 -8.26
C VAL A 80 -1.84 -11.26 -9.42
N VAL A 81 -2.08 -10.78 -10.63
CA VAL A 81 -1.44 -11.32 -11.82
C VAL A 81 -0.22 -10.49 -12.21
N SER A 82 -0.30 -9.18 -12.00
CA SER A 82 0.79 -8.28 -12.33
C SER A 82 1.54 -7.86 -11.07
N ILE A 83 2.85 -7.67 -11.20
CA ILE A 83 3.68 -7.26 -10.08
C ILE A 83 3.17 -5.95 -9.46
N PRO A 84 3.09 -4.90 -10.29
CA PRO A 84 2.61 -3.58 -9.86
C PRO A 84 1.13 -3.58 -9.54
N THR A 85 0.76 -4.10 -8.37
CA THR A 85 -0.63 -4.14 -7.96
C THR A 85 -0.86 -3.30 -6.71
N MET A 86 -1.60 -2.21 -6.87
CA MET A 86 -1.91 -1.31 -5.76
C MET A 86 -3.39 -1.34 -5.43
N ILE A 87 -3.71 -1.67 -4.17
CA ILE A 87 -5.10 -1.73 -3.74
C ILE A 87 -5.38 -0.67 -2.67
N LEU A 88 -6.34 0.19 -2.93
CA LEU A 88 -6.72 1.25 -1.99
C LEU A 88 -7.77 0.75 -1.01
N PHE A 89 -7.35 0.51 0.22
CA PHE A 89 -8.26 0.03 1.26
C PHE A 89 -8.88 1.20 2.01
N LYS A 90 -9.88 0.90 2.85
CA LYS A 90 -10.55 1.92 3.62
C LYS A 90 -11.45 1.29 4.70
N GLY A 91 -10.91 1.16 5.91
CA GLY A 91 -11.66 0.57 6.99
C GLY A 91 -11.57 -0.95 7.01
N GLY A 92 -10.40 -1.47 6.65
CA GLY A 92 -10.22 -2.91 6.63
C GLY A 92 -10.98 -3.58 5.50
N THR A 93 -11.03 -2.92 4.35
CA THR A 93 -11.74 -3.46 3.20
C THR A 93 -11.28 -2.79 1.90
N PRO A 94 -11.01 -3.60 0.87
CA PRO A 94 -10.57 -3.11 -0.43
C PRO A 94 -11.66 -2.35 -1.17
N VAL A 95 -11.82 -1.08 -0.84
CA VAL A 95 -12.83 -0.24 -1.47
C VAL A 95 -12.53 -0.05 -2.96
N LYS A 96 -11.24 0.02 -3.29
CA LYS A 96 -10.82 0.20 -4.68
C LYS A 96 -9.58 -0.63 -4.98
N ARG A 97 -9.22 -0.70 -6.26
CA ARG A 97 -8.05 -1.47 -6.67
C ARG A 97 -7.55 -0.99 -8.03
N ILE A 98 -6.27 -0.63 -8.09
CA ILE A 98 -5.67 -0.16 -9.34
C ILE A 98 -4.32 -0.83 -9.58
N VAL A 99 -4.17 -1.45 -10.75
CA VAL A 99 -2.93 -2.11 -11.11
C VAL A 99 -2.48 -1.73 -12.52
N GLY A 100 -1.17 -1.76 -12.74
CA GLY A 100 -0.64 -1.41 -14.04
C GLY A 100 0.64 -0.61 -13.95
N ALA A 101 0.78 0.16 -12.88
CA ALA A 101 1.97 0.98 -12.67
C ALA A 101 2.11 2.04 -13.78
N LYS A 102 1.27 3.06 -13.71
CA LYS A 102 1.29 4.14 -14.70
C LYS A 102 1.66 5.47 -14.05
N GLY A 103 1.66 6.53 -14.84
CA GLY A 103 1.99 7.84 -14.32
C GLY A 103 1.06 8.29 -13.21
N LYS A 104 1.45 9.33 -12.50
CA LYS A 104 0.63 9.86 -11.40
C LYS A 104 -0.77 10.19 -11.88
N ALA A 105 -0.86 10.88 -13.01
CA ALA A 105 -2.15 11.26 -13.58
C ALA A 105 -3.03 10.04 -13.82
N ALA A 106 -2.57 9.15 -14.69
CA ALA A 106 -3.31 7.94 -15.01
C ALA A 106 -3.62 7.14 -13.75
N LEU A 107 -2.58 6.78 -13.01
CA LEU A 107 -2.74 6.02 -11.78
C LEU A 107 -3.78 6.66 -10.87
N LEU A 108 -3.73 7.98 -10.77
CA LEU A 108 -4.67 8.72 -9.93
C LEU A 108 -6.10 8.57 -10.45
N ARG A 109 -6.32 8.97 -11.69
CA ARG A 109 -7.64 8.88 -12.30
C ARG A 109 -8.19 7.46 -12.19
N GLU A 110 -7.30 6.48 -12.37
CA GLU A 110 -7.70 5.08 -12.29
C GLU A 110 -8.48 4.80 -11.02
N ILE A 111 -8.21 5.59 -9.99
CA ILE A 111 -8.89 5.43 -8.71
C ILE A 111 -10.25 6.12 -8.70
N GLU A 112 -10.23 7.45 -8.76
CA GLU A 112 -11.46 8.23 -8.77
C GLU A 112 -12.41 7.73 -9.86
N ASP A 113 -11.88 7.56 -11.06
CA ASP A 113 -12.68 7.09 -12.19
C ASP A 113 -13.32 5.74 -11.88
N ALA A 114 -12.60 4.91 -11.13
CA ALA A 114 -13.10 3.59 -10.76
C ALA A 114 -14.15 3.70 -9.66
N LEU A 115 -13.95 4.64 -8.74
CA LEU A 115 -14.88 4.85 -7.63
C LEU A 115 -16.31 5.05 -8.14
N MET A 1 6.43 -11.20 23.75
CA MET A 1 7.40 -10.18 24.14
C MET A 1 7.40 -9.03 23.15
N ALA A 2 7.63 -7.82 23.66
CA ALA A 2 7.66 -6.63 22.82
C ALA A 2 9.03 -5.97 22.84
N HIS A 3 9.87 -6.33 21.87
CA HIS A 3 11.22 -5.78 21.78
C HIS A 3 11.26 -4.63 20.76
N HIS A 4 10.65 -4.84 19.61
CA HIS A 4 10.62 -3.83 18.56
C HIS A 4 9.77 -2.63 18.98
N HIS A 5 10.31 -1.44 18.78
CA HIS A 5 9.60 -0.21 19.15
C HIS A 5 8.91 0.40 17.93
N HIS A 6 8.06 1.39 18.17
CA HIS A 6 7.35 2.06 17.09
C HIS A 6 7.69 3.55 17.05
N HIS A 7 8.92 3.88 17.44
CA HIS A 7 9.38 5.27 17.45
C HIS A 7 9.67 5.74 16.03
N HIS A 8 10.19 4.85 15.20
CA HIS A 8 10.51 5.18 13.82
C HIS A 8 9.38 4.77 12.89
N MET A 9 8.23 4.42 13.47
CA MET A 9 7.07 4.01 12.68
C MET A 9 6.72 5.07 11.64
N SER A 10 6.89 6.34 12.01
CA SER A 10 6.58 7.44 11.11
C SER A 10 7.29 7.26 9.77
N GLY A 11 6.50 7.13 8.70
CA GLY A 11 7.07 6.96 7.38
C GLY A 11 6.57 5.69 6.70
N THR A 12 6.88 5.55 5.42
CA THR A 12 6.46 4.39 4.65
C THR A 12 7.07 3.11 5.22
N VAL A 13 6.28 2.38 6.00
CA VAL A 13 6.75 1.14 6.61
C VAL A 13 5.60 0.13 6.73
N THR A 14 5.93 -1.15 6.60
CA THR A 14 4.94 -2.21 6.70
C THR A 14 4.51 -2.42 8.14
N VAL A 15 3.28 -2.91 8.33
CA VAL A 15 2.75 -3.16 9.67
C VAL A 15 2.56 -4.65 9.90
N THR A 16 2.73 -5.07 11.15
CA THR A 16 2.58 -6.48 11.51
C THR A 16 1.17 -6.97 11.20
N ASP A 17 1.03 -8.28 11.07
CA ASP A 17 -0.27 -8.89 10.77
C ASP A 17 -1.17 -8.88 12.01
N SER A 18 -0.64 -9.36 13.12
CA SER A 18 -1.39 -9.42 14.37
C SER A 18 -1.85 -8.02 14.78
N THR A 19 -1.01 -7.02 14.52
CA THR A 19 -1.34 -5.65 14.88
C THR A 19 -2.15 -4.99 13.77
N PHE A 20 -2.13 -5.57 12.58
CA PHE A 20 -2.86 -5.02 11.45
C PHE A 20 -4.32 -4.76 11.83
N LYS A 21 -4.84 -5.58 12.74
CA LYS A 21 -6.23 -5.43 13.19
C LYS A 21 -6.39 -4.18 14.06
N THR A 22 -5.34 -3.86 14.81
CA THR A 22 -5.37 -2.69 15.68
C THR A 22 -4.83 -1.46 14.97
N ASP A 23 -4.15 -1.68 13.85
CA ASP A 23 -3.59 -0.58 13.07
C ASP A 23 -4.55 -0.15 11.97
N VAL A 24 -4.71 -1.00 10.96
CA VAL A 24 -5.61 -0.70 9.84
C VAL A 24 -7.06 -0.78 10.28
N LEU A 25 -7.53 -1.99 10.54
CA LEU A 25 -8.91 -2.20 10.96
C LEU A 25 -9.36 -1.12 11.94
N ASP A 26 -8.65 -1.04 13.07
CA ASP A 26 -8.97 -0.05 14.09
C ASP A 26 -9.09 1.34 13.48
N SER A 27 -8.00 1.81 12.86
CA SER A 27 -7.98 3.12 12.23
C SER A 27 -9.17 3.30 11.29
N ASP A 28 -9.63 4.54 11.17
CA ASP A 28 -10.76 4.85 10.31
C ASP A 28 -10.32 5.68 9.10
N THR A 29 -9.11 5.41 8.61
CA THR A 29 -8.56 6.13 7.47
C THR A 29 -8.20 5.18 6.34
N PRO A 30 -8.07 5.73 5.12
CA PRO A 30 -7.72 4.95 3.93
C PRO A 30 -6.28 4.46 3.97
N VAL A 31 -6.09 3.15 3.84
CA VAL A 31 -4.76 2.56 3.85
C VAL A 31 -4.31 2.19 2.45
N LEU A 32 -3.17 2.74 2.03
CA LEU A 32 -2.63 2.46 0.70
C LEU A 32 -1.63 1.31 0.75
N VAL A 33 -2.08 0.13 0.37
CA VAL A 33 -1.21 -1.05 0.38
C VAL A 33 -0.69 -1.35 -1.03
N ASP A 34 0.54 -1.84 -1.10
CA ASP A 34 1.15 -2.17 -2.39
C ASP A 34 1.79 -3.56 -2.34
N PHE A 35 1.31 -4.46 -3.18
CA PHE A 35 1.84 -5.82 -3.24
C PHE A 35 2.74 -6.01 -4.45
N TRP A 36 4.04 -5.89 -4.22
CA TRP A 36 5.02 -6.04 -5.30
C TRP A 36 6.32 -6.63 -4.76
N ALA A 37 7.36 -6.58 -5.59
CA ALA A 37 8.67 -7.11 -5.20
C ALA A 37 9.16 -6.46 -3.91
N ASP A 38 10.44 -6.64 -3.61
CA ASP A 38 11.04 -6.09 -2.41
C ASP A 38 11.33 -4.60 -2.60
N TRP A 39 10.79 -4.02 -3.66
CA TRP A 39 11.01 -2.61 -3.96
C TRP A 39 12.39 -2.37 -4.56
N CYS A 40 12.47 -2.36 -5.88
CA CYS A 40 13.73 -2.16 -6.57
C CYS A 40 13.50 -1.89 -8.06
N GLY A 41 12.78 -2.79 -8.72
CA GLY A 41 12.50 -2.63 -10.13
C GLY A 41 11.37 -1.66 -10.39
N PRO A 42 10.14 -2.07 -10.04
CA PRO A 42 8.94 -1.24 -10.22
C PRO A 42 8.92 -0.03 -9.29
N CYS A 43 9.47 -0.21 -8.10
CA CYS A 43 9.51 0.87 -7.11
C CYS A 43 10.10 2.14 -7.71
N LYS A 44 11.06 1.97 -8.61
CA LYS A 44 11.71 3.10 -9.26
C LYS A 44 10.71 3.87 -10.13
N MET A 45 9.78 3.15 -10.73
CA MET A 45 8.77 3.76 -11.59
C MET A 45 7.60 4.28 -10.76
N VAL A 46 7.22 3.52 -9.73
CA VAL A 46 6.13 3.91 -8.86
C VAL A 46 6.63 4.65 -7.63
N ALA A 47 7.83 5.22 -7.74
CA ALA A 47 8.43 5.96 -6.64
C ALA A 47 7.80 7.34 -6.50
N PRO A 48 7.93 8.16 -7.56
CA PRO A 48 7.38 9.52 -7.59
C PRO A 48 5.86 9.53 -7.65
N VAL A 49 5.30 8.76 -8.57
CA VAL A 49 3.85 8.68 -8.73
C VAL A 49 3.17 8.40 -7.39
N LEU A 50 3.87 7.68 -6.52
CA LEU A 50 3.34 7.33 -5.20
C LEU A 50 3.24 8.58 -4.32
N GLU A 51 4.23 9.45 -4.43
CA GLU A 51 4.25 10.68 -3.63
C GLU A 51 3.20 11.67 -4.13
N GLU A 52 2.98 11.68 -5.44
CA GLU A 52 2.00 12.58 -6.04
C GLU A 52 0.64 12.47 -5.33
N ILE A 53 0.02 11.30 -5.46
CA ILE A 53 -1.28 11.06 -4.83
C ILE A 53 -1.25 11.41 -3.35
N ALA A 54 -0.09 11.20 -2.72
CA ALA A 54 0.08 11.50 -1.31
C ALA A 54 -0.10 13.00 -1.04
N ASN A 55 0.63 13.82 -1.78
CA ASN A 55 0.56 15.26 -1.62
C ASN A 55 -0.83 15.78 -1.98
N GLU A 56 -1.45 15.15 -2.98
CA GLU A 56 -2.78 15.56 -3.41
C GLU A 56 -3.83 15.25 -2.35
N LYS A 57 -3.62 14.13 -1.64
CA LYS A 57 -4.55 13.71 -0.59
C LYS A 57 -4.45 14.64 0.61
N SER A 58 -3.33 14.57 1.32
CA SER A 58 -3.12 15.41 2.50
C SER A 58 -4.13 15.08 3.58
N GLY A 59 -4.43 13.79 3.75
CA GLY A 59 -5.39 13.38 4.75
C GLY A 59 -4.80 12.39 5.75
N THR A 60 -3.57 12.65 6.17
CA THR A 60 -2.89 11.77 7.12
C THR A 60 -3.04 10.31 6.72
N LEU A 61 -2.76 10.02 5.45
CA LEU A 61 -2.87 8.65 4.94
C LEU A 61 -1.56 7.90 5.16
N LYS A 62 -1.67 6.62 5.49
CA LYS A 62 -0.51 5.78 5.72
C LYS A 62 -0.14 4.99 4.46
N VAL A 63 1.15 4.72 4.30
CA VAL A 63 1.63 3.97 3.14
C VAL A 63 2.47 2.77 3.57
N ALA A 64 1.91 1.57 3.43
CA ALA A 64 2.61 0.35 3.79
C ALA A 64 2.80 -0.55 2.58
N LYS A 65 4.05 -0.96 2.34
CA LYS A 65 4.36 -1.82 1.21
C LYS A 65 4.77 -3.21 1.69
N LEU A 66 4.67 -4.20 0.81
CA LEU A 66 5.02 -5.57 1.14
C LEU A 66 5.82 -6.21 0.01
N ASP A 67 6.75 -7.09 0.38
CA ASP A 67 7.59 -7.78 -0.60
C ASP A 67 7.03 -9.17 -0.89
N VAL A 68 6.68 -9.40 -2.15
CA VAL A 68 6.14 -10.70 -2.57
C VAL A 68 7.15 -11.82 -2.33
N ASP A 69 8.43 -11.50 -2.51
CA ASP A 69 9.49 -12.48 -2.32
C ASP A 69 9.38 -13.15 -0.96
N ALA A 70 8.95 -12.37 0.04
CA ALA A 70 8.78 -12.89 1.40
C ALA A 70 7.34 -13.31 1.66
N ASN A 71 6.40 -12.57 1.08
CA ASN A 71 4.98 -12.86 1.26
C ASN A 71 4.33 -13.19 -0.08
N PRO A 72 4.70 -14.34 -0.66
CA PRO A 72 4.17 -14.80 -1.94
C PRO A 72 2.70 -15.22 -1.84
N GLU A 73 2.34 -15.78 -0.69
CA GLU A 73 0.97 -16.22 -0.46
C GLU A 73 0.01 -15.03 -0.39
N ALA A 74 0.48 -13.94 0.19
CA ALA A 74 -0.33 -12.73 0.33
C ALA A 74 -0.82 -12.25 -1.04
N ALA A 75 0.08 -12.19 -2.01
CA ALA A 75 -0.26 -11.76 -3.35
C ALA A 75 -1.38 -12.60 -3.93
N ARG A 76 -1.17 -13.91 -3.98
CA ARG A 76 -2.16 -14.83 -4.52
C ARG A 76 -3.53 -14.60 -3.87
N ASP A 77 -3.51 -14.22 -2.59
CA ASP A 77 -4.75 -13.96 -1.86
C ASP A 77 -5.56 -12.87 -2.54
N PHE A 78 -4.88 -11.89 -3.10
CA PHE A 78 -5.55 -10.78 -3.78
C PHE A 78 -5.49 -10.96 -5.30
N GLN A 79 -5.38 -12.22 -5.74
CA GLN A 79 -5.31 -12.52 -7.16
C GLN A 79 -4.25 -11.67 -7.85
N VAL A 80 -3.16 -11.41 -7.15
CA VAL A 80 -2.07 -10.61 -7.69
C VAL A 80 -1.36 -11.34 -8.83
N VAL A 81 -1.65 -10.94 -10.05
CA VAL A 81 -1.03 -11.56 -11.22
C VAL A 81 0.23 -10.81 -11.64
N SER A 82 0.22 -9.49 -11.47
CA SER A 82 1.37 -8.67 -11.83
C SER A 82 2.12 -8.20 -10.59
N ILE A 83 3.41 -7.97 -10.73
CA ILE A 83 4.24 -7.53 -9.62
C ILE A 83 3.76 -6.19 -9.07
N PRO A 84 3.71 -5.18 -9.94
CA PRO A 84 3.25 -3.83 -9.56
C PRO A 84 1.76 -3.79 -9.27
N THR A 85 1.36 -4.32 -8.12
CA THR A 85 -0.03 -4.34 -7.72
C THR A 85 -0.29 -3.38 -6.56
N MET A 86 -1.40 -2.65 -6.64
CA MET A 86 -1.76 -1.70 -5.61
C MET A 86 -3.24 -1.82 -5.23
N ILE A 87 -3.54 -1.59 -3.96
CA ILE A 87 -4.92 -1.68 -3.49
C ILE A 87 -5.20 -0.62 -2.43
N LEU A 88 -6.28 0.13 -2.63
CA LEU A 88 -6.67 1.19 -1.69
C LEU A 88 -7.69 0.67 -0.69
N PHE A 89 -7.26 0.49 0.55
CA PHE A 89 -8.14 0.01 1.61
C PHE A 89 -8.78 1.17 2.35
N LYS A 90 -9.76 0.85 3.21
CA LYS A 90 -10.45 1.88 3.99
C LYS A 90 -11.20 1.24 5.16
N GLY A 91 -10.66 1.44 6.36
CA GLY A 91 -11.28 0.89 7.55
C GLY A 91 -11.09 -0.61 7.67
N GLY A 92 -9.94 -1.09 7.21
CA GLY A 92 -9.65 -2.51 7.27
C GLY A 92 -10.45 -3.31 6.25
N THR A 93 -10.58 -2.76 5.05
CA THR A 93 -11.33 -3.43 3.99
C THR A 93 -10.95 -2.86 2.62
N PRO A 94 -10.71 -3.75 1.65
CA PRO A 94 -10.35 -3.37 0.29
C PRO A 94 -11.51 -2.72 -0.46
N VAL A 95 -11.68 -1.42 -0.28
CA VAL A 95 -12.76 -0.68 -0.93
C VAL A 95 -12.46 -0.50 -2.41
N LYS A 96 -11.20 -0.33 -2.75
CA LYS A 96 -10.79 -0.15 -4.14
C LYS A 96 -9.54 -0.97 -4.44
N ARG A 97 -9.19 -1.05 -5.72
CA ARG A 97 -8.01 -1.80 -6.15
C ARG A 97 -7.50 -1.29 -7.49
N ILE A 98 -6.19 -0.99 -7.54
CA ILE A 98 -5.57 -0.49 -8.75
C ILE A 98 -4.22 -1.14 -8.98
N VAL A 99 -4.13 -1.97 -10.03
CA VAL A 99 -2.89 -2.65 -10.36
C VAL A 99 -2.28 -2.09 -11.64
N GLY A 100 -0.97 -1.82 -11.59
CA GLY A 100 -0.29 -1.28 -12.76
C GLY A 100 0.66 -0.16 -12.40
N ALA A 101 1.85 -0.17 -13.00
CA ALA A 101 2.85 0.86 -12.76
C ALA A 101 2.76 1.98 -13.79
N LYS A 102 1.85 2.92 -13.55
CA LYS A 102 1.66 4.04 -14.47
C LYS A 102 1.91 5.37 -13.75
N GLY A 103 1.90 6.45 -14.51
CA GLY A 103 2.11 7.76 -13.94
C GLY A 103 1.08 8.11 -12.87
N LYS A 104 1.30 9.22 -12.17
CA LYS A 104 0.39 9.66 -11.13
C LYS A 104 -1.01 9.88 -11.69
N ALA A 105 -1.09 10.55 -12.84
CA ALA A 105 -2.38 10.81 -13.48
C ALA A 105 -3.16 9.52 -13.72
N ALA A 106 -2.61 8.64 -14.54
CA ALA A 106 -3.26 7.38 -14.85
C ALA A 106 -3.58 6.61 -13.57
N LEU A 107 -2.55 6.32 -12.79
CA LEU A 107 -2.73 5.59 -11.53
C LEU A 107 -3.83 6.22 -10.68
N LEU A 108 -3.85 7.55 -10.65
CA LEU A 108 -4.86 8.27 -9.87
C LEU A 108 -6.26 8.02 -10.43
N ARG A 109 -6.43 8.28 -11.73
CA ARG A 109 -7.72 8.08 -12.38
C ARG A 109 -8.26 6.69 -12.08
N GLU A 110 -7.39 5.69 -12.16
CA GLU A 110 -7.79 4.31 -11.92
C GLU A 110 -8.53 4.19 -10.59
N ILE A 111 -8.24 5.09 -9.66
CA ILE A 111 -8.90 5.09 -8.36
C ILE A 111 -10.25 5.79 -8.42
N GLU A 112 -10.22 7.11 -8.61
CA GLU A 112 -11.45 7.89 -8.68
C GLU A 112 -12.42 7.27 -9.68
N ASP A 113 -11.92 6.96 -10.87
CA ASP A 113 -12.75 6.37 -11.92
C ASP A 113 -13.49 5.14 -11.40
N ALA A 114 -12.84 4.42 -10.48
CA ALA A 114 -13.44 3.22 -9.91
C ALA A 114 -14.60 3.56 -8.98
N LEU A 115 -14.49 4.70 -8.31
CA LEU A 115 -15.55 5.15 -7.40
C LEU A 115 -16.89 5.22 -8.11
N MET A 1 7.24 -4.49 29.89
CA MET A 1 6.52 -3.23 29.83
C MET A 1 6.75 -2.52 28.51
N ALA A 2 7.96 -2.01 28.32
CA ALA A 2 8.31 -1.31 27.09
C ALA A 2 8.86 -2.27 26.05
N HIS A 3 8.02 -3.20 25.60
CA HIS A 3 8.43 -4.18 24.60
C HIS A 3 8.03 -3.73 23.21
N HIS A 4 6.82 -3.21 23.08
CA HIS A 4 6.32 -2.74 21.79
C HIS A 4 6.83 -1.34 21.49
N HIS A 5 6.59 -0.87 20.26
CA HIS A 5 7.03 0.46 19.85
C HIS A 5 6.03 1.10 18.90
N HIS A 6 6.03 2.42 18.84
CA HIS A 6 5.11 3.15 17.96
C HIS A 6 5.89 4.00 16.96
N HIS A 7 6.96 4.61 17.42
CA HIS A 7 7.79 5.46 16.56
C HIS A 7 8.21 4.71 15.30
N HIS A 8 8.46 3.41 15.45
CA HIS A 8 8.86 2.58 14.32
C HIS A 8 7.85 2.69 13.18
N MET A 9 6.57 2.56 13.51
CA MET A 9 5.51 2.64 12.51
C MET A 9 5.64 3.91 11.68
N SER A 10 6.07 4.99 12.32
CA SER A 10 6.24 6.27 11.63
C SER A 10 7.09 6.10 10.39
N GLY A 11 6.60 6.62 9.26
CA GLY A 11 7.33 6.53 8.02
C GLY A 11 7.04 5.24 7.27
N THR A 12 7.53 5.14 6.04
CA THR A 12 7.31 3.96 5.22
C THR A 12 7.91 2.72 5.87
N VAL A 13 7.05 1.82 6.32
CA VAL A 13 7.49 0.59 6.97
C VAL A 13 6.55 -0.57 6.65
N THR A 14 7.11 -1.77 6.54
CA THR A 14 6.33 -2.95 6.25
C THR A 14 5.55 -3.42 7.47
N VAL A 15 4.23 -3.57 7.31
CA VAL A 15 3.39 -4.01 8.41
C VAL A 15 3.25 -5.53 8.43
N THR A 16 3.54 -6.12 9.59
CA THR A 16 3.46 -7.56 9.74
C THR A 16 2.06 -8.08 9.44
N ASP A 17 1.89 -9.39 9.50
CA ASP A 17 0.59 -10.00 9.23
C ASP A 17 -0.32 -9.92 10.45
N SER A 18 0.28 -10.02 11.64
CA SER A 18 -0.48 -9.95 12.89
C SER A 18 -0.69 -8.50 13.31
N THR A 19 0.39 -7.74 13.36
CA THR A 19 0.33 -6.34 13.76
C THR A 19 -0.60 -5.56 12.84
N PHE A 20 -0.86 -6.10 11.65
CA PHE A 20 -1.73 -5.45 10.68
C PHE A 20 -3.06 -5.06 11.32
N LYS A 21 -3.48 -5.83 12.32
CA LYS A 21 -4.74 -5.56 13.01
C LYS A 21 -4.60 -4.33 13.92
N THR A 22 -3.42 -4.15 14.48
CA THR A 22 -3.16 -3.02 15.37
C THR A 22 -2.63 -1.82 14.59
N ASP A 23 -2.17 -2.07 13.36
CA ASP A 23 -1.63 -1.02 12.52
C ASP A 23 -2.71 -0.45 11.60
N VAL A 24 -3.12 -1.24 10.61
CA VAL A 24 -4.15 -0.82 9.68
C VAL A 24 -5.52 -0.75 10.34
N LEU A 25 -6.07 -1.92 10.67
CA LEU A 25 -7.37 -1.98 11.32
C LEU A 25 -7.52 -0.91 12.38
N ASP A 26 -6.64 -0.93 13.38
CA ASP A 26 -6.67 0.05 14.45
C ASP A 26 -6.72 1.47 13.89
N SER A 27 -5.78 1.78 12.99
CA SER A 27 -5.72 3.10 12.38
C SER A 27 -7.04 3.44 11.69
N ASP A 28 -7.31 4.74 11.55
CA ASP A 28 -8.54 5.20 10.90
C ASP A 28 -8.24 5.71 9.49
N THR A 29 -7.18 6.50 9.37
CA THR A 29 -6.80 7.05 8.08
C THR A 29 -6.70 5.97 7.01
N PRO A 30 -6.77 6.38 5.73
CA PRO A 30 -6.69 5.45 4.60
C PRO A 30 -5.31 4.86 4.43
N VAL A 31 -5.24 3.52 4.37
CA VAL A 31 -3.97 2.83 4.22
C VAL A 31 -3.73 2.45 2.75
N LEU A 32 -2.57 2.83 2.24
CA LEU A 32 -2.22 2.53 0.86
C LEU A 32 -1.22 1.37 0.78
N VAL A 33 -1.74 0.18 0.48
CA VAL A 33 -0.90 -1.01 0.38
C VAL A 33 -0.64 -1.37 -1.07
N ASP A 34 0.60 -1.76 -1.37
CA ASP A 34 0.97 -2.13 -2.73
C ASP A 34 1.68 -3.49 -2.74
N PHE A 35 1.09 -4.46 -3.43
CA PHE A 35 1.66 -5.80 -3.52
C PHE A 35 2.47 -5.95 -4.79
N TRP A 36 3.76 -5.65 -4.71
CA TRP A 36 4.66 -5.75 -5.86
C TRP A 36 5.97 -6.42 -5.47
N ALA A 37 6.95 -6.35 -6.36
CA ALA A 37 8.26 -6.94 -6.11
C ALA A 37 8.87 -6.39 -4.81
N ASP A 38 10.15 -6.64 -4.63
CA ASP A 38 10.86 -6.17 -3.43
C ASP A 38 11.20 -4.69 -3.55
N TRP A 39 10.60 -4.02 -4.54
CA TRP A 39 10.84 -2.61 -4.76
C TRP A 39 12.19 -2.38 -5.44
N CYS A 40 12.17 -2.31 -6.76
CA CYS A 40 13.40 -2.09 -7.52
C CYS A 40 13.08 -1.83 -8.99
N GLY A 41 12.41 -2.78 -9.63
CA GLY A 41 12.06 -2.63 -11.04
C GLY A 41 10.87 -1.71 -11.23
N PRO A 42 9.67 -2.19 -10.85
CA PRO A 42 8.43 -1.42 -10.99
C PRO A 42 8.37 -0.24 -10.03
N CYS A 43 8.99 -0.40 -8.86
CA CYS A 43 9.01 0.66 -7.85
C CYS A 43 9.69 1.91 -8.40
N LYS A 44 10.67 1.72 -9.27
CA LYS A 44 11.39 2.83 -9.87
C LYS A 44 10.47 3.70 -10.71
N MET A 45 9.45 3.07 -11.28
CA MET A 45 8.48 3.79 -12.12
C MET A 45 7.34 4.35 -11.27
N VAL A 46 6.89 3.57 -10.30
CA VAL A 46 5.81 3.98 -9.41
C VAL A 46 6.35 4.62 -8.15
N ALA A 47 7.58 5.11 -8.21
CA ALA A 47 8.22 5.75 -7.06
C ALA A 47 7.67 7.16 -6.83
N PRO A 48 7.85 8.03 -7.84
CA PRO A 48 7.38 9.41 -7.77
C PRO A 48 5.86 9.51 -7.83
N VAL A 49 5.26 8.84 -8.82
CA VAL A 49 3.82 8.85 -8.98
C VAL A 49 3.11 8.46 -7.69
N LEU A 50 3.76 7.61 -6.91
CA LEU A 50 3.20 7.14 -5.64
C LEU A 50 3.18 8.27 -4.61
N GLU A 51 4.26 9.05 -4.57
CA GLU A 51 4.37 10.16 -3.64
C GLU A 51 3.41 11.29 -4.01
N GLU A 52 3.21 11.48 -5.31
CA GLU A 52 2.31 12.52 -5.80
C GLU A 52 0.92 12.35 -5.21
N ILE A 53 0.27 11.24 -5.53
CA ILE A 53 -1.07 10.97 -5.02
C ILE A 53 -1.13 11.10 -3.51
N ALA A 54 -0.14 10.52 -2.83
CA ALA A 54 -0.07 10.58 -1.38
C ALA A 54 0.04 12.02 -0.89
N ASN A 55 0.53 12.90 -1.75
CA ASN A 55 0.68 14.30 -1.40
C ASN A 55 -0.65 15.04 -1.49
N GLU A 56 -1.38 14.79 -2.58
CA GLU A 56 -2.67 15.43 -2.80
C GLU A 56 -3.74 14.83 -1.89
N LYS A 57 -3.76 13.49 -1.83
CA LYS A 57 -4.72 12.78 -0.99
C LYS A 57 -4.72 13.33 0.43
N SER A 58 -3.67 12.99 1.18
CA SER A 58 -3.55 13.44 2.56
C SER A 58 -2.11 13.85 2.87
N GLY A 59 -1.83 14.06 4.15
CA GLY A 59 -0.49 14.46 4.56
C GLY A 59 0.25 13.37 5.29
N THR A 60 1.34 12.90 4.71
CA THR A 60 2.14 11.84 5.31
C THR A 60 1.27 10.66 5.71
N LEU A 61 0.36 10.27 4.83
CA LEU A 61 -0.54 9.15 5.10
C LEU A 61 0.25 7.87 5.38
N LYS A 62 -0.47 6.78 5.55
CA LYS A 62 0.17 5.49 5.82
C LYS A 62 0.68 4.85 4.53
N VAL A 63 1.99 4.64 4.48
CA VAL A 63 2.63 4.04 3.30
C VAL A 63 3.30 2.72 3.66
N ALA A 64 2.63 1.61 3.35
CA ALA A 64 3.17 0.28 3.62
C ALA A 64 3.20 -0.58 2.37
N LYS A 65 4.33 -1.22 2.11
CA LYS A 65 4.48 -2.08 0.94
C LYS A 65 5.03 -3.44 1.34
N LEU A 66 4.83 -4.43 0.47
CA LEU A 66 5.30 -5.79 0.72
C LEU A 66 5.95 -6.39 -0.52
N ASP A 67 6.93 -7.25 -0.30
CA ASP A 67 7.63 -7.89 -1.41
C ASP A 67 6.99 -9.24 -1.76
N VAL A 68 6.38 -9.30 -2.93
CA VAL A 68 5.72 -10.53 -3.39
C VAL A 68 6.71 -11.69 -3.45
N ASP A 69 7.95 -11.38 -3.84
CA ASP A 69 8.98 -12.40 -3.95
C ASP A 69 9.12 -13.18 -2.65
N ALA A 70 8.94 -12.49 -1.53
CA ALA A 70 9.04 -13.12 -0.22
C ALA A 70 7.68 -13.58 0.28
N ASN A 71 6.65 -12.80 -0.05
CA ASN A 71 5.28 -13.11 0.37
C ASN A 71 4.39 -13.36 -0.84
N PRO A 72 4.65 -14.47 -1.55
CA PRO A 72 3.87 -14.84 -2.74
C PRO A 72 2.45 -15.27 -2.39
N GLU A 73 2.29 -15.88 -1.23
CA GLU A 73 0.97 -16.34 -0.78
C GLU A 73 0.03 -15.15 -0.55
N ALA A 74 0.59 -14.06 -0.05
CA ALA A 74 -0.20 -12.86 0.22
C ALA A 74 -0.82 -12.32 -1.07
N ALA A 75 -0.03 -12.26 -2.12
CA ALA A 75 -0.51 -11.76 -3.41
C ALA A 75 -1.78 -12.48 -3.84
N ARG A 76 -1.69 -13.79 -4.02
CA ARG A 76 -2.82 -14.59 -4.43
C ARG A 76 -4.03 -14.33 -3.53
N ASP A 77 -3.76 -14.08 -2.26
CA ASP A 77 -4.82 -13.81 -1.29
C ASP A 77 -5.74 -12.71 -1.80
N PHE A 78 -5.16 -11.73 -2.49
CA PHE A 78 -5.94 -10.61 -3.03
C PHE A 78 -6.04 -10.70 -4.54
N GLN A 79 -5.97 -11.92 -5.06
CA GLN A 79 -6.06 -12.14 -6.50
C GLN A 79 -5.08 -11.25 -7.25
N VAL A 80 -3.80 -11.34 -6.88
CA VAL A 80 -2.76 -10.54 -7.53
C VAL A 80 -2.14 -11.28 -8.69
N VAL A 81 -2.49 -10.88 -9.91
CA VAL A 81 -1.97 -11.51 -11.12
C VAL A 81 -0.78 -10.73 -11.66
N SER A 82 -0.83 -9.40 -11.53
CA SER A 82 0.23 -8.54 -12.01
C SER A 82 1.12 -8.06 -10.87
N ILE A 83 2.40 -7.89 -11.15
CA ILE A 83 3.35 -7.44 -10.14
C ILE A 83 2.94 -6.09 -9.56
N PRO A 84 2.80 -5.09 -10.44
CA PRO A 84 2.40 -3.74 -10.04
C PRO A 84 0.95 -3.67 -9.58
N THR A 85 0.69 -4.14 -8.37
CA THR A 85 -0.67 -4.13 -7.82
C THR A 85 -0.76 -3.19 -6.63
N MET A 86 -1.82 -2.39 -6.59
CA MET A 86 -2.03 -1.44 -5.50
C MET A 86 -3.47 -1.51 -5.00
N ILE A 87 -3.64 -1.70 -3.70
CA ILE A 87 -4.96 -1.79 -3.10
C ILE A 87 -5.18 -0.65 -2.10
N LEU A 88 -6.12 0.23 -2.41
CA LEU A 88 -6.43 1.36 -1.54
C LEU A 88 -7.34 0.93 -0.40
N PHE A 89 -6.79 0.84 0.80
CA PHE A 89 -7.55 0.44 1.98
C PHE A 89 -8.07 1.66 2.72
N LYS A 90 -8.96 1.42 3.69
CA LYS A 90 -9.54 2.50 4.47
C LYS A 90 -10.23 1.95 5.72
N GLY A 91 -9.49 1.88 6.82
CA GLY A 91 -10.04 1.37 8.06
C GLY A 91 -9.93 -0.14 8.18
N GLY A 92 -8.81 -0.68 7.69
CA GLY A 92 -8.61 -2.11 7.75
C GLY A 92 -9.56 -2.88 6.84
N THR A 93 -9.81 -2.33 5.66
CA THR A 93 -10.70 -2.97 4.70
C THR A 93 -10.45 -2.44 3.28
N PRO A 94 -10.38 -3.35 2.31
CA PRO A 94 -10.15 -3.00 0.91
C PRO A 94 -11.36 -2.30 0.29
N VAL A 95 -11.21 -1.01 0.02
CA VAL A 95 -12.28 -0.23 -0.58
C VAL A 95 -12.05 -0.01 -2.07
N LYS A 96 -10.78 0.09 -2.46
CA LYS A 96 -10.41 0.30 -3.85
C LYS A 96 -9.30 -0.66 -4.26
N ARG A 97 -9.10 -0.79 -5.57
CA ARG A 97 -8.07 -1.68 -6.11
C ARG A 97 -7.63 -1.24 -7.50
N ILE A 98 -6.37 -0.86 -7.64
CA ILE A 98 -5.83 -0.43 -8.91
C ILE A 98 -4.51 -1.11 -9.22
N VAL A 99 -4.39 -1.65 -10.42
CA VAL A 99 -3.17 -2.33 -10.84
C VAL A 99 -2.81 -1.98 -12.28
N GLY A 100 -1.51 -1.90 -12.55
CA GLY A 100 -1.05 -1.57 -13.89
C GLY A 100 0.24 -0.76 -13.88
N ALA A 101 0.45 -0.02 -12.80
CA ALA A 101 1.65 0.81 -12.67
C ALA A 101 1.69 1.89 -13.75
N LYS A 102 0.79 2.84 -13.66
CA LYS A 102 0.72 3.94 -14.62
C LYS A 102 1.05 5.27 -13.96
N GLY A 103 1.25 6.30 -14.78
CA GLY A 103 1.56 7.62 -14.25
C GLY A 103 0.49 8.15 -13.33
N LYS A 104 0.89 8.97 -12.37
CA LYS A 104 -0.06 9.55 -11.41
C LYS A 104 -1.26 10.14 -12.14
N ALA A 105 -1.01 10.71 -13.32
CA ALA A 105 -2.09 11.31 -14.12
C ALA A 105 -3.20 10.30 -14.40
N ALA A 106 -2.81 9.07 -14.70
CA ALA A 106 -3.76 8.01 -15.00
C ALA A 106 -4.15 7.25 -13.73
N LEU A 107 -3.15 6.83 -12.96
CA LEU A 107 -3.38 6.10 -11.73
C LEU A 107 -4.44 6.79 -10.88
N LEU A 108 -4.24 8.07 -10.62
CA LEU A 108 -5.18 8.86 -9.81
C LEU A 108 -6.61 8.65 -10.30
N ARG A 109 -6.78 8.49 -11.60
CA ARG A 109 -8.09 8.27 -12.19
C ARG A 109 -8.59 6.86 -11.91
N GLU A 110 -7.69 5.88 -12.04
CA GLU A 110 -8.04 4.49 -11.81
C GLU A 110 -8.72 4.31 -10.46
N ILE A 111 -8.44 5.24 -9.54
CA ILE A 111 -9.03 5.19 -8.20
C ILE A 111 -10.38 5.91 -8.17
N GLU A 112 -10.34 7.23 -8.31
CA GLU A 112 -11.56 8.03 -8.29
C GLU A 112 -12.58 7.48 -9.28
N ASP A 113 -12.14 7.23 -10.50
CA ASP A 113 -13.02 6.70 -11.54
C ASP A 113 -13.62 5.36 -11.12
N ALA A 114 -12.84 4.58 -10.37
CA ALA A 114 -13.29 3.28 -9.89
C ALA A 114 -14.29 3.43 -8.74
N LEU A 115 -14.06 4.43 -7.90
CA LEU A 115 -14.93 4.68 -6.76
C LEU A 115 -16.39 4.81 -7.20
N MET A 1 5.12 -7.43 21.28
CA MET A 1 4.69 -6.43 22.25
C MET A 1 4.79 -5.02 21.66
N ALA A 2 4.24 -4.05 22.38
CA ALA A 2 4.28 -2.66 21.93
C ALA A 2 5.45 -1.91 22.56
N HIS A 3 6.59 -1.90 21.86
CA HIS A 3 7.77 -1.22 22.36
C HIS A 3 7.87 0.18 21.77
N HIS A 4 7.55 0.31 20.49
CA HIS A 4 7.61 1.59 19.81
C HIS A 4 6.23 2.00 19.31
N HIS A 5 5.95 3.30 19.35
CA HIS A 5 4.66 3.82 18.91
C HIS A 5 4.42 3.48 17.44
N HIS A 6 3.16 3.59 17.01
CA HIS A 6 2.80 3.29 15.63
C HIS A 6 2.52 4.57 14.85
N HIS A 7 1.88 5.52 15.51
CA HIS A 7 1.54 6.80 14.88
C HIS A 7 2.74 7.75 14.91
N HIS A 8 3.51 7.70 15.99
CA HIS A 8 4.68 8.55 16.12
C HIS A 8 5.79 8.12 15.17
N MET A 9 5.95 6.80 15.02
CA MET A 9 6.98 6.26 14.14
C MET A 9 6.37 5.84 12.80
N SER A 10 5.33 6.54 12.38
CA SER A 10 4.65 6.23 11.12
C SER A 10 5.62 6.38 9.95
N GLY A 11 5.80 5.29 9.21
CA GLY A 11 6.68 5.32 8.06
C GLY A 11 6.43 4.18 7.10
N THR A 12 7.13 4.19 5.98
CA THR A 12 6.97 3.15 4.97
C THR A 12 7.63 1.85 5.42
N VAL A 13 6.82 0.92 5.92
CA VAL A 13 7.33 -0.37 6.38
C VAL A 13 6.28 -1.46 6.22
N THR A 14 6.73 -2.66 5.87
CA THR A 14 5.83 -3.79 5.69
C THR A 14 5.21 -4.22 7.00
N VAL A 15 3.87 -4.31 7.03
CA VAL A 15 3.16 -4.70 8.22
C VAL A 15 2.86 -6.20 8.22
N THR A 16 3.17 -6.87 9.32
CA THR A 16 2.94 -8.31 9.43
C THR A 16 1.46 -8.64 9.27
N ASP A 17 1.18 -9.90 8.96
CA ASP A 17 -0.20 -10.34 8.79
C ASP A 17 -0.92 -10.45 10.12
N SER A 18 -0.22 -10.97 11.13
CA SER A 18 -0.79 -11.13 12.46
C SER A 18 -0.97 -9.78 13.13
N THR A 19 -0.06 -8.85 12.86
CA THR A 19 -0.12 -7.52 13.44
C THR A 19 -1.02 -6.60 12.62
N PHE A 20 -1.28 -7.00 11.38
CA PHE A 20 -2.14 -6.22 10.49
C PHE A 20 -3.45 -5.86 11.17
N LYS A 21 -3.91 -6.72 12.05
CA LYS A 21 -5.16 -6.50 12.78
C LYS A 21 -4.98 -5.39 13.82
N THR A 22 -3.80 -5.31 14.39
CA THR A 22 -3.51 -4.29 15.40
C THR A 22 -2.93 -3.04 14.77
N ASP A 23 -2.47 -3.16 13.52
CA ASP A 23 -1.90 -2.03 12.80
C ASP A 23 -2.96 -1.32 11.96
N VAL A 24 -3.39 -1.98 10.89
CA VAL A 24 -4.40 -1.41 10.00
C VAL A 24 -5.77 -1.39 10.68
N LEU A 25 -6.35 -2.56 10.87
CA LEU A 25 -7.67 -2.67 11.50
C LEU A 25 -7.78 -1.71 12.68
N ASP A 26 -6.91 -1.87 13.66
CA ASP A 26 -6.91 -1.02 14.85
C ASP A 26 -6.92 0.46 14.45
N SER A 27 -5.90 0.86 13.69
CA SER A 27 -5.79 2.25 13.25
C SER A 27 -7.06 2.69 12.54
N ASP A 28 -7.15 3.99 12.25
CA ASP A 28 -8.31 4.54 11.56
C ASP A 28 -7.92 5.14 10.22
N THR A 29 -6.79 5.83 10.19
CA THR A 29 -6.29 6.45 8.97
C THR A 29 -6.22 5.44 7.83
N PRO A 30 -6.21 5.95 6.58
CA PRO A 30 -6.14 5.10 5.39
C PRO A 30 -4.79 4.42 5.23
N VAL A 31 -4.81 3.12 4.99
CA VAL A 31 -3.58 2.35 4.82
C VAL A 31 -3.34 2.01 3.35
N LEU A 32 -2.18 2.38 2.85
CA LEU A 32 -1.83 2.11 1.45
C LEU A 32 -0.88 0.91 1.35
N VAL A 33 -1.44 -0.25 0.99
CA VAL A 33 -0.65 -1.46 0.86
C VAL A 33 -0.29 -1.72 -0.60
N ASP A 34 0.97 -2.05 -0.85
CA ASP A 34 1.44 -2.32 -2.21
C ASP A 34 1.90 -3.77 -2.33
N PHE A 35 1.02 -4.62 -2.88
CA PHE A 35 1.33 -6.03 -3.06
C PHE A 35 1.98 -6.27 -4.42
N TRP A 36 3.30 -6.17 -4.46
CA TRP A 36 4.04 -6.39 -5.70
C TRP A 36 5.39 -7.04 -5.42
N ALA A 37 6.24 -7.08 -6.45
CA ALA A 37 7.56 -7.68 -6.31
C ALA A 37 8.39 -6.96 -5.24
N ASP A 38 9.71 -7.06 -5.35
CA ASP A 38 10.60 -6.42 -4.39
C ASP A 38 10.72 -4.92 -4.67
N TRP A 39 9.86 -4.43 -5.56
CA TRP A 39 9.88 -3.01 -5.92
C TRP A 39 11.30 -2.49 -6.07
N CYS A 40 11.98 -2.92 -7.13
CA CYS A 40 13.35 -2.50 -7.39
C CYS A 40 13.52 -2.06 -8.83
N GLY A 41 12.98 -2.86 -9.76
CA GLY A 41 13.09 -2.54 -11.17
C GLY A 41 12.05 -1.53 -11.61
N PRO A 42 10.78 -1.94 -11.60
CA PRO A 42 9.66 -1.08 -12.00
C PRO A 42 9.41 0.05 -11.01
N CYS A 43 9.82 -0.16 -9.76
CA CYS A 43 9.64 0.83 -8.72
C CYS A 43 10.18 2.19 -9.16
N LYS A 44 11.15 2.17 -10.06
CA LYS A 44 11.76 3.39 -10.57
C LYS A 44 10.73 4.25 -11.29
N MET A 45 9.77 3.60 -11.94
CA MET A 45 8.72 4.31 -12.66
C MET A 45 7.55 4.64 -11.74
N VAL A 46 7.26 3.74 -10.81
CA VAL A 46 6.17 3.95 -9.87
C VAL A 46 6.68 4.57 -8.56
N ALA A 47 7.85 5.20 -8.64
CA ALA A 47 8.44 5.84 -7.47
C ALA A 47 7.75 7.17 -7.16
N PRO A 48 7.79 8.11 -8.12
CA PRO A 48 7.17 9.43 -7.96
C PRO A 48 5.64 9.35 -7.97
N VAL A 49 5.10 8.66 -8.95
CA VAL A 49 3.65 8.50 -9.08
C VAL A 49 3.04 8.03 -7.77
N LEU A 50 3.82 7.27 -7.00
CA LEU A 50 3.35 6.76 -5.72
C LEU A 50 3.53 7.79 -4.61
N GLU A 51 4.61 8.55 -4.68
CA GLU A 51 4.89 9.57 -3.69
C GLU A 51 3.92 10.75 -3.83
N GLU A 52 3.50 11.02 -5.06
CA GLU A 52 2.58 12.11 -5.34
C GLU A 52 1.38 12.06 -4.39
N ILE A 53 0.55 11.04 -4.57
CA ILE A 53 -0.65 10.88 -3.75
C ILE A 53 -0.29 10.93 -2.26
N ALA A 54 0.87 10.39 -1.91
CA ALA A 54 1.33 10.38 -0.53
C ALA A 54 1.54 11.80 -0.02
N ASN A 55 2.11 12.65 -0.87
CA ASN A 55 2.37 14.04 -0.50
C ASN A 55 1.09 14.87 -0.56
N GLU A 56 0.26 14.61 -1.57
CA GLU A 56 -1.00 15.33 -1.73
C GLU A 56 -1.89 15.15 -0.50
N LYS A 57 -1.93 13.95 0.02
CA LYS A 57 -2.74 13.65 1.20
C LYS A 57 -2.16 14.32 2.45
N SER A 58 -1.01 13.82 2.90
CA SER A 58 -0.35 14.36 4.08
C SER A 58 -1.24 14.20 5.32
N GLY A 59 -1.89 13.04 5.43
CA GLY A 59 -2.76 12.78 6.56
C GLY A 59 -2.32 11.57 7.36
N THR A 60 -1.05 11.56 7.77
CA THR A 60 -0.51 10.44 8.54
C THR A 60 -0.82 9.11 7.87
N LEU A 61 -0.69 9.07 6.55
CA LEU A 61 -0.95 7.86 5.78
C LEU A 61 0.26 6.92 5.81
N LYS A 62 0.00 5.63 6.01
CA LYS A 62 1.05 4.64 6.05
C LYS A 62 1.15 3.87 4.73
N VAL A 63 2.38 3.59 4.30
CA VAL A 63 2.59 2.86 3.06
C VAL A 63 3.38 1.58 3.30
N ALA A 64 2.68 0.45 3.27
CA ALA A 64 3.30 -0.84 3.49
C ALA A 64 3.48 -1.59 2.17
N LYS A 65 4.72 -1.94 1.84
CA LYS A 65 5.02 -2.66 0.61
C LYS A 65 5.70 -3.99 0.92
N LEU A 66 5.20 -5.06 0.31
CA LEU A 66 5.77 -6.40 0.52
C LEU A 66 6.18 -7.02 -0.81
N ASP A 67 7.13 -7.95 -0.75
CA ASP A 67 7.61 -8.62 -1.95
C ASP A 67 6.84 -9.93 -2.18
N VAL A 68 6.09 -9.98 -3.27
CA VAL A 68 5.32 -11.17 -3.61
C VAL A 68 6.22 -12.38 -3.81
N ASP A 69 7.40 -12.14 -4.37
CA ASP A 69 8.36 -13.21 -4.63
C ASP A 69 8.61 -14.03 -3.36
N ALA A 70 8.62 -13.35 -2.22
CA ALA A 70 8.85 -14.02 -0.94
C ALA A 70 7.53 -14.38 -0.27
N ASN A 71 6.52 -13.54 -0.46
CA ASN A 71 5.21 -13.77 0.12
C ASN A 71 4.15 -13.94 -0.96
N PRO A 72 4.22 -15.07 -1.69
CA PRO A 72 3.29 -15.38 -2.77
C PRO A 72 1.88 -15.70 -2.24
N GLU A 73 1.83 -16.30 -1.06
CA GLU A 73 0.56 -16.64 -0.45
C GLU A 73 -0.32 -15.41 -0.26
N ALA A 74 0.30 -14.30 0.09
CA ALA A 74 -0.43 -13.04 0.29
C ALA A 74 -0.99 -12.52 -1.03
N ALA A 75 -0.16 -12.49 -2.06
CA ALA A 75 -0.57 -12.01 -3.37
C ALA A 75 -1.81 -12.75 -3.85
N ARG A 76 -1.68 -14.05 -4.06
CA ARG A 76 -2.78 -14.87 -4.53
C ARG A 76 -4.02 -14.66 -3.65
N ASP A 77 -3.79 -14.41 -2.37
CA ASP A 77 -4.89 -14.19 -1.43
C ASP A 77 -5.85 -13.14 -1.97
N PHE A 78 -5.31 -12.09 -2.57
CA PHE A 78 -6.13 -11.01 -3.13
C PHE A 78 -6.19 -11.11 -4.64
N GLN A 79 -5.99 -12.32 -5.16
CA GLN A 79 -6.04 -12.55 -6.60
C GLN A 79 -5.20 -11.51 -7.35
N VAL A 80 -3.89 -11.56 -7.15
CA VAL A 80 -2.99 -10.61 -7.80
C VAL A 80 -2.55 -11.13 -9.16
N VAL A 81 -3.08 -10.52 -10.22
CA VAL A 81 -2.75 -10.91 -11.58
C VAL A 81 -1.41 -10.32 -12.02
N SER A 82 -1.32 -8.99 -11.98
CA SER A 82 -0.10 -8.29 -12.37
C SER A 82 0.80 -8.07 -11.16
N ILE A 83 2.06 -7.77 -11.43
CA ILE A 83 3.04 -7.51 -10.37
C ILE A 83 2.68 -6.27 -9.57
N PRO A 84 2.58 -5.13 -10.28
CA PRO A 84 2.24 -3.84 -9.66
C PRO A 84 0.79 -3.79 -9.19
N THR A 85 0.50 -4.47 -8.08
CA THR A 85 -0.85 -4.50 -7.54
C THR A 85 -0.91 -3.81 -6.18
N MET A 86 -1.49 -2.61 -6.17
CA MET A 86 -1.61 -1.84 -4.93
C MET A 86 -3.08 -1.64 -4.56
N ILE A 87 -3.44 -2.10 -3.37
CA ILE A 87 -4.81 -1.98 -2.89
C ILE A 87 -4.94 -0.88 -1.84
N LEU A 88 -5.75 0.13 -2.14
CA LEU A 88 -5.95 1.25 -1.22
C LEU A 88 -6.95 0.88 -0.13
N PHE A 89 -6.43 0.62 1.07
CA PHE A 89 -7.27 0.25 2.20
C PHE A 89 -7.72 1.50 2.97
N LYS A 90 -8.66 1.31 3.89
CA LYS A 90 -9.17 2.41 4.70
C LYS A 90 -10.01 1.89 5.87
N GLY A 91 -9.35 1.72 7.02
CA GLY A 91 -10.04 1.23 8.19
C GLY A 91 -10.10 -0.28 8.25
N GLY A 92 -9.02 -0.93 7.83
CA GLY A 92 -8.97 -2.38 7.84
C GLY A 92 -9.89 -2.99 6.79
N THR A 93 -9.98 -2.35 5.63
CA THR A 93 -10.83 -2.84 4.56
C THR A 93 -10.42 -2.23 3.22
N PRO A 94 -10.32 -3.08 2.19
CA PRO A 94 -9.93 -2.65 0.84
C PRO A 94 -11.01 -1.82 0.17
N VAL A 95 -11.03 -0.53 0.48
CA VAL A 95 -12.01 0.39 -0.10
C VAL A 95 -11.82 0.52 -1.61
N LYS A 96 -10.57 0.45 -2.04
CA LYS A 96 -10.25 0.55 -3.46
C LYS A 96 -9.10 -0.39 -3.84
N ARG A 97 -8.86 -0.52 -5.14
CA ARG A 97 -7.79 -1.39 -5.62
C ARG A 97 -7.28 -0.91 -6.99
N ILE A 98 -5.97 -0.73 -7.09
CA ILE A 98 -5.36 -0.28 -8.33
C ILE A 98 -4.17 -1.16 -8.71
N VAL A 99 -4.00 -1.40 -10.00
CA VAL A 99 -2.90 -2.21 -10.50
C VAL A 99 -2.35 -1.66 -11.80
N GLY A 100 -1.02 -1.73 -11.94
CA GLY A 100 -0.38 -1.22 -13.14
C GLY A 100 0.59 -0.09 -12.86
N ALA A 101 1.67 -0.04 -13.63
CA ALA A 101 2.68 1.00 -13.45
C ALA A 101 2.51 2.10 -14.50
N LYS A 102 1.71 3.10 -14.17
CA LYS A 102 1.46 4.23 -15.06
C LYS A 102 1.88 5.54 -14.42
N GLY A 103 1.70 6.64 -15.15
CA GLY A 103 2.07 7.95 -14.64
C GLY A 103 1.22 8.35 -13.45
N LYS A 104 1.55 9.49 -12.86
CA LYS A 104 0.81 9.99 -11.70
C LYS A 104 -0.66 10.18 -12.04
N ALA A 105 -0.93 10.83 -13.16
CA ALA A 105 -2.30 11.07 -13.60
C ALA A 105 -3.10 9.77 -13.64
N ALA A 106 -2.71 8.88 -14.54
CA ALA A 106 -3.39 7.59 -14.68
C ALA A 106 -3.52 6.88 -13.33
N LEU A 107 -2.39 6.65 -12.68
CA LEU A 107 -2.38 5.99 -11.38
C LEU A 107 -3.36 6.65 -10.42
N LEU A 108 -3.49 7.97 -10.54
CA LEU A 108 -4.39 8.74 -9.68
C LEU A 108 -5.85 8.41 -10.01
N ARG A 109 -6.24 8.70 -11.25
CA ARG A 109 -7.61 8.44 -11.69
C ARG A 109 -8.00 6.99 -11.44
N GLU A 110 -7.03 6.09 -11.57
CA GLU A 110 -7.28 4.67 -11.36
C GLU A 110 -8.01 4.43 -10.04
N ILE A 111 -7.83 5.35 -9.09
CA ILE A 111 -8.48 5.24 -7.79
C ILE A 111 -9.89 5.81 -7.83
N GLU A 112 -9.99 7.13 -7.98
CA GLU A 112 -11.29 7.78 -8.03
C GLU A 112 -12.18 7.16 -9.09
N ASP A 113 -11.64 7.00 -10.29
CA ASP A 113 -12.38 6.41 -11.39
C ASP A 113 -12.90 5.03 -11.02
N ALA A 114 -12.12 4.30 -10.23
CA ALA A 114 -12.51 2.97 -9.79
C ALA A 114 -13.64 3.02 -8.77
N LEU A 115 -13.60 4.04 -7.91
CA LEU A 115 -14.63 4.20 -6.88
C LEU A 115 -16.02 4.21 -7.50
N MET A 1 0.56 -5.96 22.19
CA MET A 1 1.94 -6.07 21.74
C MET A 1 2.57 -4.69 21.63
N ALA A 2 2.06 -3.89 20.69
CA ALA A 2 2.58 -2.54 20.48
C ALA A 2 2.41 -1.68 21.72
N HIS A 3 3.49 -1.47 22.45
CA HIS A 3 3.46 -0.66 23.67
C HIS A 3 3.33 0.82 23.33
N HIS A 4 4.08 1.26 22.32
CA HIS A 4 4.04 2.66 21.90
C HIS A 4 3.61 2.78 20.44
N HIS A 5 2.74 3.74 20.17
CA HIS A 5 2.24 3.97 18.82
C HIS A 5 3.39 4.22 17.85
N HIS A 6 3.15 3.99 16.56
CA HIS A 6 4.16 4.19 15.54
C HIS A 6 3.87 5.46 14.74
N HIS A 7 3.27 6.44 15.39
CA HIS A 7 2.93 7.70 14.74
C HIS A 7 4.18 8.58 14.58
N HIS A 8 5.01 8.60 15.62
CA HIS A 8 6.23 9.40 15.61
C HIS A 8 7.25 8.82 14.63
N MET A 9 7.27 7.49 14.54
CA MET A 9 8.21 6.81 13.64
C MET A 9 7.51 6.43 12.33
N SER A 10 6.53 7.23 11.93
CA SER A 10 5.79 6.98 10.70
C SER A 10 6.72 7.03 9.49
N GLY A 11 6.85 5.89 8.81
CA GLY A 11 7.69 5.83 7.63
C GLY A 11 7.39 4.63 6.76
N THR A 12 8.17 4.44 5.71
CA THR A 12 7.98 3.34 4.79
C THR A 12 8.50 2.03 5.38
N VAL A 13 7.59 1.18 5.83
CA VAL A 13 7.96 -0.10 6.42
C VAL A 13 6.91 -1.17 6.14
N THR A 14 7.35 -2.39 5.90
CA THR A 14 6.44 -3.49 5.62
C THR A 14 5.79 -4.01 6.90
N VAL A 15 4.46 -4.11 6.90
CA VAL A 15 3.73 -4.59 8.06
C VAL A 15 3.53 -6.09 8.00
N THR A 16 3.93 -6.79 9.06
CA THR A 16 3.79 -8.24 9.12
C THR A 16 2.32 -8.65 9.00
N ASP A 17 2.11 -9.95 8.75
CA ASP A 17 0.76 -10.48 8.61
C ASP A 17 0.01 -10.43 9.94
N SER A 18 0.66 -10.91 10.99
CA SER A 18 0.06 -10.93 12.32
C SER A 18 -0.10 -9.50 12.86
N THR A 19 1.00 -8.76 12.86
CA THR A 19 0.99 -7.39 13.36
C THR A 19 0.00 -6.53 12.58
N PHE A 20 -0.37 -6.99 11.39
CA PHE A 20 -1.30 -6.26 10.54
C PHE A 20 -2.56 -5.88 11.32
N LYS A 21 -2.92 -6.72 12.30
CA LYS A 21 -4.10 -6.47 13.11
C LYS A 21 -3.87 -5.31 14.07
N THR A 22 -2.63 -5.18 14.55
CA THR A 22 -2.27 -4.11 15.47
C THR A 22 -1.77 -2.87 14.72
N ASP A 23 -1.43 -3.06 13.45
CA ASP A 23 -0.94 -1.97 12.62
C ASP A 23 -2.08 -1.32 11.85
N VAL A 24 -2.60 -2.03 10.86
CA VAL A 24 -3.70 -1.53 10.04
C VAL A 24 -4.99 -1.47 10.83
N LEU A 25 -5.55 -2.65 11.13
CA LEU A 25 -6.78 -2.74 11.89
C LEU A 25 -6.81 -1.72 13.02
N ASP A 26 -5.85 -1.83 13.93
CA ASP A 26 -5.76 -0.92 15.06
C ASP A 26 -5.82 0.53 14.60
N SER A 27 -4.83 0.94 13.82
CA SER A 27 -4.77 2.31 13.31
C SER A 27 -6.04 2.66 12.55
N ASP A 28 -6.39 3.94 12.54
CA ASP A 28 -7.59 4.40 11.85
C ASP A 28 -7.22 5.00 10.49
N THR A 29 -6.08 5.68 10.43
CA THR A 29 -5.62 6.31 9.20
C THR A 29 -5.60 5.29 8.06
N PRO A 30 -5.60 5.81 6.82
CA PRO A 30 -5.57 4.97 5.62
C PRO A 30 -4.23 4.27 5.42
N VAL A 31 -4.27 2.95 5.25
CA VAL A 31 -3.06 2.17 5.06
C VAL A 31 -2.87 1.80 3.59
N LEU A 32 -1.72 2.17 3.04
CA LEU A 32 -1.40 1.87 1.65
C LEU A 32 -0.69 0.53 1.51
N VAL A 33 -1.26 -0.36 0.71
CA VAL A 33 -0.67 -1.68 0.50
C VAL A 33 -0.31 -1.88 -0.97
N ASP A 34 0.84 -2.50 -1.21
CA ASP A 34 1.31 -2.75 -2.57
C ASP A 34 1.74 -4.20 -2.73
N PHE A 35 0.87 -5.03 -3.29
CA PHE A 35 1.17 -6.44 -3.50
C PHE A 35 1.81 -6.67 -4.87
N TRP A 36 3.14 -6.59 -4.91
CA TRP A 36 3.87 -6.78 -6.16
C TRP A 36 5.25 -7.38 -5.89
N ALA A 37 6.08 -7.41 -6.92
CA ALA A 37 7.43 -7.95 -6.79
C ALA A 37 8.23 -7.20 -5.75
N ASP A 38 9.55 -7.23 -5.88
CA ASP A 38 10.44 -6.56 -4.94
C ASP A 38 10.49 -5.06 -5.23
N TRP A 39 9.62 -4.61 -6.14
CA TRP A 39 9.57 -3.20 -6.50
C TRP A 39 10.98 -2.61 -6.64
N CYS A 40 11.71 -3.10 -7.64
CA CYS A 40 13.07 -2.64 -7.88
C CYS A 40 13.22 -2.10 -9.29
N GLY A 41 12.70 -2.85 -10.26
CA GLY A 41 12.78 -2.42 -11.65
C GLY A 41 11.71 -1.41 -12.02
N PRO A 42 10.45 -1.84 -12.02
CA PRO A 42 9.31 -0.98 -12.35
C PRO A 42 9.05 0.07 -11.27
N CYS A 43 9.45 -0.24 -10.04
CA CYS A 43 9.26 0.68 -8.92
C CYS A 43 9.79 2.07 -9.26
N LYS A 44 10.84 2.12 -10.08
CA LYS A 44 11.44 3.37 -10.48
C LYS A 44 10.42 4.26 -11.20
N MET A 45 9.51 3.63 -11.94
CA MET A 45 8.48 4.36 -12.65
C MET A 45 7.26 4.60 -11.78
N VAL A 46 6.95 3.63 -10.93
CA VAL A 46 5.80 3.73 -10.04
C VAL A 46 6.21 4.29 -8.67
N ALA A 47 7.34 4.97 -8.65
CA ALA A 47 7.84 5.56 -7.41
C ALA A 47 7.13 6.87 -7.10
N PRO A 48 7.27 7.86 -8.01
CA PRO A 48 6.64 9.17 -7.84
C PRO A 48 5.13 9.11 -7.99
N VAL A 49 4.66 8.40 -9.02
CA VAL A 49 3.23 8.27 -9.26
C VAL A 49 2.49 7.86 -8.00
N LEU A 50 3.17 7.11 -7.14
CA LEU A 50 2.57 6.66 -5.89
C LEU A 50 2.78 7.68 -4.77
N GLU A 51 4.01 8.20 -4.69
CA GLU A 51 4.35 9.18 -3.67
C GLU A 51 3.47 10.42 -3.79
N GLU A 52 3.09 10.75 -5.02
CA GLU A 52 2.25 11.91 -5.27
C GLU A 52 0.88 11.74 -4.62
N ILE A 53 0.42 10.49 -4.55
CA ILE A 53 -0.88 10.18 -3.96
C ILE A 53 -0.89 10.52 -2.46
N ALA A 54 0.26 10.31 -1.82
CA ALA A 54 0.38 10.58 -0.39
C ALA A 54 0.27 12.07 -0.10
N ASN A 55 0.93 12.88 -0.94
CA ASN A 55 0.91 14.33 -0.77
C ASN A 55 -0.49 14.89 -1.06
N GLU A 56 -1.17 14.28 -2.03
CA GLU A 56 -2.51 14.72 -2.41
C GLU A 56 -3.52 14.37 -1.31
N LYS A 57 -3.32 13.22 -0.67
CA LYS A 57 -4.21 12.78 0.39
C LYS A 57 -3.83 13.39 1.72
N SER A 58 -2.70 12.95 2.27
CA SER A 58 -2.22 13.47 3.55
C SER A 58 -0.82 12.92 3.87
N GLY A 59 -0.09 13.64 4.70
CA GLY A 59 1.24 13.21 5.07
C GLY A 59 1.27 12.47 6.38
N THR A 60 0.20 11.73 6.67
CA THR A 60 0.10 10.97 7.90
C THR A 60 -0.09 9.48 7.61
N LEU A 61 -0.79 9.18 6.53
CA LEU A 61 -1.04 7.79 6.14
C LEU A 61 0.25 6.98 6.12
N LYS A 62 0.12 5.67 6.21
CA LYS A 62 1.28 4.78 6.19
C LYS A 62 1.46 4.14 4.82
N VAL A 63 2.71 3.89 4.43
CA VAL A 63 3.01 3.27 3.15
C VAL A 63 3.87 2.02 3.33
N ALA A 64 3.26 0.86 3.15
CA ALA A 64 3.97 -0.41 3.28
C ALA A 64 3.90 -1.21 1.99
N LYS A 65 5.03 -1.80 1.61
CA LYS A 65 5.10 -2.60 0.38
C LYS A 65 5.61 -4.01 0.69
N LEU A 66 5.12 -4.99 -0.06
CA LEU A 66 5.52 -6.37 0.14
C LEU A 66 5.98 -6.99 -1.18
N ASP A 67 6.89 -7.97 -1.08
CA ASP A 67 7.41 -8.65 -2.27
C ASP A 67 6.76 -10.02 -2.44
N VAL A 68 6.12 -10.22 -3.59
CA VAL A 68 5.45 -11.48 -3.88
C VAL A 68 6.45 -12.62 -3.92
N ASP A 69 7.67 -12.33 -4.38
CA ASP A 69 8.72 -13.33 -4.47
C ASP A 69 8.87 -14.09 -3.15
N ALA A 70 8.68 -13.39 -2.04
CA ALA A 70 8.78 -14.00 -0.72
C ALA A 70 7.40 -14.32 -0.15
N ASN A 71 6.43 -13.47 -0.47
CA ASN A 71 5.06 -13.66 0.01
C ASN A 71 4.08 -13.78 -1.16
N PRO A 72 4.20 -14.89 -1.91
CA PRO A 72 3.33 -15.15 -3.07
C PRO A 72 1.90 -15.46 -2.66
N GLU A 73 1.74 -16.12 -1.51
CA GLU A 73 0.43 -16.47 -1.01
C GLU A 73 -0.44 -15.23 -0.82
N ALA A 74 0.15 -14.19 -0.26
CA ALA A 74 -0.56 -12.94 -0.02
C ALA A 74 -1.20 -12.42 -1.31
N ALA A 75 -0.41 -12.38 -2.38
CA ALA A 75 -0.91 -11.91 -3.67
C ALA A 75 -2.19 -12.62 -4.06
N ARG A 76 -2.08 -13.92 -4.35
CA ARG A 76 -3.23 -14.72 -4.74
C ARG A 76 -4.38 -14.54 -3.75
N ASP A 77 -4.03 -14.35 -2.48
CA ASP A 77 -5.03 -14.16 -1.44
C ASP A 77 -6.03 -13.09 -1.82
N PHE A 78 -5.56 -12.06 -2.53
CA PHE A 78 -6.42 -10.97 -2.97
C PHE A 78 -6.59 -10.98 -4.47
N GLN A 79 -6.44 -12.15 -5.07
CA GLN A 79 -6.58 -12.30 -6.53
C GLN A 79 -5.77 -11.24 -7.25
N VAL A 80 -4.49 -11.53 -7.48
CA VAL A 80 -3.60 -10.61 -8.16
C VAL A 80 -3.31 -11.08 -9.59
N VAL A 81 -3.83 -10.34 -10.57
CA VAL A 81 -3.61 -10.68 -11.97
C VAL A 81 -2.27 -10.19 -12.46
N SER A 82 -2.07 -8.88 -12.40
CA SER A 82 -0.81 -8.27 -12.84
C SER A 82 0.19 -8.17 -11.69
N ILE A 83 1.46 -8.11 -12.03
CA ILE A 83 2.52 -8.01 -11.02
C ILE A 83 2.35 -6.75 -10.18
N PRO A 84 2.35 -5.58 -10.85
CA PRO A 84 2.20 -4.29 -10.17
C PRO A 84 0.79 -4.08 -9.62
N THR A 85 0.46 -4.83 -8.58
CA THR A 85 -0.86 -4.74 -7.95
C THR A 85 -0.78 -3.97 -6.64
N MET A 86 -1.69 -3.02 -6.45
CA MET A 86 -1.73 -2.22 -5.24
C MET A 86 -3.14 -2.18 -4.66
N ILE A 87 -3.24 -2.19 -3.34
CA ILE A 87 -4.52 -2.14 -2.66
C ILE A 87 -4.56 -1.04 -1.61
N LEU A 88 -5.46 -0.07 -1.80
CA LEU A 88 -5.60 1.03 -0.86
C LEU A 88 -6.57 0.68 0.25
N PHE A 89 -6.03 0.43 1.44
CA PHE A 89 -6.86 0.09 2.59
C PHE A 89 -7.26 1.34 3.37
N LYS A 90 -8.17 1.16 4.33
CA LYS A 90 -8.64 2.28 5.14
C LYS A 90 -9.40 1.78 6.36
N GLY A 91 -8.69 1.61 7.46
CA GLY A 91 -9.31 1.13 8.69
C GLY A 91 -9.38 -0.38 8.76
N GLY A 92 -8.30 -1.04 8.34
CA GLY A 92 -8.26 -2.49 8.36
C GLY A 92 -9.22 -3.11 7.37
N THR A 93 -9.38 -2.46 6.21
CA THR A 93 -10.27 -2.95 5.17
C THR A 93 -9.94 -2.35 3.82
N PRO A 94 -9.89 -3.19 2.78
CA PRO A 94 -9.57 -2.75 1.41
C PRO A 94 -10.69 -1.93 0.80
N VAL A 95 -10.66 -0.62 1.04
CA VAL A 95 -11.66 0.29 0.51
C VAL A 95 -11.54 0.44 -1.00
N LYS A 96 -10.29 0.42 -1.49
CA LYS A 96 -10.03 0.56 -2.92
C LYS A 96 -8.90 -0.37 -3.35
N ARG A 97 -8.70 -0.48 -4.66
CA ARG A 97 -7.65 -1.34 -5.19
C ARG A 97 -7.24 -0.88 -6.59
N ILE A 98 -5.95 -0.58 -6.76
CA ILE A 98 -5.43 -0.12 -8.04
C ILE A 98 -4.28 -1.00 -8.51
N VAL A 99 -4.31 -1.42 -9.77
CA VAL A 99 -3.27 -2.26 -10.33
C VAL A 99 -2.80 -1.73 -11.67
N GLY A 100 -1.49 -1.71 -11.88
CA GLY A 100 -0.94 -1.22 -13.13
C GLY A 100 0.13 -0.16 -12.92
N ALA A 101 1.20 -0.24 -13.69
CA ALA A 101 2.29 0.72 -13.60
C ALA A 101 2.11 1.86 -14.59
N LYS A 102 1.34 2.87 -14.20
CA LYS A 102 1.10 4.02 -15.06
C LYS A 102 1.65 5.30 -14.43
N GLY A 103 1.48 6.41 -15.14
CA GLY A 103 1.97 7.69 -14.63
C GLY A 103 1.30 8.09 -13.33
N LYS A 104 1.54 9.33 -12.91
CA LYS A 104 0.95 9.86 -11.69
C LYS A 104 -0.50 10.29 -11.91
N ALA A 105 -0.75 10.93 -13.04
CA ALA A 105 -2.09 11.40 -13.38
C ALA A 105 -3.05 10.22 -13.53
N ALA A 106 -2.53 9.09 -13.99
CA ALA A 106 -3.35 7.90 -14.18
C ALA A 106 -3.48 7.12 -12.88
N LEU A 107 -2.35 6.68 -12.33
CA LEU A 107 -2.34 5.92 -11.09
C LEU A 107 -3.15 6.63 -10.02
N LEU A 108 -3.11 7.96 -10.03
CA LEU A 108 -3.83 8.75 -9.05
C LEU A 108 -5.34 8.68 -9.30
N ARG A 109 -5.76 9.13 -10.49
CA ARG A 109 -7.17 9.11 -10.84
C ARG A 109 -7.75 7.71 -10.70
N GLU A 110 -6.93 6.69 -10.95
CA GLU A 110 -7.37 5.31 -10.84
C GLU A 110 -7.97 5.03 -9.47
N ILE A 111 -7.58 5.82 -8.48
CA ILE A 111 -8.07 5.67 -7.13
C ILE A 111 -9.38 6.43 -6.93
N GLU A 112 -9.31 7.75 -6.97
CA GLU A 112 -10.50 8.59 -6.79
C GLU A 112 -11.60 8.16 -7.75
N ASP A 113 -11.26 8.00 -9.02
CA ASP A 113 -12.22 7.59 -10.03
C ASP A 113 -12.90 6.28 -9.65
N ALA A 114 -12.14 5.40 -9.00
CA ALA A 114 -12.66 4.11 -8.57
C ALA A 114 -13.60 4.26 -7.38
N LEU A 115 -13.29 5.22 -6.51
CA LEU A 115 -14.09 5.47 -5.32
C LEU A 115 -15.53 5.81 -5.71
N MET A 1 12.74 -8.98 21.53
CA MET A 1 13.04 -8.96 22.96
C MET A 1 13.38 -7.55 23.42
N ALA A 2 12.55 -6.59 23.03
CA ALA A 2 12.77 -5.19 23.41
C ALA A 2 11.44 -4.49 23.71
N HIS A 3 11.44 -3.64 24.73
CA HIS A 3 10.24 -2.91 25.12
C HIS A 3 10.20 -1.53 24.46
N HIS A 4 11.34 -0.85 24.47
CA HIS A 4 11.44 0.48 23.87
C HIS A 4 11.78 0.38 22.38
N HIS A 5 11.14 1.22 21.58
CA HIS A 5 11.39 1.23 20.15
C HIS A 5 10.77 2.47 19.49
N HIS A 6 11.43 2.97 18.45
CA HIS A 6 10.95 4.16 17.75
C HIS A 6 10.67 3.84 16.28
N HIS A 7 10.27 2.60 16.01
CA HIS A 7 9.97 2.16 14.66
C HIS A 7 8.74 2.88 14.11
N HIS A 8 7.77 3.11 14.99
CA HIS A 8 6.53 3.78 14.61
C HIS A 8 6.83 5.09 13.89
N MET A 9 7.89 5.78 14.34
CA MET A 9 8.27 7.05 13.75
C MET A 9 8.41 6.92 12.23
N SER A 10 8.91 5.78 11.78
CA SER A 10 9.09 5.54 10.36
C SER A 10 7.77 5.64 9.61
N GLY A 11 7.75 6.46 8.56
CA GLY A 11 6.54 6.64 7.78
C GLY A 11 6.10 5.36 7.10
N THR A 12 6.41 5.23 5.82
CA THR A 12 6.04 4.05 5.05
C THR A 12 6.69 2.80 5.62
N VAL A 13 5.89 1.96 6.25
CA VAL A 13 6.39 0.72 6.84
C VAL A 13 5.35 -0.39 6.75
N THR A 14 5.82 -1.63 6.62
CA THR A 14 4.94 -2.78 6.53
C THR A 14 4.30 -3.10 7.88
N VAL A 15 2.97 -3.20 7.89
CA VAL A 15 2.24 -3.50 9.12
C VAL A 15 2.03 -5.00 9.28
N THR A 16 2.09 -5.47 10.52
CA THR A 16 1.91 -6.89 10.81
C THR A 16 0.54 -7.38 10.35
N ASP A 17 0.33 -8.69 10.41
CA ASP A 17 -0.94 -9.27 10.00
C ASP A 17 -1.98 -9.15 11.11
N SER A 18 -1.58 -9.52 12.32
CA SER A 18 -2.49 -9.45 13.47
C SER A 18 -2.81 -8.00 13.82
N THR A 19 -1.77 -7.21 14.02
CA THR A 19 -1.94 -5.80 14.37
C THR A 19 -2.72 -5.06 13.30
N PHE A 20 -2.78 -5.64 12.10
CA PHE A 20 -3.49 -5.03 10.99
C PHE A 20 -4.91 -4.67 11.39
N LYS A 21 -5.48 -5.45 12.31
CA LYS A 21 -6.84 -5.21 12.79
C LYS A 21 -6.90 -3.97 13.68
N THR A 22 -5.82 -3.73 14.42
CA THR A 22 -5.74 -2.57 15.30
C THR A 22 -5.13 -1.37 14.59
N ASP A 23 -4.47 -1.63 13.47
CA ASP A 23 -3.83 -0.57 12.69
C ASP A 23 -4.77 -0.05 11.62
N VAL A 24 -5.00 -0.86 10.59
CA VAL A 24 -5.89 -0.48 9.49
C VAL A 24 -7.34 -0.47 9.94
N LEU A 25 -7.90 -1.64 10.19
CA LEU A 25 -9.28 -1.76 10.63
C LEU A 25 -9.63 -0.66 11.62
N ASP A 26 -8.92 -0.64 12.74
CA ASP A 26 -9.16 0.37 13.78
C ASP A 26 -9.16 1.77 13.18
N SER A 27 -8.01 2.20 12.67
CA SER A 27 -7.87 3.52 12.07
C SER A 27 -8.91 3.74 10.98
N ASP A 28 -9.27 4.99 10.75
CA ASP A 28 -10.26 5.34 9.73
C ASP A 28 -9.58 5.73 8.43
N THR A 29 -8.42 6.39 8.54
CA THR A 29 -7.68 6.84 7.38
C THR A 29 -7.49 5.70 6.38
N PRO A 30 -7.59 6.03 5.08
CA PRO A 30 -7.43 5.05 4.01
C PRO A 30 -5.99 4.55 3.88
N VAL A 31 -5.82 3.23 3.91
CA VAL A 31 -4.49 2.63 3.80
C VAL A 31 -4.23 2.17 2.38
N LEU A 32 -3.08 2.58 1.83
CA LEU A 32 -2.71 2.20 0.47
C LEU A 32 -1.65 1.10 0.49
N VAL A 33 -2.06 -0.11 0.12
CA VAL A 33 -1.16 -1.24 0.08
C VAL A 33 -0.61 -1.47 -1.32
N ASP A 34 0.64 -1.93 -1.40
CA ASP A 34 1.28 -2.18 -2.68
C ASP A 34 1.91 -3.58 -2.71
N PHE A 35 1.35 -4.46 -3.52
CA PHE A 35 1.85 -5.82 -3.62
C PHE A 35 2.77 -5.97 -4.83
N TRP A 36 4.07 -5.89 -4.60
CA TRP A 36 5.05 -6.01 -5.66
C TRP A 36 6.36 -6.59 -5.14
N ALA A 37 7.41 -6.52 -5.96
CA ALA A 37 8.72 -7.03 -5.57
C ALA A 37 9.21 -6.39 -4.28
N ASP A 38 10.50 -6.54 -4.00
CA ASP A 38 11.09 -5.96 -2.79
C ASP A 38 11.32 -4.47 -2.96
N TRP A 39 10.75 -3.89 -4.02
CA TRP A 39 10.90 -2.47 -4.29
C TRP A 39 12.26 -2.18 -4.91
N CYS A 40 12.29 -2.14 -6.24
CA CYS A 40 13.54 -1.86 -6.96
C CYS A 40 13.26 -1.58 -8.43
N GLY A 41 12.74 -2.58 -9.13
CA GLY A 41 12.44 -2.41 -10.54
C GLY A 41 11.13 -1.68 -10.78
N PRO A 42 10.01 -2.37 -10.48
CA PRO A 42 8.67 -1.79 -10.64
C PRO A 42 8.38 -0.67 -9.65
N CYS A 43 9.29 -0.50 -8.69
CA CYS A 43 9.13 0.54 -7.67
C CYS A 43 9.78 1.84 -8.12
N LYS A 44 10.79 1.74 -8.98
CA LYS A 44 11.49 2.90 -9.49
C LYS A 44 10.55 3.83 -10.25
N MET A 45 9.53 3.24 -10.86
CA MET A 45 8.54 4.00 -11.62
C MET A 45 7.41 4.48 -10.71
N VAL A 46 6.98 3.61 -9.80
CA VAL A 46 5.90 3.94 -8.88
C VAL A 46 6.45 4.48 -7.57
N ALA A 47 7.67 5.01 -7.62
CA ALA A 47 8.31 5.57 -6.42
C ALA A 47 7.79 6.97 -6.13
N PRO A 48 8.00 7.90 -7.08
CA PRO A 48 7.56 9.28 -6.94
C PRO A 48 6.04 9.42 -7.00
N VAL A 49 5.44 8.78 -8.01
CA VAL A 49 3.99 8.84 -8.19
C VAL A 49 3.27 8.51 -6.89
N LEU A 50 3.88 7.66 -6.07
CA LEU A 50 3.30 7.26 -4.80
C LEU A 50 3.27 8.43 -3.82
N GLU A 51 4.35 9.22 -3.81
CA GLU A 51 4.44 10.37 -2.92
C GLU A 51 3.39 11.41 -3.27
N GLU A 52 3.11 11.56 -4.57
CA GLU A 52 2.13 12.53 -5.03
C GLU A 52 0.75 12.22 -4.43
N ILE A 53 0.16 11.11 -4.86
CA ILE A 53 -1.15 10.70 -4.37
C ILE A 53 -1.20 10.73 -2.85
N ALA A 54 -0.12 10.29 -2.21
CA ALA A 54 -0.04 10.27 -0.75
C ALA A 54 -0.36 11.64 -0.17
N ASN A 55 0.12 12.69 -0.83
CA ASN A 55 -0.11 14.05 -0.37
C ASN A 55 -1.46 14.57 -0.88
N GLU A 56 -1.83 14.16 -2.08
CA GLU A 56 -3.10 14.59 -2.67
C GLU A 56 -4.27 14.07 -1.87
N LYS A 57 -4.14 12.86 -1.34
CA LYS A 57 -5.20 12.24 -0.54
C LYS A 57 -5.39 12.98 0.77
N SER A 58 -4.44 12.80 1.69
CA SER A 58 -4.51 13.45 2.99
C SER A 58 -3.14 14.02 3.38
N GLY A 59 -3.05 14.55 4.59
CA GLY A 59 -1.81 15.12 5.07
C GLY A 59 -0.93 14.11 5.77
N THR A 60 -1.56 13.17 6.46
CA THR A 60 -0.84 12.13 7.18
C THR A 60 -1.50 10.77 7.02
N LEU A 61 -1.85 10.43 5.77
CA LEU A 61 -2.48 9.15 5.48
C LEU A 61 -1.56 8.00 5.81
N LYS A 62 -2.06 6.78 5.66
CA LYS A 62 -1.29 5.57 5.94
C LYS A 62 -0.75 4.97 4.64
N VAL A 63 0.48 4.46 4.70
CA VAL A 63 1.12 3.85 3.53
C VAL A 63 2.02 2.70 3.94
N ALA A 64 1.87 1.56 3.27
CA ALA A 64 2.69 0.39 3.56
C ALA A 64 2.83 -0.50 2.33
N LYS A 65 4.03 -1.00 2.11
CA LYS A 65 4.31 -1.87 0.96
C LYS A 65 4.65 -3.28 1.42
N LEU A 66 4.51 -4.25 0.52
CA LEU A 66 4.82 -5.64 0.83
C LEU A 66 5.61 -6.29 -0.29
N ASP A 67 6.58 -7.12 0.08
CA ASP A 67 7.41 -7.82 -0.91
C ASP A 67 6.84 -9.20 -1.23
N VAL A 68 6.39 -9.37 -2.46
CA VAL A 68 5.82 -10.65 -2.89
C VAL A 68 6.85 -11.76 -2.77
N ASP A 69 8.11 -11.44 -3.02
CA ASP A 69 9.19 -12.42 -2.94
C ASP A 69 9.18 -13.12 -1.58
N ALA A 70 8.84 -12.37 -0.54
CA ALA A 70 8.80 -12.90 0.81
C ALA A 70 7.39 -13.32 1.20
N ASN A 71 6.41 -12.55 0.73
CA ASN A 71 5.01 -12.84 1.02
C ASN A 71 4.23 -13.13 -0.26
N PRO A 72 4.54 -14.28 -0.88
CA PRO A 72 3.89 -14.71 -2.13
C PRO A 72 2.43 -15.12 -1.90
N GLU A 73 2.15 -15.66 -0.72
CA GLU A 73 0.80 -16.09 -0.38
C GLU A 73 -0.15 -14.90 -0.28
N ALA A 74 0.32 -13.83 0.35
CA ALA A 74 -0.49 -12.62 0.50
C ALA A 74 -1.05 -12.17 -0.83
N ALA A 75 -0.17 -11.98 -1.81
CA ALA A 75 -0.58 -11.54 -3.14
C ALA A 75 -1.62 -12.47 -3.73
N ARG A 76 -1.25 -13.75 -3.89
CA ARG A 76 -2.15 -14.75 -4.45
C ARG A 76 -3.49 -14.75 -3.70
N ASP A 77 -3.44 -14.48 -2.41
CA ASP A 77 -4.64 -14.44 -1.59
C ASP A 77 -5.66 -13.46 -2.16
N PHE A 78 -5.17 -12.36 -2.71
CA PHE A 78 -6.04 -11.34 -3.29
C PHE A 78 -6.10 -11.48 -4.81
N GLN A 79 -5.76 -12.68 -5.30
CA GLN A 79 -5.78 -12.94 -6.73
C GLN A 79 -5.06 -11.85 -7.50
N VAL A 80 -3.73 -11.93 -7.52
CA VAL A 80 -2.91 -10.95 -8.23
C VAL A 80 -2.37 -11.51 -9.53
N VAL A 81 -2.28 -10.67 -10.56
CA VAL A 81 -1.77 -11.08 -11.85
C VAL A 81 -0.39 -10.49 -12.13
N SER A 82 -0.36 -9.18 -12.38
CA SER A 82 0.89 -8.49 -12.66
C SER A 82 1.64 -8.18 -11.37
N ILE A 83 2.94 -7.97 -11.48
CA ILE A 83 3.78 -7.67 -10.32
C ILE A 83 3.31 -6.38 -9.64
N PRO A 84 3.30 -5.29 -10.41
CA PRO A 84 2.87 -3.98 -9.89
C PRO A 84 1.37 -3.92 -9.62
N THR A 85 0.96 -4.60 -8.56
CA THR A 85 -0.46 -4.63 -8.18
C THR A 85 -0.69 -3.86 -6.88
N MET A 86 -1.62 -2.92 -6.92
CA MET A 86 -1.95 -2.12 -5.74
C MET A 86 -3.42 -2.24 -5.39
N ILE A 87 -3.76 -1.95 -4.13
CA ILE A 87 -5.13 -2.03 -3.66
C ILE A 87 -5.42 -0.95 -2.63
N LEU A 88 -6.41 -0.11 -2.93
CA LEU A 88 -6.79 0.97 -2.03
C LEU A 88 -7.72 0.46 -0.93
N PHE A 89 -7.21 0.42 0.29
CA PHE A 89 -7.99 -0.05 1.44
C PHE A 89 -8.57 1.13 2.22
N LYS A 90 -9.46 0.83 3.16
CA LYS A 90 -10.10 1.86 3.97
C LYS A 90 -10.79 1.24 5.17
N GLY A 91 -10.22 1.43 6.35
CA GLY A 91 -10.80 0.89 7.57
C GLY A 91 -10.74 -0.63 7.62
N GLY A 92 -9.66 -1.19 7.09
CA GLY A 92 -9.50 -2.64 7.07
C GLY A 92 -10.41 -3.31 6.08
N THR A 93 -10.54 -2.71 4.90
CA THR A 93 -11.40 -3.27 3.85
C THR A 93 -11.03 -2.69 2.48
N PRO A 94 -10.92 -3.58 1.49
CA PRO A 94 -10.58 -3.19 0.12
C PRO A 94 -11.70 -2.41 -0.56
N VAL A 95 -11.52 -1.10 -0.65
CA VAL A 95 -12.52 -0.24 -1.28
C VAL A 95 -12.23 -0.06 -2.77
N LYS A 96 -10.95 -0.07 -3.12
CA LYS A 96 -10.54 0.09 -4.51
C LYS A 96 -9.41 -0.87 -4.86
N ARG A 97 -9.08 -0.96 -6.14
CA ARG A 97 -8.02 -1.84 -6.60
C ARG A 97 -7.45 -1.35 -7.92
N ILE A 98 -6.15 -1.01 -7.92
CA ILE A 98 -5.49 -0.53 -9.12
C ILE A 98 -4.25 -1.36 -9.43
N VAL A 99 -4.05 -1.67 -10.71
CA VAL A 99 -2.90 -2.46 -11.13
C VAL A 99 -2.46 -2.06 -12.53
N GLY A 100 -1.13 -1.92 -12.71
CA GLY A 100 -0.60 -1.54 -14.00
C GLY A 100 0.71 -0.78 -13.89
N ALA A 101 0.89 -0.08 -12.76
CA ALA A 101 2.10 0.68 -12.54
C ALA A 101 2.23 1.81 -13.55
N LYS A 102 1.41 2.84 -13.42
CA LYS A 102 1.44 3.98 -14.31
C LYS A 102 1.77 5.27 -13.57
N GLY A 103 1.93 6.35 -14.31
CA GLY A 103 2.24 7.63 -13.69
C GLY A 103 1.19 8.08 -12.71
N LYS A 104 1.47 9.18 -12.01
CA LYS A 104 0.54 9.71 -11.02
C LYS A 104 -0.71 10.27 -11.70
N ALA A 105 -0.50 11.01 -12.79
CA ALA A 105 -1.61 11.60 -13.53
C ALA A 105 -2.59 10.53 -14.01
N ALA A 106 -2.06 9.34 -14.26
CA ALA A 106 -2.89 8.23 -14.72
C ALA A 106 -3.43 7.41 -13.55
N LEU A 107 -2.51 6.87 -12.74
CA LEU A 107 -2.90 6.07 -11.58
C LEU A 107 -3.95 6.79 -10.75
N LEU A 108 -3.75 8.08 -10.53
CA LEU A 108 -4.68 8.89 -9.75
C LEU A 108 -6.11 8.70 -10.25
N ARG A 109 -6.28 8.70 -11.57
CA ARG A 109 -7.59 8.53 -12.18
C ARG A 109 -8.07 7.08 -12.03
N GLU A 110 -7.14 6.15 -12.16
CA GLU A 110 -7.47 4.73 -12.05
C GLU A 110 -8.27 4.45 -10.79
N ILE A 111 -8.11 5.31 -9.79
CA ILE A 111 -8.83 5.16 -8.53
C ILE A 111 -10.20 5.82 -8.60
N GLU A 112 -10.21 7.16 -8.64
CA GLU A 112 -11.45 7.91 -8.72
C GLU A 112 -12.33 7.41 -9.86
N ASP A 113 -11.74 7.32 -11.04
CA ASP A 113 -12.48 6.85 -12.23
C ASP A 113 -13.09 5.48 -11.97
N ALA A 114 -12.40 4.66 -11.19
CA ALA A 114 -12.87 3.32 -10.87
C ALA A 114 -14.07 3.38 -9.92
N LEU A 115 -14.05 4.34 -9.02
CA LEU A 115 -15.12 4.51 -8.04
C LEU A 115 -16.48 4.61 -8.73
N MET A 1 11.61 -3.76 25.03
CA MET A 1 10.54 -4.67 25.41
C MET A 1 9.21 -3.93 25.48
N ALA A 2 8.97 -3.08 24.49
CA ALA A 2 7.72 -2.31 24.45
C ALA A 2 6.62 -3.10 23.76
N HIS A 3 5.38 -2.86 24.17
CA HIS A 3 4.23 -3.54 23.60
C HIS A 3 3.63 -2.74 22.45
N HIS A 4 3.44 -1.45 22.66
CA HIS A 4 2.88 -0.57 21.64
C HIS A 4 3.94 0.39 21.11
N HIS A 5 3.85 0.71 19.83
CA HIS A 5 4.81 1.62 19.19
C HIS A 5 4.16 2.36 18.02
N HIS A 6 4.10 3.68 18.11
CA HIS A 6 3.50 4.49 17.06
C HIS A 6 4.57 5.35 16.37
N HIS A 7 5.51 5.85 17.16
CA HIS A 7 6.58 6.69 16.64
C HIS A 7 7.27 6.01 15.45
N HIS A 8 7.83 4.83 15.69
CA HIS A 8 8.52 4.08 14.65
C HIS A 8 7.62 3.93 13.42
N MET A 9 6.33 3.76 13.65
CA MET A 9 5.38 3.60 12.56
C MET A 9 5.52 4.73 11.54
N SER A 10 5.80 5.93 12.03
CA SER A 10 5.96 7.09 11.15
C SER A 10 7.02 6.82 10.09
N GLY A 11 6.60 6.89 8.82
CA GLY A 11 7.53 6.66 7.73
C GLY A 11 7.22 5.36 6.99
N THR A 12 7.80 5.22 5.79
CA THR A 12 7.59 4.03 4.98
C THR A 12 8.06 2.77 5.72
N VAL A 13 7.11 1.90 6.04
CA VAL A 13 7.42 0.65 6.74
C VAL A 13 6.44 -0.45 6.36
N THR A 14 6.95 -1.68 6.28
CA THR A 14 6.12 -2.83 5.93
C THR A 14 5.40 -3.38 7.15
N VAL A 15 4.08 -3.52 7.04
CA VAL A 15 3.27 -4.03 8.14
C VAL A 15 3.06 -5.53 8.00
N THR A 16 3.40 -6.28 9.05
CA THR A 16 3.24 -7.73 9.04
C THR A 16 1.78 -8.13 8.82
N ASP A 17 1.56 -9.40 8.51
CA ASP A 17 0.20 -9.90 8.29
C ASP A 17 -0.61 -9.90 9.58
N SER A 18 -0.01 -10.44 10.65
CA SER A 18 -0.68 -10.50 11.93
C SER A 18 -0.85 -9.10 12.53
N THR A 19 0.25 -8.37 12.61
CA THR A 19 0.23 -7.01 13.16
C THR A 19 -0.70 -6.11 12.36
N PHE A 20 -1.01 -6.53 11.14
CA PHE A 20 -1.89 -5.75 10.27
C PHE A 20 -3.19 -5.39 11.00
N LYS A 21 -3.61 -6.26 11.91
CA LYS A 21 -4.83 -6.04 12.67
C LYS A 21 -4.64 -4.93 13.71
N THR A 22 -3.42 -4.83 14.23
CA THR A 22 -3.10 -3.82 15.23
C THR A 22 -2.57 -2.55 14.58
N ASP A 23 -2.15 -2.67 13.32
CA ASP A 23 -1.62 -1.53 12.58
C ASP A 23 -2.72 -0.85 11.76
N VAL A 24 -3.17 -1.52 10.71
CA VAL A 24 -4.22 -0.99 9.85
C VAL A 24 -5.56 -0.98 10.57
N LEU A 25 -6.13 -2.17 10.78
CA LEU A 25 -7.41 -2.29 11.45
C LEU A 25 -7.50 -1.33 12.63
N ASP A 26 -6.59 -1.47 13.59
CA ASP A 26 -6.57 -0.61 14.76
C ASP A 26 -6.62 0.86 14.35
N SER A 27 -5.57 1.32 13.67
CA SER A 27 -5.49 2.70 13.23
C SER A 27 -6.74 3.10 12.47
N ASP A 28 -6.95 4.41 12.32
CA ASP A 28 -8.11 4.93 11.61
C ASP A 28 -7.71 5.46 10.23
N THR A 29 -6.58 6.15 10.18
CA THR A 29 -6.08 6.71 8.93
C THR A 29 -6.04 5.66 7.83
N PRO A 30 -6.00 6.12 6.57
CA PRO A 30 -5.96 5.23 5.41
C PRO A 30 -4.62 4.52 5.27
N VAL A 31 -4.65 3.30 4.75
CA VAL A 31 -3.44 2.51 4.57
C VAL A 31 -3.26 2.10 3.11
N LEU A 32 -2.20 2.60 2.49
CA LEU A 32 -1.93 2.28 1.08
C LEU A 32 -0.79 1.27 0.97
N VAL A 33 -1.14 0.03 0.65
CA VAL A 33 -0.14 -1.04 0.50
C VAL A 33 0.06 -1.41 -0.96
N ASP A 34 1.31 -1.55 -1.37
CA ASP A 34 1.63 -1.91 -2.75
C ASP A 34 1.96 -3.39 -2.85
N PHE A 35 0.98 -4.18 -3.28
CA PHE A 35 1.17 -5.63 -3.42
C PHE A 35 1.83 -5.96 -4.75
N TRP A 36 3.16 -5.98 -4.75
CA TRP A 36 3.92 -6.30 -5.96
C TRP A 36 5.27 -6.91 -5.61
N ALA A 37 6.14 -7.03 -6.61
CA ALA A 37 7.46 -7.61 -6.41
C ALA A 37 8.26 -6.81 -5.40
N ASP A 38 9.58 -6.87 -5.50
CA ASP A 38 10.47 -6.16 -4.60
C ASP A 38 10.54 -4.68 -4.96
N TRP A 39 9.68 -4.26 -5.89
CA TRP A 39 9.64 -2.87 -6.33
C TRP A 39 11.06 -2.32 -6.50
N CYS A 40 11.81 -2.90 -7.43
CA CYS A 40 13.18 -2.47 -7.69
C CYS A 40 13.37 -2.12 -9.16
N GLY A 41 12.88 -2.98 -10.04
CA GLY A 41 13.00 -2.74 -11.46
C GLY A 41 11.96 -1.77 -11.99
N PRO A 42 10.69 -2.20 -11.98
CA PRO A 42 9.58 -1.37 -12.46
C PRO A 42 9.28 -0.21 -11.53
N CYS A 43 9.62 -0.36 -10.25
CA CYS A 43 9.40 0.68 -9.27
C CYS A 43 9.95 2.01 -9.75
N LYS A 44 11.00 1.96 -10.55
CA LYS A 44 11.63 3.16 -11.09
C LYS A 44 10.58 4.07 -11.73
N MET A 45 9.53 3.47 -12.26
CA MET A 45 8.46 4.23 -12.91
C MET A 45 7.39 4.63 -11.90
N VAL A 46 7.12 3.74 -10.95
CA VAL A 46 6.12 4.01 -9.92
C VAL A 46 6.76 4.61 -8.67
N ALA A 47 7.93 5.21 -8.85
CA ALA A 47 8.65 5.85 -7.74
C ALA A 47 7.92 7.10 -7.28
N PRO A 48 7.75 8.07 -8.18
CA PRO A 48 7.08 9.33 -7.88
C PRO A 48 5.58 9.15 -7.65
N VAL A 49 4.94 8.39 -8.54
CA VAL A 49 3.51 8.13 -8.43
C VAL A 49 3.16 7.54 -7.08
N LEU A 50 3.87 6.50 -6.67
CA LEU A 50 3.63 5.86 -5.39
C LEU A 50 3.65 6.87 -4.25
N GLU A 51 4.47 7.91 -4.41
CA GLU A 51 4.57 8.96 -3.40
C GLU A 51 3.47 9.99 -3.56
N GLU A 52 3.10 10.26 -4.81
CA GLU A 52 2.06 11.24 -5.11
C GLU A 52 0.79 10.94 -4.31
N ILE A 53 0.21 9.77 -4.54
CA ILE A 53 -1.00 9.36 -3.85
C ILE A 53 -0.85 9.53 -2.34
N ALA A 54 0.37 9.33 -1.84
CA ALA A 54 0.65 9.47 -0.42
C ALA A 54 0.39 10.88 0.06
N ASN A 55 0.78 11.86 -0.76
CA ASN A 55 0.60 13.28 -0.42
C ASN A 55 -0.84 13.71 -0.71
N GLU A 56 -1.41 13.17 -1.77
CA GLU A 56 -2.77 13.51 -2.16
C GLU A 56 -3.77 13.10 -1.07
N LYS A 57 -3.54 11.93 -0.48
CA LYS A 57 -4.41 11.43 0.57
C LYS A 57 -4.30 12.29 1.83
N SER A 58 -3.18 12.18 2.52
CA SER A 58 -2.95 12.95 3.75
C SER A 58 -1.49 13.35 3.87
N GLY A 59 -1.14 13.95 5.01
CA GLY A 59 0.23 14.37 5.24
C GLY A 59 1.03 13.33 6.00
N THR A 60 0.37 12.64 6.93
CA THR A 60 1.03 11.62 7.73
C THR A 60 0.31 10.27 7.61
N LEU A 61 -0.20 10.00 6.41
CA LEU A 61 -0.90 8.74 6.16
C LEU A 61 0.03 7.55 6.33
N LYS A 62 -0.46 6.37 5.96
CA LYS A 62 0.34 5.15 6.07
C LYS A 62 0.73 4.64 4.68
N VAL A 63 2.04 4.55 4.44
CA VAL A 63 2.54 4.06 3.16
C VAL A 63 3.46 2.87 3.36
N ALA A 64 3.02 1.70 2.90
CA ALA A 64 3.81 0.48 3.02
C ALA A 64 3.88 -0.25 1.68
N LYS A 65 4.92 -1.06 1.52
CA LYS A 65 5.12 -1.83 0.28
C LYS A 65 5.61 -3.24 0.59
N LEU A 66 4.86 -4.23 0.13
CA LEU A 66 5.23 -5.62 0.36
C LEU A 66 5.82 -6.25 -0.90
N ASP A 67 6.63 -7.29 -0.73
CA ASP A 67 7.25 -7.97 -1.86
C ASP A 67 6.70 -9.38 -2.01
N VAL A 68 5.82 -9.57 -2.98
CA VAL A 68 5.22 -10.87 -3.23
C VAL A 68 6.28 -11.95 -3.35
N ASP A 69 7.45 -11.58 -3.86
CA ASP A 69 8.55 -12.51 -4.03
C ASP A 69 8.81 -13.29 -2.74
N ALA A 70 8.63 -12.62 -1.61
CA ALA A 70 8.83 -13.24 -0.31
C ALA A 70 7.51 -13.55 0.37
N ASN A 71 6.51 -12.69 0.13
CA ASN A 71 5.20 -12.88 0.73
C ASN A 71 4.13 -13.01 -0.35
N PRO A 72 4.13 -14.15 -1.05
CA PRO A 72 3.16 -14.42 -2.12
C PRO A 72 1.75 -14.63 -1.59
N GLU A 73 1.65 -15.19 -0.38
CA GLU A 73 0.36 -15.44 0.24
C GLU A 73 -0.51 -14.18 0.23
N ALA A 74 0.14 -13.03 0.37
CA ALA A 74 -0.57 -11.76 0.39
C ALA A 74 -1.14 -11.43 -0.99
N ALA A 75 -0.32 -11.60 -2.02
CA ALA A 75 -0.73 -11.33 -3.39
C ALA A 75 -1.99 -12.12 -3.74
N ARG A 76 -1.86 -13.44 -3.79
CA ARG A 76 -2.99 -14.31 -4.11
C ARG A 76 -4.20 -13.98 -3.25
N ASP A 77 -3.95 -13.56 -2.02
CA ASP A 77 -5.02 -13.20 -1.09
C ASP A 77 -5.99 -12.22 -1.73
N PHE A 78 -5.44 -11.24 -2.45
CA PHE A 78 -6.26 -10.24 -3.12
C PHE A 78 -6.46 -10.58 -4.59
N GLN A 79 -6.26 -11.85 -4.93
CA GLN A 79 -6.41 -12.30 -6.30
C GLN A 79 -5.69 -11.37 -7.27
N VAL A 80 -4.37 -11.54 -7.36
CA VAL A 80 -3.55 -10.71 -8.25
C VAL A 80 -3.11 -11.51 -9.48
N VAL A 81 -3.10 -10.84 -10.64
CA VAL A 81 -2.70 -11.48 -11.87
C VAL A 81 -1.42 -10.85 -12.43
N SER A 82 -1.29 -9.54 -12.24
CA SER A 82 -0.12 -8.82 -12.72
C SER A 82 0.80 -8.44 -11.56
N ILE A 83 2.09 -8.33 -11.85
CA ILE A 83 3.08 -7.98 -10.84
C ILE A 83 2.71 -6.67 -10.14
N PRO A 84 2.58 -5.60 -10.92
CA PRO A 84 2.23 -4.28 -10.41
C PRO A 84 0.79 -4.21 -9.91
N THR A 85 0.62 -4.33 -8.60
CA THR A 85 -0.71 -4.29 -8.00
C THR A 85 -0.69 -3.55 -6.67
N MET A 86 -1.69 -2.70 -6.44
CA MET A 86 -1.78 -1.94 -5.21
C MET A 86 -3.22 -1.91 -4.69
N ILE A 87 -3.38 -2.21 -3.41
CA ILE A 87 -4.70 -2.22 -2.79
C ILE A 87 -4.89 -1.03 -1.86
N LEU A 88 -5.75 -0.10 -2.25
CA LEU A 88 -6.02 1.09 -1.45
C LEU A 88 -6.98 0.77 -0.31
N PHE A 89 -6.43 0.59 0.89
CA PHE A 89 -7.25 0.28 2.06
C PHE A 89 -7.69 1.55 2.77
N LYS A 90 -8.60 1.41 3.73
CA LYS A 90 -9.10 2.55 4.48
C LYS A 90 -9.86 2.08 5.73
N GLY A 91 -9.13 1.94 6.83
CA GLY A 91 -9.75 1.51 8.07
C GLY A 91 -9.87 0.00 8.16
N GLY A 92 -8.83 -0.70 7.70
CA GLY A 92 -8.84 -2.15 7.75
C GLY A 92 -9.85 -2.76 6.80
N THR A 93 -9.94 -2.19 5.60
CA THR A 93 -10.87 -2.68 4.59
C THR A 93 -10.49 -2.20 3.19
N PRO A 94 -10.45 -3.13 2.23
CA PRO A 94 -10.10 -2.82 0.85
C PRO A 94 -11.17 -2.00 0.15
N VAL A 95 -11.10 -0.67 0.30
CA VAL A 95 -12.06 0.23 -0.33
C VAL A 95 -11.83 0.32 -1.84
N LYS A 96 -10.58 0.21 -2.24
CA LYS A 96 -10.22 0.28 -3.66
C LYS A 96 -9.09 -0.69 -3.99
N ARG A 97 -8.82 -0.86 -5.28
CA ARG A 97 -7.77 -1.77 -5.73
C ARG A 97 -7.30 -1.40 -7.14
N ILE A 98 -6.15 -0.76 -7.23
CA ILE A 98 -5.59 -0.36 -8.51
C ILE A 98 -4.30 -1.12 -8.81
N VAL A 99 -4.22 -1.64 -10.03
CA VAL A 99 -3.03 -2.38 -10.45
C VAL A 99 -2.49 -1.86 -11.77
N GLY A 100 -1.16 -1.81 -11.88
CA GLY A 100 -0.53 -1.32 -13.09
C GLY A 100 0.50 -0.25 -12.82
N ALA A 101 1.59 -0.27 -13.57
CA ALA A 101 2.67 0.70 -13.41
C ALA A 101 2.51 1.86 -14.39
N LYS A 102 1.77 2.89 -14.00
CA LYS A 102 1.56 4.05 -14.83
C LYS A 102 2.01 5.33 -14.14
N GLY A 103 1.77 6.47 -14.78
CA GLY A 103 2.16 7.74 -14.21
C GLY A 103 1.28 8.14 -13.05
N LYS A 104 1.50 9.35 -12.53
CA LYS A 104 0.71 9.86 -11.41
C LYS A 104 -0.71 10.19 -11.85
N ALA A 105 -0.83 10.88 -12.98
CA ALA A 105 -2.14 11.25 -13.51
C ALA A 105 -2.96 10.02 -13.85
N ALA A 106 -2.29 8.90 -14.06
CA ALA A 106 -2.96 7.65 -14.40
C ALA A 106 -3.27 6.84 -13.14
N LEU A 107 -2.23 6.48 -12.40
CA LEU A 107 -2.40 5.71 -11.17
C LEU A 107 -3.39 6.38 -10.23
N LEU A 108 -3.43 7.71 -10.28
CA LEU A 108 -4.32 8.48 -9.43
C LEU A 108 -5.77 8.36 -9.91
N ARG A 109 -6.01 8.77 -11.14
CA ARG A 109 -7.34 8.71 -11.73
C ARG A 109 -7.93 7.30 -11.59
N GLU A 110 -7.05 6.30 -11.69
CA GLU A 110 -7.48 4.91 -11.59
C GLU A 110 -8.21 4.66 -10.27
N ILE A 111 -7.91 5.48 -9.27
CA ILE A 111 -8.54 5.35 -7.96
C ILE A 111 -9.88 6.07 -7.92
N GLU A 112 -9.84 7.40 -8.04
CA GLU A 112 -11.05 8.20 -8.02
C GLU A 112 -12.07 7.69 -9.04
N ASP A 113 -11.60 7.47 -10.27
CA ASP A 113 -12.46 6.98 -11.34
C ASP A 113 -13.17 5.70 -10.93
N ALA A 114 -12.48 4.88 -10.12
CA ALA A 114 -13.06 3.61 -9.66
C ALA A 114 -14.12 3.87 -8.60
N LEU A 115 -13.91 4.88 -7.77
CA LEU A 115 -14.86 5.22 -6.72
C LEU A 115 -16.23 5.56 -7.30
N MET A 1 4.33 -9.95 19.13
CA MET A 1 5.36 -9.69 20.14
C MET A 1 5.86 -8.26 20.06
N ALA A 2 4.92 -7.32 19.90
CA ALA A 2 5.28 -5.90 19.81
C ALA A 2 4.48 -5.08 20.81
N HIS A 3 5.09 -4.79 21.95
CA HIS A 3 4.43 -4.00 23.00
C HIS A 3 4.85 -2.53 22.91
N HIS A 4 6.15 -2.30 22.85
CA HIS A 4 6.67 -0.93 22.77
C HIS A 4 7.60 -0.79 21.56
N HIS A 5 7.20 0.05 20.62
CA HIS A 5 8.00 0.29 19.41
C HIS A 5 7.77 1.70 18.88
N HIS A 6 8.45 2.03 17.78
CA HIS A 6 8.33 3.35 17.18
C HIS A 6 7.49 3.28 15.90
N HIS A 7 6.55 2.33 15.86
CA HIS A 7 5.69 2.17 14.70
C HIS A 7 4.97 3.47 14.35
N HIS A 8 4.61 4.22 15.39
CA HIS A 8 3.91 5.50 15.19
C HIS A 8 4.80 6.48 14.43
N MET A 9 6.09 6.45 14.71
CA MET A 9 7.04 7.33 14.05
C MET A 9 7.35 6.86 12.64
N SER A 10 7.47 5.54 12.48
CA SER A 10 7.77 4.96 11.17
C SER A 10 6.75 5.40 10.13
N GLY A 11 7.25 5.93 9.02
CA GLY A 11 6.39 6.39 7.95
C GLY A 11 6.06 5.31 6.94
N THR A 12 6.50 5.50 5.70
CA THR A 12 6.24 4.53 4.65
C THR A 12 7.06 3.26 4.87
N VAL A 13 6.41 2.22 5.40
CA VAL A 13 7.08 0.96 5.66
C VAL A 13 6.09 -0.20 5.60
N THR A 14 6.62 -1.41 5.48
CA THR A 14 5.79 -2.61 5.42
C THR A 14 5.24 -2.97 6.80
N VAL A 15 3.93 -3.14 6.88
CA VAL A 15 3.28 -3.49 8.13
C VAL A 15 3.12 -5.00 8.27
N THR A 16 3.42 -5.52 9.46
CA THR A 16 3.31 -6.95 9.72
C THR A 16 1.88 -7.44 9.50
N ASP A 17 1.70 -8.75 9.64
CA ASP A 17 0.37 -9.35 9.46
C ASP A 17 -0.47 -9.20 10.73
N SER A 18 0.11 -9.55 11.87
CA SER A 18 -0.58 -9.45 13.14
C SER A 18 -0.83 -7.99 13.52
N THR A 19 0.25 -7.21 13.55
CA THR A 19 0.15 -5.79 13.89
C THR A 19 -0.80 -5.06 12.95
N PHE A 20 -1.05 -5.66 11.79
CA PHE A 20 -1.95 -5.06 10.81
C PHE A 20 -3.28 -4.65 11.45
N LYS A 21 -3.68 -5.41 12.47
CA LYS A 21 -4.94 -5.13 13.17
C LYS A 21 -4.82 -3.87 14.02
N THR A 22 -3.62 -3.64 14.57
CA THR A 22 -3.38 -2.47 15.39
C THR A 22 -2.87 -1.30 14.56
N ASP A 23 -2.43 -1.60 13.34
CA ASP A 23 -1.92 -0.56 12.44
C ASP A 23 -3.03 -0.04 11.53
N VAL A 24 -3.45 -0.88 10.59
CA VAL A 24 -4.50 -0.50 9.65
C VAL A 24 -5.86 -0.44 10.34
N LEU A 25 -6.38 -1.60 10.71
CA LEU A 25 -7.67 -1.68 11.38
C LEU A 25 -7.82 -0.55 12.41
N ASP A 26 -6.92 -0.52 13.38
CA ASP A 26 -6.94 0.50 14.41
C ASP A 26 -7.03 1.90 13.80
N SER A 27 -6.02 2.27 13.03
CA SER A 27 -5.98 3.58 12.38
C SER A 27 -7.26 3.83 11.60
N ASP A 28 -7.61 5.10 11.45
CA ASP A 28 -8.81 5.48 10.71
C ASP A 28 -8.46 5.96 9.31
N THR A 29 -7.36 6.69 9.20
CA THR A 29 -6.90 7.22 7.92
C THR A 29 -6.82 6.11 6.88
N PRO A 30 -6.83 6.50 5.59
CA PRO A 30 -6.76 5.56 4.47
C PRO A 30 -5.38 4.92 4.35
N VAL A 31 -5.35 3.59 4.38
CA VAL A 31 -4.10 2.85 4.27
C VAL A 31 -3.86 2.39 2.84
N LEU A 32 -2.70 2.76 2.29
CA LEU A 32 -2.34 2.39 0.93
C LEU A 32 -1.31 1.27 0.93
N VAL A 33 -1.78 0.04 0.72
CA VAL A 33 -0.90 -1.13 0.68
C VAL A 33 -0.49 -1.46 -0.74
N ASP A 34 0.80 -1.74 -0.93
CA ASP A 34 1.32 -2.08 -2.25
C ASP A 34 1.82 -3.52 -2.28
N PHE A 35 0.99 -4.41 -2.82
CA PHE A 35 1.35 -5.82 -2.91
C PHE A 35 2.04 -6.13 -4.23
N TRP A 36 3.36 -6.01 -4.24
CA TRP A 36 4.13 -6.27 -5.45
C TRP A 36 5.51 -6.84 -5.09
N ALA A 37 6.39 -6.92 -6.09
CA ALA A 37 7.73 -7.44 -5.89
C ALA A 37 8.50 -6.58 -4.89
N ASP A 38 9.82 -6.60 -5.02
CA ASP A 38 10.68 -5.81 -4.13
C ASP A 38 10.67 -4.33 -4.51
N TRP A 39 9.77 -3.98 -5.43
CA TRP A 39 9.65 -2.59 -5.88
C TRP A 39 11.03 -1.98 -6.10
N CYS A 40 11.75 -2.49 -7.09
CA CYS A 40 13.09 -1.98 -7.40
C CYS A 40 13.21 -1.61 -8.88
N GLY A 41 12.70 -2.49 -9.74
CA GLY A 41 12.76 -2.25 -11.16
C GLY A 41 11.66 -1.32 -11.64
N PRO A 42 10.41 -1.79 -11.58
CA PRO A 42 9.24 -1.00 -12.00
C PRO A 42 8.96 0.16 -11.05
N CYS A 43 9.28 -0.03 -9.78
CA CYS A 43 9.05 1.00 -8.78
C CYS A 43 9.74 2.30 -9.16
N LYS A 44 10.78 2.20 -9.99
CA LYS A 44 11.52 3.37 -10.44
C LYS A 44 10.58 4.43 -10.99
N MET A 45 9.55 4.00 -11.71
CA MET A 45 8.59 4.91 -12.29
C MET A 45 7.42 5.16 -11.33
N VAL A 46 7.13 4.16 -10.50
CA VAL A 46 6.05 4.26 -9.53
C VAL A 46 6.56 4.78 -8.19
N ALA A 47 7.70 5.45 -8.22
CA ALA A 47 8.30 6.00 -7.00
C ALA A 47 7.64 7.31 -6.61
N PRO A 48 7.72 8.31 -7.50
CA PRO A 48 7.13 9.64 -7.27
C PRO A 48 5.60 9.60 -7.30
N VAL A 49 5.05 8.95 -8.31
CA VAL A 49 3.61 8.84 -8.47
C VAL A 49 2.96 8.36 -7.17
N LEU A 50 3.69 7.56 -6.40
CA LEU A 50 3.19 7.04 -5.15
C LEU A 50 3.05 8.15 -4.10
N GLU A 51 4.01 9.07 -4.09
CA GLU A 51 4.00 10.18 -3.16
C GLU A 51 2.93 11.20 -3.54
N GLU A 52 2.69 11.33 -4.84
CA GLU A 52 1.69 12.29 -5.33
C GLU A 52 0.37 12.12 -4.60
N ILE A 53 -0.19 10.91 -4.66
CA ILE A 53 -1.46 10.62 -4.00
C ILE A 53 -1.42 11.06 -2.54
N ALA A 54 -0.25 10.99 -1.93
CA ALA A 54 -0.08 11.38 -0.54
C ALA A 54 -0.40 12.86 -0.34
N ASN A 55 0.25 13.70 -1.14
CA ASN A 55 0.06 15.15 -1.05
C ASN A 55 -1.37 15.51 -1.46
N GLU A 56 -1.92 14.78 -2.43
CA GLU A 56 -3.27 15.04 -2.91
C GLU A 56 -4.29 14.80 -1.81
N LYS A 57 -4.02 13.82 -0.95
CA LYS A 57 -4.92 13.51 0.15
C LYS A 57 -4.52 14.27 1.42
N SER A 58 -3.43 13.83 2.06
CA SER A 58 -2.95 14.46 3.27
C SER A 58 -1.62 13.84 3.72
N GLY A 59 -1.08 14.35 4.82
CA GLY A 59 0.17 13.85 5.34
C GLY A 59 -0.01 12.99 6.57
N THR A 60 -1.11 12.25 6.62
CA THR A 60 -1.41 11.37 7.75
C THR A 60 -1.50 9.92 7.32
N LEU A 61 -2.02 9.69 6.12
CA LEU A 61 -2.16 8.34 5.59
C LEU A 61 -0.84 7.59 5.67
N LYS A 62 -0.89 6.27 5.42
CA LYS A 62 0.30 5.44 5.48
C LYS A 62 0.51 4.71 4.15
N VAL A 63 1.76 4.46 3.81
CA VAL A 63 2.09 3.76 2.58
C VAL A 63 2.97 2.54 2.84
N ALA A 64 2.36 1.36 2.83
CA ALA A 64 3.09 0.12 3.06
C ALA A 64 3.42 -0.59 1.76
N LYS A 65 4.63 -1.11 1.67
CA LYS A 65 5.07 -1.82 0.46
C LYS A 65 5.79 -3.12 0.83
N LEU A 66 5.17 -4.24 0.52
CA LEU A 66 5.75 -5.55 0.81
C LEU A 66 6.22 -6.23 -0.48
N ASP A 67 7.11 -7.21 -0.31
CA ASP A 67 7.64 -7.94 -1.46
C ASP A 67 7.02 -9.32 -1.56
N VAL A 68 6.34 -9.58 -2.68
CA VAL A 68 5.69 -10.87 -2.90
C VAL A 68 6.71 -12.00 -2.94
N ASP A 69 7.90 -11.71 -3.45
CA ASP A 69 8.96 -12.70 -3.54
C ASP A 69 9.18 -13.39 -2.20
N ALA A 70 9.02 -12.64 -1.12
CA ALA A 70 9.19 -13.18 0.22
C ALA A 70 7.85 -13.53 0.85
N ASN A 71 6.83 -12.72 0.55
CA ASN A 71 5.50 -12.94 1.09
C ASN A 71 4.49 -13.15 -0.04
N PRO A 72 4.62 -14.27 -0.76
CA PRO A 72 3.73 -14.61 -1.87
C PRO A 72 2.32 -14.96 -1.40
N GLU A 73 2.23 -15.58 -0.22
CA GLU A 73 0.94 -15.97 0.34
C GLU A 73 -0.02 -14.78 0.37
N ALA A 74 0.44 -13.68 0.94
CA ALA A 74 -0.38 -12.47 1.03
C ALA A 74 -0.93 -12.08 -0.34
N ALA A 75 -0.08 -12.09 -1.35
CA ALA A 75 -0.48 -11.75 -2.70
C ALA A 75 -1.71 -12.53 -3.13
N ARG A 76 -1.52 -13.83 -3.35
CA ARG A 76 -2.62 -14.70 -3.77
C ARG A 76 -3.82 -14.54 -2.84
N ASP A 77 -3.55 -14.26 -1.57
CA ASP A 77 -4.61 -14.07 -0.58
C ASP A 77 -5.65 -13.08 -1.07
N PHE A 78 -5.17 -11.96 -1.63
CA PHE A 78 -6.06 -10.92 -2.13
C PHE A 78 -6.29 -11.09 -3.63
N GLN A 79 -6.02 -12.29 -4.14
CA GLN A 79 -6.20 -12.57 -5.56
C GLN A 79 -5.56 -11.49 -6.42
N VAL A 80 -4.24 -11.48 -6.47
CA VAL A 80 -3.51 -10.50 -7.25
C VAL A 80 -3.07 -11.09 -8.60
N VAL A 81 -3.33 -10.34 -9.67
CA VAL A 81 -2.96 -10.78 -11.01
C VAL A 81 -1.55 -10.34 -11.37
N SER A 82 -1.39 -9.05 -11.65
CA SER A 82 -0.09 -8.49 -12.01
C SER A 82 0.77 -8.29 -10.77
N ILE A 83 2.08 -8.22 -10.97
CA ILE A 83 3.02 -8.03 -9.88
C ILE A 83 2.84 -6.66 -9.22
N PRO A 84 2.98 -5.59 -10.02
CA PRO A 84 2.83 -4.22 -9.55
C PRO A 84 1.38 -3.88 -9.20
N THR A 85 0.90 -4.45 -8.10
CA THR A 85 -0.47 -4.21 -7.66
C THR A 85 -0.50 -3.46 -6.33
N MET A 86 -1.41 -2.50 -6.22
CA MET A 86 -1.54 -1.71 -5.00
C MET A 86 -3.00 -1.56 -4.60
N ILE A 87 -3.36 -2.17 -3.48
CA ILE A 87 -4.73 -2.11 -2.97
C ILE A 87 -4.93 -0.91 -2.05
N LEU A 88 -5.95 -0.12 -2.34
CA LEU A 88 -6.26 1.06 -1.53
C LEU A 88 -7.26 0.73 -0.43
N PHE A 89 -6.76 0.65 0.81
CA PHE A 89 -7.61 0.33 1.95
C PHE A 89 -8.14 1.61 2.59
N LYS A 90 -9.08 1.45 3.52
CA LYS A 90 -9.67 2.59 4.21
C LYS A 90 -10.43 2.13 5.46
N GLY A 91 -9.74 2.11 6.59
CA GLY A 91 -10.38 1.70 7.84
C GLY A 91 -10.28 0.20 8.06
N GLY A 92 -9.16 -0.39 7.65
CA GLY A 92 -8.98 -1.82 7.82
C GLY A 92 -9.88 -2.63 6.91
N THR A 93 -10.07 -2.16 5.69
CA THR A 93 -10.92 -2.84 4.73
C THR A 93 -10.62 -2.38 3.30
N PRO A 94 -10.49 -3.35 2.38
CA PRO A 94 -10.21 -3.07 0.97
C PRO A 94 -11.39 -2.40 0.26
N VAL A 95 -11.25 -1.12 -0.02
CA VAL A 95 -12.29 -0.37 -0.71
C VAL A 95 -12.07 -0.34 -2.22
N LYS A 96 -10.81 -0.33 -2.62
CA LYS A 96 -10.44 -0.31 -4.03
C LYS A 96 -9.08 -0.95 -4.25
N ARG A 97 -8.75 -1.18 -5.52
CA ARG A 97 -7.46 -1.79 -5.87
C ARG A 97 -7.03 -1.38 -7.27
N ILE A 98 -5.78 -0.95 -7.39
CA ILE A 98 -5.24 -0.52 -8.68
C ILE A 98 -3.95 -1.28 -9.01
N VAL A 99 -3.79 -1.62 -10.30
CA VAL A 99 -2.61 -2.34 -10.75
C VAL A 99 -2.28 -1.99 -12.19
N GLY A 100 -0.98 -1.91 -12.49
CA GLY A 100 -0.55 -1.59 -13.84
C GLY A 100 0.76 -0.83 -13.86
N ALA A 101 1.04 -0.10 -12.78
CA ALA A 101 2.27 0.67 -12.68
C ALA A 101 2.34 1.74 -13.77
N LYS A 102 1.53 2.78 -13.63
CA LYS A 102 1.50 3.87 -14.60
C LYS A 102 1.87 5.19 -13.94
N GLY A 103 1.86 6.26 -14.73
CA GLY A 103 2.20 7.57 -14.21
C GLY A 103 1.28 8.01 -13.10
N LYS A 104 1.53 9.19 -12.55
CA LYS A 104 0.72 9.72 -11.46
C LYS A 104 -0.67 10.13 -11.97
N ALA A 105 -0.72 10.65 -13.18
CA ALA A 105 -1.98 11.07 -13.78
C ALA A 105 -2.89 9.87 -14.05
N ALA A 106 -2.28 8.73 -14.36
CA ALA A 106 -3.04 7.52 -14.64
C ALA A 106 -3.34 6.76 -13.35
N LEU A 107 -2.29 6.42 -12.61
CA LEU A 107 -2.43 5.69 -11.36
C LEU A 107 -3.43 6.37 -10.44
N LEU A 108 -3.47 7.70 -10.50
CA LEU A 108 -4.39 8.48 -9.67
C LEU A 108 -5.83 8.30 -10.14
N ARG A 109 -6.09 8.65 -11.39
CA ARG A 109 -7.42 8.52 -11.96
C ARG A 109 -7.93 7.08 -11.85
N GLU A 110 -7.01 6.13 -11.95
CA GLU A 110 -7.37 4.71 -11.87
C GLU A 110 -8.16 4.44 -10.59
N ILE A 111 -7.95 5.28 -9.58
CA ILE A 111 -8.63 5.12 -8.30
C ILE A 111 -10.01 5.78 -8.34
N GLU A 112 -10.01 7.11 -8.40
CA GLU A 112 -11.26 7.86 -8.44
C GLU A 112 -12.18 7.33 -9.54
N ASP A 113 -11.64 7.18 -10.74
CA ASP A 113 -12.42 6.69 -11.87
C ASP A 113 -13.08 5.36 -11.53
N ALA A 114 -12.40 4.54 -10.73
CA ALA A 114 -12.92 3.25 -10.34
C ALA A 114 -14.05 3.39 -9.32
N LEU A 115 -13.92 4.38 -8.45
CA LEU A 115 -14.93 4.64 -7.42
C LEU A 115 -16.28 4.93 -8.05
N MET A 1 5.70 -10.67 18.88
CA MET A 1 5.17 -9.37 18.46
C MET A 1 4.71 -8.56 19.67
N ALA A 2 5.04 -7.28 19.68
CA ALA A 2 4.65 -6.40 20.77
C ALA A 2 3.98 -5.14 20.25
N HIS A 3 3.03 -4.61 21.03
CA HIS A 3 2.31 -3.40 20.65
C HIS A 3 3.10 -2.15 21.01
N HIS A 4 3.38 -1.98 22.30
CA HIS A 4 4.14 -0.83 22.78
C HIS A 4 5.51 -0.77 22.12
N HIS A 5 5.67 0.15 21.17
CA HIS A 5 6.94 0.30 20.46
C HIS A 5 7.06 1.70 19.87
N HIS A 6 8.27 2.07 19.46
CA HIS A 6 8.51 3.37 18.87
C HIS A 6 8.85 3.25 17.38
N HIS A 7 8.28 2.23 16.74
CA HIS A 7 8.52 2.01 15.31
C HIS A 7 7.44 2.69 14.47
N HIS A 8 6.64 3.53 15.10
CA HIS A 8 5.58 4.24 14.41
C HIS A 8 6.13 5.44 13.65
N MET A 9 7.14 6.10 14.22
CA MET A 9 7.76 7.25 13.59
C MET A 9 8.31 6.89 12.20
N SER A 10 8.84 5.68 12.09
CA SER A 10 9.40 5.22 10.82
C SER A 10 8.39 5.38 9.69
N GLY A 11 8.85 5.97 8.58
CA GLY A 11 7.97 6.18 7.43
C GLY A 11 7.50 4.88 6.82
N THR A 12 8.01 4.57 5.64
CA THR A 12 7.63 3.35 4.94
C THR A 12 8.00 2.11 5.75
N VAL A 13 6.97 1.38 6.20
CA VAL A 13 7.18 0.18 6.99
C VAL A 13 6.06 -0.84 6.76
N THR A 14 6.42 -2.12 6.77
CA THR A 14 5.44 -3.18 6.56
C THR A 14 4.70 -3.50 7.86
N VAL A 15 3.38 -3.49 7.79
CA VAL A 15 2.55 -3.78 8.96
C VAL A 15 2.18 -5.26 9.02
N THR A 16 2.37 -5.87 10.18
CA THR A 16 2.06 -7.28 10.36
C THR A 16 0.59 -7.57 10.09
N ASP A 17 0.20 -8.83 10.20
CA ASP A 17 -1.18 -9.23 9.97
C ASP A 17 -2.05 -8.94 11.19
N SER A 18 -1.59 -9.39 12.36
CA SER A 18 -2.32 -9.19 13.61
C SER A 18 -2.32 -7.71 14.00
N THR A 19 -1.14 -7.12 14.06
CA THR A 19 -0.99 -5.72 14.42
C THR A 19 -1.78 -4.82 13.48
N PHE A 20 -2.10 -5.35 12.30
CA PHE A 20 -2.85 -4.60 11.30
C PHE A 20 -4.12 -4.00 11.91
N LYS A 21 -4.68 -4.69 12.89
CA LYS A 21 -5.89 -4.22 13.55
C LYS A 21 -5.60 -3.04 14.45
N THR A 22 -4.39 -3.01 15.03
CA THR A 22 -3.99 -1.93 15.92
C THR A 22 -3.29 -0.82 15.13
N ASP A 23 -2.86 -1.14 13.92
CA ASP A 23 -2.18 -0.17 13.07
C ASP A 23 -3.16 0.53 12.14
N VAL A 24 -3.67 -0.21 11.16
CA VAL A 24 -4.62 0.34 10.20
C VAL A 24 -5.97 0.60 10.85
N LEU A 25 -6.67 -0.47 11.19
CA LEU A 25 -7.98 -0.35 11.83
C LEU A 25 -7.98 0.76 12.88
N ASP A 26 -7.13 0.61 13.89
CA ASP A 26 -7.02 1.59 14.95
C ASP A 26 -6.89 3.00 14.37
N SER A 27 -5.80 3.23 13.65
CA SER A 27 -5.54 4.54 13.05
C SER A 27 -6.77 5.04 12.30
N ASP A 28 -7.50 4.12 11.70
CA ASP A 28 -8.71 4.47 10.95
C ASP A 28 -8.38 5.43 9.81
N THR A 29 -7.18 5.30 9.26
CA THR A 29 -6.74 6.15 8.17
C THR A 29 -6.46 5.33 6.91
N PRO A 30 -6.45 6.01 5.75
CA PRO A 30 -6.20 5.36 4.46
C PRO A 30 -4.75 4.90 4.32
N VAL A 31 -4.56 3.59 4.29
CA VAL A 31 -3.23 3.01 4.16
C VAL A 31 -2.98 2.51 2.74
N LEU A 32 -2.00 3.10 2.07
CA LEU A 32 -1.67 2.71 0.70
C LEU A 32 -0.82 1.45 0.69
N VAL A 33 -1.44 0.32 0.38
CA VAL A 33 -0.73 -0.95 0.33
C VAL A 33 -0.18 -1.21 -1.07
N ASP A 34 1.06 -1.71 -1.12
CA ASP A 34 1.71 -2.01 -2.39
C ASP A 34 2.13 -3.47 -2.45
N PHE A 35 1.32 -4.29 -3.13
CA PHE A 35 1.60 -5.70 -3.26
C PHE A 35 2.30 -6.00 -4.60
N TRP A 36 3.63 -5.95 -4.58
CA TRP A 36 4.41 -6.20 -5.78
C TRP A 36 5.78 -6.77 -5.43
N ALA A 37 6.66 -6.83 -6.43
CA ALA A 37 8.01 -7.35 -6.21
C ALA A 37 8.77 -6.52 -5.19
N ASP A 38 10.09 -6.53 -5.27
CA ASP A 38 10.93 -5.78 -4.36
C ASP A 38 10.95 -4.30 -4.71
N TRP A 39 10.07 -3.92 -5.65
CA TRP A 39 9.99 -2.53 -6.09
C TRP A 39 11.38 -1.91 -6.23
N CYS A 40 12.16 -2.43 -7.17
CA CYS A 40 13.51 -1.93 -7.39
C CYS A 40 13.69 -1.52 -8.86
N GLY A 41 13.20 -2.36 -9.77
CA GLY A 41 13.33 -2.07 -11.19
C GLY A 41 12.25 -1.11 -11.67
N PRO A 42 10.99 -1.60 -11.71
CA PRO A 42 9.86 -0.80 -12.16
C PRO A 42 9.50 0.31 -11.18
N CYS A 43 9.84 0.10 -9.91
CA CYS A 43 9.56 1.09 -8.88
C CYS A 43 10.04 2.48 -9.29
N LYS A 44 11.11 2.50 -10.09
CA LYS A 44 11.68 3.77 -10.55
C LYS A 44 10.59 4.64 -11.19
N MET A 45 9.59 4.00 -11.78
CA MET A 45 8.49 4.71 -12.42
C MET A 45 7.37 4.99 -11.44
N VAL A 46 7.11 4.03 -10.55
CA VAL A 46 6.05 4.17 -9.55
C VAL A 46 6.61 4.74 -8.25
N ALA A 47 7.74 5.43 -8.35
CA ALA A 47 8.38 6.03 -7.18
C ALA A 47 7.68 7.34 -6.79
N PRO A 48 7.70 8.31 -7.71
CA PRO A 48 7.08 9.62 -7.49
C PRO A 48 5.55 9.54 -7.45
N VAL A 49 4.98 8.87 -8.43
CA VAL A 49 3.52 8.72 -8.51
C VAL A 49 2.95 8.22 -7.19
N LEU A 50 3.75 7.45 -6.46
CA LEU A 50 3.33 6.91 -5.18
C LEU A 50 3.23 8.01 -4.12
N GLU A 51 4.20 8.93 -4.15
CA GLU A 51 4.21 10.04 -3.21
C GLU A 51 3.09 11.03 -3.50
N GLU A 52 2.78 11.20 -4.78
CA GLU A 52 1.73 12.13 -5.19
C GLU A 52 0.44 11.85 -4.42
N ILE A 53 -0.19 10.72 -4.69
CA ILE A 53 -1.42 10.34 -4.03
C ILE A 53 -1.29 10.46 -2.52
N ALA A 54 -0.11 10.17 -2.00
CA ALA A 54 0.16 10.25 -0.57
C ALA A 54 -0.06 11.68 -0.05
N ASN A 55 0.34 12.66 -0.85
CA ASN A 55 0.19 14.06 -0.48
C ASN A 55 -1.21 14.57 -0.82
N GLU A 56 -1.75 14.08 -1.92
CA GLU A 56 -3.08 14.49 -2.36
C GLU A 56 -4.15 14.02 -1.37
N LYS A 57 -4.06 12.76 -0.96
CA LYS A 57 -5.02 12.18 -0.02
C LYS A 57 -4.94 12.90 1.33
N SER A 58 -3.86 12.66 2.07
CA SER A 58 -3.67 13.28 3.37
C SER A 58 -2.30 13.94 3.46
N GLY A 59 -2.03 14.57 4.60
CA GLY A 59 -0.76 15.23 4.80
C GLY A 59 0.39 14.26 4.92
N THR A 60 0.26 13.29 5.82
CA THR A 60 1.29 12.29 6.05
C THR A 60 0.68 10.93 6.35
N LEU A 61 -0.15 10.44 5.45
CA LEU A 61 -0.80 9.15 5.61
C LEU A 61 0.23 8.04 5.79
N LYS A 62 -0.24 6.81 5.92
CA LYS A 62 0.63 5.65 6.08
C LYS A 62 0.96 5.01 4.74
N VAL A 63 2.17 4.47 4.61
CA VAL A 63 2.58 3.82 3.37
C VAL A 63 3.42 2.57 3.67
N ALA A 64 2.97 1.43 3.14
CA ALA A 64 3.68 0.18 3.34
C ALA A 64 3.80 -0.59 2.03
N LYS A 65 4.95 -1.23 1.83
CA LYS A 65 5.20 -2.01 0.61
C LYS A 65 5.73 -3.39 0.95
N LEU A 66 5.27 -4.40 0.22
CA LEU A 66 5.70 -5.77 0.44
C LEU A 66 6.29 -6.37 -0.83
N ASP A 67 7.23 -7.29 -0.66
CA ASP A 67 7.88 -7.95 -1.79
C ASP A 67 7.35 -9.37 -1.97
N VAL A 68 6.49 -9.56 -2.98
CA VAL A 68 5.92 -10.86 -3.25
C VAL A 68 7.00 -11.93 -3.37
N ASP A 69 8.17 -11.53 -3.88
CA ASP A 69 9.28 -12.45 -4.04
C ASP A 69 9.56 -13.20 -2.74
N ALA A 70 9.37 -12.52 -1.62
CA ALA A 70 9.60 -13.12 -0.31
C ALA A 70 8.28 -13.50 0.36
N ASN A 71 7.26 -12.69 0.12
CA ASN A 71 5.93 -12.93 0.70
C ASN A 71 4.90 -13.15 -0.39
N PRO A 72 5.02 -14.26 -1.12
CA PRO A 72 4.10 -14.62 -2.20
C PRO A 72 2.72 -14.99 -1.68
N GLU A 73 2.68 -15.63 -0.51
CA GLU A 73 1.42 -16.05 0.09
C GLU A 73 0.45 -14.89 0.17
N ALA A 74 0.93 -13.74 0.63
CA ALA A 74 0.10 -12.55 0.76
C ALA A 74 -0.51 -12.16 -0.59
N ALA A 75 0.31 -12.22 -1.64
CA ALA A 75 -0.14 -11.88 -2.98
C ALA A 75 -1.36 -12.70 -3.37
N ARG A 76 -1.16 -14.00 -3.56
CA ARG A 76 -2.25 -14.89 -3.95
C ARG A 76 -3.45 -14.72 -3.02
N ASP A 77 -3.16 -14.40 -1.76
CA ASP A 77 -4.21 -14.22 -0.76
C ASP A 77 -5.29 -13.26 -1.27
N PHE A 78 -4.85 -12.24 -2.01
CA PHE A 78 -5.77 -11.25 -2.56
C PHE A 78 -5.91 -11.41 -4.08
N GLN A 79 -5.62 -12.62 -4.56
CA GLN A 79 -5.71 -12.90 -5.99
C GLN A 79 -5.00 -11.82 -6.80
N VAL A 80 -3.68 -11.77 -6.68
CA VAL A 80 -2.88 -10.78 -7.40
C VAL A 80 -2.49 -11.30 -8.78
N VAL A 81 -3.02 -10.66 -9.82
CA VAL A 81 -2.72 -11.05 -11.18
C VAL A 81 -1.36 -10.53 -11.62
N SER A 82 -1.25 -9.21 -11.75
CA SER A 82 -0.01 -8.58 -12.16
C SER A 82 0.90 -8.31 -10.96
N ILE A 83 2.18 -8.08 -11.23
CA ILE A 83 3.15 -7.82 -10.17
C ILE A 83 2.83 -6.51 -9.45
N PRO A 84 2.79 -5.41 -10.22
CA PRO A 84 2.51 -4.07 -9.69
C PRO A 84 1.05 -3.94 -9.24
N THR A 85 0.70 -4.62 -8.16
CA THR A 85 -0.66 -4.57 -7.63
C THR A 85 -0.72 -3.77 -6.33
N MET A 86 -1.15 -2.52 -6.43
CA MET A 86 -1.25 -1.65 -5.26
C MET A 86 -2.68 -1.58 -4.76
N ILE A 87 -2.90 -2.03 -3.53
CA ILE A 87 -4.24 -2.02 -2.93
C ILE A 87 -4.42 -0.80 -2.03
N LEU A 88 -5.54 -0.10 -2.22
CA LEU A 88 -5.84 1.08 -1.42
C LEU A 88 -6.75 0.73 -0.24
N PHE A 89 -6.17 0.66 0.95
CA PHE A 89 -6.93 0.33 2.16
C PHE A 89 -7.48 1.60 2.81
N LYS A 90 -8.39 1.41 3.75
CA LYS A 90 -9.00 2.54 4.46
C LYS A 90 -9.83 2.06 5.65
N GLY A 91 -9.45 2.49 6.84
CA GLY A 91 -10.17 2.09 8.04
C GLY A 91 -10.03 0.61 8.33
N GLY A 92 -8.89 0.04 7.96
CA GLY A 92 -8.66 -1.37 8.18
C GLY A 92 -9.48 -2.25 7.25
N THR A 93 -9.35 -2.00 5.95
CA THR A 93 -10.08 -2.78 4.95
C THR A 93 -9.78 -2.28 3.54
N PRO A 94 -9.63 -3.22 2.60
CA PRO A 94 -9.34 -2.89 1.20
C PRO A 94 -10.53 -2.25 0.50
N VAL A 95 -10.65 -0.94 0.64
CA VAL A 95 -11.74 -0.20 0.02
C VAL A 95 -11.66 -0.26 -1.50
N LYS A 96 -10.44 -0.29 -2.01
CA LYS A 96 -10.21 -0.35 -3.45
C LYS A 96 -8.87 -1.02 -3.76
N ARG A 97 -8.64 -1.31 -5.04
CA ARG A 97 -7.41 -1.96 -5.47
C ARG A 97 -7.07 -1.57 -6.90
N ILE A 98 -5.83 -1.16 -7.13
CA ILE A 98 -5.38 -0.76 -8.46
C ILE A 98 -4.08 -1.45 -8.83
N VAL A 99 -3.99 -1.95 -10.05
CA VAL A 99 -2.80 -2.64 -10.53
C VAL A 99 -2.29 -2.01 -11.82
N GLY A 100 -0.97 -1.91 -11.93
CA GLY A 100 -0.37 -1.33 -13.13
C GLY A 100 0.61 -0.23 -12.81
N ALA A 101 1.79 -0.30 -13.40
CA ALA A 101 2.83 0.70 -13.17
C ALA A 101 2.67 1.89 -14.13
N LYS A 102 1.64 2.68 -13.91
CA LYS A 102 1.37 3.85 -14.76
C LYS A 102 1.69 5.14 -14.01
N GLY A 103 1.64 6.25 -14.73
CA GLY A 103 1.93 7.54 -14.12
C GLY A 103 0.96 7.89 -13.01
N LYS A 104 1.23 8.99 -12.31
CA LYS A 104 0.38 9.42 -11.21
C LYS A 104 -1.05 9.66 -11.69
N ALA A 105 -1.18 10.34 -12.83
CA ALA A 105 -2.49 10.63 -13.40
C ALA A 105 -3.29 9.35 -13.61
N ALA A 106 -2.80 8.49 -14.49
CA ALA A 106 -3.48 7.23 -14.78
C ALA A 106 -3.75 6.44 -13.51
N LEU A 107 -2.69 6.14 -12.76
CA LEU A 107 -2.81 5.39 -11.51
C LEU A 107 -3.87 6.02 -10.60
N LEU A 108 -3.86 7.35 -10.52
CA LEU A 108 -4.81 8.07 -9.70
C LEU A 108 -6.23 7.86 -10.19
N ARG A 109 -6.47 8.17 -11.46
CA ARG A 109 -7.79 8.00 -12.07
C ARG A 109 -8.33 6.60 -11.81
N GLU A 110 -7.47 5.61 -11.96
CA GLU A 110 -7.86 4.22 -11.74
C GLU A 110 -8.56 4.05 -10.40
N ILE A 111 -8.23 4.93 -9.46
CA ILE A 111 -8.82 4.88 -8.13
C ILE A 111 -10.17 5.61 -8.09
N GLU A 112 -10.12 6.93 -8.23
CA GLU A 112 -11.32 7.74 -8.22
C GLU A 112 -12.36 7.20 -9.20
N ASP A 113 -11.91 6.95 -10.43
CA ASP A 113 -12.80 6.43 -11.47
C ASP A 113 -13.45 5.12 -11.03
N ALA A 114 -12.70 4.32 -10.26
CA ALA A 114 -13.20 3.04 -9.77
C ALA A 114 -14.23 3.25 -8.66
N LEU A 115 -13.98 4.24 -7.82
CA LEU A 115 -14.88 4.55 -6.71
C LEU A 115 -16.31 4.73 -7.20
N MET A 1 1.20 -9.30 22.94
CA MET A 1 1.72 -8.29 23.85
C MET A 1 2.57 -7.27 23.09
N ALA A 2 2.74 -6.09 23.69
CA ALA A 2 3.52 -5.03 23.08
C ALA A 2 4.71 -4.64 23.96
N HIS A 3 5.90 -5.06 23.55
CA HIS A 3 7.12 -4.76 24.30
C HIS A 3 7.84 -3.56 23.71
N HIS A 4 7.88 -3.49 22.38
CA HIS A 4 8.54 -2.38 21.69
C HIS A 4 7.51 -1.37 21.19
N HIS A 5 7.97 -0.13 21.00
CA HIS A 5 7.09 0.94 20.53
C HIS A 5 6.85 0.82 19.02
N HIS A 6 5.88 1.58 18.53
CA HIS A 6 5.55 1.55 17.10
C HIS A 6 5.78 2.92 16.47
N HIS A 7 5.47 3.97 17.22
CA HIS A 7 5.63 5.34 16.73
C HIS A 7 7.05 5.56 16.22
N HIS A 8 8.02 4.95 16.89
CA HIS A 8 9.43 5.07 16.50
C HIS A 8 9.62 4.69 15.04
N MET A 9 8.88 3.69 14.59
CA MET A 9 8.97 3.22 13.21
C MET A 9 7.85 3.82 12.36
N SER A 10 7.42 5.03 12.72
CA SER A 10 6.35 5.70 12.00
C SER A 10 6.84 6.18 10.63
N GLY A 11 6.10 5.81 9.58
CA GLY A 11 6.47 6.21 8.24
C GLY A 11 6.18 5.13 7.21
N THR A 12 6.37 5.46 5.93
CA THR A 12 6.12 4.51 4.86
C THR A 12 7.00 3.28 5.00
N VAL A 13 6.41 2.19 5.50
CA VAL A 13 7.14 0.95 5.69
C VAL A 13 6.21 -0.26 5.65
N THR A 14 6.78 -1.44 5.46
CA THR A 14 5.99 -2.67 5.40
C THR A 14 5.34 -2.97 6.74
N VAL A 15 4.02 -3.18 6.73
CA VAL A 15 3.28 -3.47 7.94
C VAL A 15 3.11 -4.98 8.13
N THR A 16 3.50 -5.47 9.31
CA THR A 16 3.40 -6.89 9.61
C THR A 16 1.95 -7.37 9.51
N ASP A 17 1.75 -8.67 9.76
CA ASP A 17 0.42 -9.25 9.69
C ASP A 17 -0.37 -8.96 10.97
N SER A 18 0.27 -9.19 12.11
CA SER A 18 -0.38 -8.98 13.40
C SER A 18 -0.53 -7.48 13.67
N THR A 19 0.57 -6.74 13.53
CA THR A 19 0.55 -5.30 13.77
C THR A 19 -0.43 -4.60 12.83
N PHE A 20 -0.79 -5.29 11.74
CA PHE A 20 -1.72 -4.73 10.76
C PHE A 20 -2.99 -4.22 11.45
N LYS A 21 -3.36 -4.87 12.55
CA LYS A 21 -4.55 -4.48 13.30
C LYS A 21 -4.32 -3.17 14.04
N THR A 22 -3.09 -2.94 14.48
CA THR A 22 -2.76 -1.72 15.20
C THR A 22 -2.26 -0.64 14.24
N ASP A 23 -1.90 -1.05 13.03
CA ASP A 23 -1.41 -0.11 12.03
C ASP A 23 -2.56 0.37 11.13
N VAL A 24 -3.06 -0.51 10.28
CA VAL A 24 -4.14 -0.17 9.38
C VAL A 24 -5.45 0.00 10.14
N LEU A 25 -5.99 -1.10 10.65
CA LEU A 25 -7.25 -1.06 11.40
C LEU A 25 -7.29 0.14 12.32
N ASP A 26 -6.34 0.21 13.25
CA ASP A 26 -6.26 1.32 14.19
C ASP A 26 -6.35 2.66 13.47
N SER A 27 -5.42 2.87 12.54
CA SER A 27 -5.38 4.12 11.78
C SER A 27 -6.74 4.42 11.16
N ASP A 28 -7.02 5.71 10.94
CA ASP A 28 -8.28 6.13 10.36
C ASP A 28 -8.11 6.46 8.88
N THR A 29 -7.09 7.28 8.57
CA THR A 29 -6.82 7.69 7.20
C THR A 29 -6.73 6.48 6.29
N PRO A 30 -6.90 6.71 4.98
CA PRO A 30 -6.84 5.65 3.97
C PRO A 30 -5.42 5.11 3.78
N VAL A 31 -5.24 3.82 4.03
CA VAL A 31 -3.95 3.18 3.88
C VAL A 31 -3.68 2.78 2.43
N LEU A 32 -2.43 2.93 2.00
CA LEU A 32 -2.04 2.60 0.64
C LEU A 32 -1.12 1.38 0.62
N VAL A 33 -1.62 0.27 0.07
CA VAL A 33 -0.84 -0.96 -0.01
C VAL A 33 -0.25 -1.14 -1.40
N ASP A 34 0.96 -1.66 -1.47
CA ASP A 34 1.63 -1.89 -2.74
C ASP A 34 2.26 -3.29 -2.78
N PHE A 35 1.57 -4.22 -3.43
CA PHE A 35 2.06 -5.60 -3.54
C PHE A 35 2.88 -5.77 -4.80
N TRP A 36 4.19 -5.54 -4.69
CA TRP A 36 5.09 -5.68 -5.83
C TRP A 36 6.43 -6.28 -5.40
N ALA A 37 7.40 -6.23 -6.29
CA ALA A 37 8.73 -6.77 -6.00
C ALA A 37 9.32 -6.13 -4.75
N ASP A 38 10.63 -6.30 -4.56
CA ASP A 38 11.31 -5.73 -3.41
C ASP A 38 11.56 -4.24 -3.60
N TRP A 39 10.93 -3.66 -4.61
CA TRP A 39 11.08 -2.24 -4.91
C TRP A 39 12.42 -1.97 -5.59
N CYS A 40 12.40 -1.93 -6.92
CA CYS A 40 13.61 -1.67 -7.69
C CYS A 40 13.27 -1.44 -9.16
N GLY A 41 12.77 -2.47 -9.83
CA GLY A 41 12.42 -2.34 -11.23
C GLY A 41 11.20 -1.48 -11.45
N PRO A 42 10.02 -1.99 -11.05
CA PRO A 42 8.75 -1.27 -11.19
C PRO A 42 8.65 -0.07 -10.26
N CYS A 43 9.11 -0.24 -9.02
CA CYS A 43 9.07 0.83 -8.04
C CYS A 43 9.71 2.10 -8.59
N LYS A 44 10.72 1.92 -9.44
CA LYS A 44 11.41 3.05 -10.04
C LYS A 44 10.47 3.89 -10.89
N MET A 45 9.51 3.22 -11.55
CA MET A 45 8.54 3.90 -12.39
C MET A 45 7.30 4.30 -11.59
N VAL A 46 6.92 3.45 -10.64
CA VAL A 46 5.76 3.71 -9.80
C VAL A 46 6.16 4.38 -8.49
N ALA A 47 7.32 5.04 -8.51
CA ALA A 47 7.81 5.73 -7.33
C ALA A 47 7.08 7.05 -7.12
N PRO A 48 7.18 7.95 -8.10
CA PRO A 48 6.52 9.27 -8.05
C PRO A 48 5.00 9.17 -8.16
N VAL A 49 4.54 8.41 -9.14
CA VAL A 49 3.11 8.23 -9.36
C VAL A 49 2.41 7.84 -8.07
N LEU A 50 3.13 7.13 -7.20
CA LEU A 50 2.57 6.69 -5.92
C LEU A 50 2.72 7.78 -4.86
N GLU A 51 3.91 8.37 -4.80
CA GLU A 51 4.17 9.43 -3.82
C GLU A 51 3.24 10.62 -4.04
N GLU A 52 2.88 10.86 -5.29
CA GLU A 52 2.00 11.96 -5.64
C GLU A 52 0.74 11.94 -4.77
N ILE A 53 -0.05 10.90 -4.92
CA ILE A 53 -1.29 10.75 -4.15
C ILE A 53 -1.04 10.95 -2.67
N ALA A 54 0.07 10.41 -2.18
CA ALA A 54 0.43 10.52 -0.77
C ALA A 54 0.49 11.99 -0.35
N ASN A 55 1.09 12.83 -1.18
CA ASN A 55 1.20 14.24 -0.89
C ASN A 55 -0.11 14.98 -1.19
N GLU A 56 -0.79 14.54 -2.24
CA GLU A 56 -2.06 15.15 -2.63
C GLU A 56 -3.09 15.02 -1.51
N LYS A 57 -3.05 13.89 -0.81
CA LYS A 57 -3.98 13.64 0.29
C LYS A 57 -3.60 14.45 1.52
N SER A 58 -2.56 14.00 2.22
CA SER A 58 -2.08 14.68 3.42
C SER A 58 -0.89 13.95 4.02
N GLY A 59 -0.41 14.45 5.16
CA GLY A 59 0.73 13.83 5.81
C GLY A 59 0.38 12.50 6.46
N THR A 60 -0.80 12.43 7.07
CA THR A 60 -1.25 11.21 7.73
C THR A 60 -1.18 10.02 6.78
N LEU A 61 -1.32 10.28 5.49
CA LEU A 61 -1.26 9.23 4.48
C LEU A 61 -0.04 8.34 4.69
N LYS A 62 -0.27 7.04 4.84
CA LYS A 62 0.81 6.08 5.04
C LYS A 62 0.95 5.17 3.83
N VAL A 63 2.18 4.73 3.57
CA VAL A 63 2.45 3.83 2.45
C VAL A 63 3.14 2.56 2.92
N ALA A 64 2.39 1.47 2.96
CA ALA A 64 2.92 0.18 3.38
C ALA A 64 3.05 -0.78 2.20
N LYS A 65 4.29 -1.06 1.80
CA LYS A 65 4.55 -1.96 0.68
C LYS A 65 5.28 -3.21 1.16
N LEU A 66 5.22 -4.27 0.35
CA LEU A 66 5.86 -5.53 0.68
C LEU A 66 6.34 -6.24 -0.58
N ASP A 67 7.45 -6.97 -0.46
CA ASP A 67 8.00 -7.71 -1.58
C ASP A 67 7.24 -9.01 -1.81
N VAL A 68 6.68 -9.16 -3.00
CA VAL A 68 5.92 -10.36 -3.35
C VAL A 68 6.70 -11.62 -2.99
N ASP A 69 8.02 -11.57 -3.17
CA ASP A 69 8.88 -12.71 -2.87
C ASP A 69 8.67 -13.18 -1.43
N ALA A 70 8.37 -12.23 -0.55
CA ALA A 70 8.14 -12.55 0.86
C ALA A 70 6.72 -13.05 1.09
N ASN A 71 5.78 -12.50 0.34
CA ASN A 71 4.37 -12.89 0.46
C ASN A 71 3.86 -13.49 -0.85
N PRO A 72 4.40 -14.66 -1.21
CA PRO A 72 4.01 -15.37 -2.43
C PRO A 72 2.59 -15.93 -2.36
N GLU A 73 2.18 -16.32 -1.16
CA GLU A 73 0.84 -16.87 -0.95
C GLU A 73 -0.18 -15.75 -0.77
N ALA A 74 0.20 -14.71 -0.03
CA ALA A 74 -0.68 -13.58 0.23
C ALA A 74 -1.11 -12.92 -1.08
N ALA A 75 -0.14 -12.67 -1.96
CA ALA A 75 -0.41 -12.04 -3.24
C ALA A 75 -1.55 -12.75 -3.97
N ARG A 76 -1.33 -14.02 -4.31
CA ARG A 76 -2.33 -14.80 -5.01
C ARG A 76 -3.68 -14.73 -4.30
N ASP A 77 -3.64 -14.71 -2.98
CA ASP A 77 -4.86 -14.64 -2.17
C ASP A 77 -5.70 -13.44 -2.57
N PHE A 78 -5.04 -12.34 -2.92
CA PHE A 78 -5.73 -11.12 -3.31
C PHE A 78 -5.79 -11.00 -4.83
N GLN A 79 -5.64 -12.14 -5.51
CA GLN A 79 -5.67 -12.16 -6.97
C GLN A 79 -4.73 -11.11 -7.56
N VAL A 80 -3.45 -11.44 -7.60
CA VAL A 80 -2.43 -10.54 -8.13
C VAL A 80 -1.91 -11.02 -9.48
N VAL A 81 -2.48 -10.48 -10.56
CA VAL A 81 -2.06 -10.86 -11.91
C VAL A 81 -1.09 -9.83 -12.49
N SER A 82 -0.27 -9.25 -11.64
CA SER A 82 0.71 -8.26 -12.07
C SER A 82 1.60 -7.82 -10.91
N ILE A 83 2.89 -7.65 -11.19
CA ILE A 83 3.84 -7.23 -10.18
C ILE A 83 3.43 -5.91 -9.54
N PRO A 84 3.27 -4.87 -10.36
CA PRO A 84 2.88 -3.53 -9.91
C PRO A 84 1.43 -3.50 -9.43
N THR A 85 1.18 -4.05 -8.25
CA THR A 85 -0.17 -4.08 -7.69
C THR A 85 -0.28 -3.14 -6.49
N MET A 86 -1.44 -2.50 -6.36
CA MET A 86 -1.68 -1.57 -5.26
C MET A 86 -3.10 -1.70 -4.74
N ILE A 87 -3.24 -1.86 -3.43
CA ILE A 87 -4.55 -1.99 -2.82
C ILE A 87 -4.84 -0.83 -1.87
N LEU A 88 -5.89 -0.09 -2.16
CA LEU A 88 -6.28 1.05 -1.32
C LEU A 88 -7.17 0.61 -0.17
N PHE A 89 -6.63 0.70 1.05
CA PHE A 89 -7.38 0.31 2.23
C PHE A 89 -7.97 1.53 2.94
N LYS A 90 -8.83 1.30 3.91
CA LYS A 90 -9.46 2.38 4.66
C LYS A 90 -10.07 1.85 5.96
N GLY A 91 -9.30 1.90 7.04
CA GLY A 91 -9.79 1.44 8.33
C GLY A 91 -9.66 -0.06 8.47
N GLY A 92 -8.63 -0.63 7.86
CA GLY A 92 -8.42 -2.07 7.94
C GLY A 92 -9.35 -2.85 7.02
N THR A 93 -9.57 -2.31 5.83
CA THR A 93 -10.45 -2.95 4.85
C THR A 93 -10.17 -2.44 3.44
N PRO A 94 -10.04 -3.37 2.49
CA PRO A 94 -9.77 -3.03 1.08
C PRO A 94 -10.98 -2.37 0.41
N VAL A 95 -11.02 -1.04 0.46
CA VAL A 95 -12.11 -0.29 -0.15
C VAL A 95 -12.04 -0.35 -1.67
N LYS A 96 -10.82 -0.40 -2.20
CA LYS A 96 -10.61 -0.46 -3.64
C LYS A 96 -9.28 -1.11 -3.97
N ARG A 97 -9.06 -1.40 -5.25
CA ARG A 97 -7.82 -2.02 -5.70
C ARG A 97 -7.46 -1.57 -7.10
N ILE A 98 -6.23 -1.10 -7.27
CA ILE A 98 -5.76 -0.63 -8.57
C ILE A 98 -4.35 -1.14 -8.86
N VAL A 99 -4.19 -1.83 -9.99
CA VAL A 99 -2.90 -2.36 -10.38
C VAL A 99 -2.44 -1.78 -11.71
N GLY A 100 -1.14 -1.85 -11.97
CA GLY A 100 -0.60 -1.32 -13.21
C GLY A 100 0.34 -0.16 -12.98
N ALA A 101 1.41 -0.10 -13.78
CA ALA A 101 2.39 0.98 -13.65
C ALA A 101 2.03 2.16 -14.54
N LYS A 102 0.98 2.88 -14.15
CA LYS A 102 0.53 4.03 -14.91
C LYS A 102 0.87 5.33 -14.18
N GLY A 103 0.79 6.44 -14.90
CA GLY A 103 1.10 7.73 -14.31
C GLY A 103 0.21 8.05 -13.13
N LYS A 104 0.36 9.24 -12.56
CA LYS A 104 -0.42 9.66 -11.41
C LYS A 104 -1.86 9.94 -11.82
N ALA A 105 -2.04 10.63 -12.94
CA ALA A 105 -3.37 10.96 -13.44
C ALA A 105 -4.12 9.71 -13.86
N ALA A 106 -3.38 8.68 -14.24
CA ALA A 106 -3.97 7.41 -14.67
C ALA A 106 -4.16 6.47 -13.50
N LEU A 107 -3.21 6.49 -12.56
CA LEU A 107 -3.28 5.63 -11.38
C LEU A 107 -4.27 6.18 -10.37
N LEU A 108 -4.34 7.51 -10.26
CA LEU A 108 -5.25 8.15 -9.33
C LEU A 108 -6.68 8.08 -9.83
N ARG A 109 -6.85 8.25 -11.14
CA ARG A 109 -8.18 8.21 -11.74
C ARG A 109 -8.78 6.81 -11.66
N GLU A 110 -7.92 5.80 -11.79
CA GLU A 110 -8.36 4.41 -11.73
C GLU A 110 -9.06 4.13 -10.40
N ILE A 111 -8.76 4.94 -9.39
CA ILE A 111 -9.36 4.77 -8.07
C ILE A 111 -10.70 5.51 -7.97
N GLU A 112 -10.64 6.83 -8.05
CA GLU A 112 -11.84 7.65 -7.98
C GLU A 112 -12.88 7.19 -8.99
N ASP A 113 -12.45 7.01 -10.23
CA ASP A 113 -13.34 6.56 -11.30
C ASP A 113 -13.94 5.21 -10.97
N ALA A 114 -13.18 4.37 -10.28
CA ALA A 114 -13.65 3.04 -9.90
C ALA A 114 -14.62 3.11 -8.73
N LEU A 115 -14.37 4.05 -7.82
CA LEU A 115 -15.22 4.23 -6.65
C LEU A 115 -16.68 4.39 -7.07
N MET A 1 -0.61 -8.37 20.33
CA MET A 1 -0.12 -7.60 21.46
C MET A 1 1.01 -6.66 21.05
N ALA A 2 0.73 -5.36 21.03
CA ALA A 2 1.72 -4.37 20.65
C ALA A 2 2.78 -4.21 21.73
N HIS A 3 3.97 -4.74 21.46
CA HIS A 3 5.08 -4.66 22.41
C HIS A 3 5.76 -3.29 22.33
N HIS A 4 5.86 -2.75 21.11
CA HIS A 4 6.49 -1.46 20.90
C HIS A 4 5.51 -0.48 20.26
N HIS A 5 5.96 0.77 20.10
CA HIS A 5 5.12 1.81 19.51
C HIS A 5 5.70 2.28 18.19
N HIS A 6 4.82 2.64 17.25
CA HIS A 6 5.25 3.10 15.94
C HIS A 6 4.84 4.56 15.72
N HIS A 7 4.78 5.32 16.81
CA HIS A 7 4.41 6.73 16.74
C HIS A 7 5.63 7.61 16.50
N HIS A 8 6.75 7.22 17.09
CA HIS A 8 8.00 7.98 16.95
C HIS A 8 8.66 7.67 15.61
N MET A 9 8.63 6.40 15.22
CA MET A 9 9.23 5.97 13.96
C MET A 9 8.19 5.91 12.85
N SER A 10 7.18 6.78 12.94
CA SER A 10 6.12 6.81 11.94
C SER A 10 6.68 7.09 10.56
N GLY A 11 6.58 6.11 9.68
CA GLY A 11 7.09 6.27 8.33
C GLY A 11 6.49 5.27 7.36
N THR A 12 6.80 5.43 6.08
CA THR A 12 6.29 4.53 5.05
C THR A 12 7.13 3.26 4.95
N VAL A 13 6.64 2.19 5.56
CA VAL A 13 7.36 0.92 5.55
C VAL A 13 6.40 -0.25 5.71
N THR A 14 6.92 -1.47 5.56
CA THR A 14 6.10 -2.67 5.70
C THR A 14 5.76 -2.93 7.16
N VAL A 15 4.63 -3.60 7.39
CA VAL A 15 4.18 -3.92 8.73
C VAL A 15 3.87 -5.40 8.87
N THR A 16 4.15 -5.95 10.05
CA THR A 16 3.90 -7.36 10.31
C THR A 16 2.42 -7.71 10.14
N ASP A 17 2.13 -8.99 9.99
CA ASP A 17 0.76 -9.45 9.82
C ASP A 17 0.02 -9.46 11.16
N SER A 18 0.63 -10.07 12.17
CA SER A 18 0.03 -10.15 13.49
C SER A 18 -0.23 -8.75 14.06
N THR A 19 0.68 -7.83 13.76
CA THR A 19 0.55 -6.46 14.24
C THR A 19 -0.33 -5.63 13.31
N PHE A 20 -0.51 -6.12 12.09
CA PHE A 20 -1.33 -5.43 11.10
C PHE A 20 -2.68 -5.01 11.70
N LYS A 21 -3.17 -5.81 12.62
CA LYS A 21 -4.45 -5.54 13.27
C LYS A 21 -4.33 -4.33 14.19
N THR A 22 -3.18 -4.19 14.85
CA THR A 22 -2.95 -3.08 15.76
C THR A 22 -2.35 -1.89 15.03
N ASP A 23 -1.85 -2.13 13.82
CA ASP A 23 -1.25 -1.07 13.01
C ASP A 23 -2.28 -0.44 12.08
N VAL A 24 -2.69 -1.19 11.07
CA VAL A 24 -3.67 -0.70 10.11
C VAL A 24 -5.06 -0.65 10.73
N LEU A 25 -5.65 -1.81 10.98
CA LEU A 25 -6.98 -1.89 11.58
C LEU A 25 -7.16 -0.83 12.66
N ASP A 26 -6.26 -0.85 13.65
CA ASP A 26 -6.32 0.11 14.75
C ASP A 26 -6.30 1.54 14.22
N SER A 27 -5.31 1.84 13.37
CA SER A 27 -5.18 3.18 12.80
C SER A 27 -6.48 3.64 12.16
N ASP A 28 -6.63 4.94 11.99
CA ASP A 28 -7.83 5.50 11.39
C ASP A 28 -7.56 5.98 9.97
N THR A 29 -6.45 6.68 9.78
CA THR A 29 -6.06 7.20 8.48
C THR A 29 -6.03 6.08 7.44
N PRO A 30 -6.12 6.48 6.15
CA PRO A 30 -6.10 5.53 5.03
C PRO A 30 -4.73 4.89 4.85
N VAL A 31 -4.72 3.56 4.73
CA VAL A 31 -3.47 2.82 4.55
C VAL A 31 -3.30 2.40 3.09
N LEU A 32 -2.13 2.70 2.53
CA LEU A 32 -1.83 2.36 1.15
C LEU A 32 -0.87 1.16 1.08
N VAL A 33 -1.42 0.00 0.70
CA VAL A 33 -0.62 -1.21 0.58
C VAL A 33 -0.36 -1.55 -0.87
N ASP A 34 0.91 -1.83 -1.19
CA ASP A 34 1.30 -2.18 -2.55
C ASP A 34 1.84 -3.60 -2.61
N PHE A 35 1.00 -4.53 -3.04
CA PHE A 35 1.39 -5.93 -3.14
C PHE A 35 2.04 -6.22 -4.50
N TRP A 36 3.35 -6.04 -4.56
CA TRP A 36 4.09 -6.28 -5.80
C TRP A 36 5.46 -6.88 -5.52
N ALA A 37 6.30 -6.94 -6.54
CA ALA A 37 7.64 -7.50 -6.40
C ALA A 37 8.45 -6.72 -5.36
N ASP A 38 9.77 -6.80 -5.47
CA ASP A 38 10.66 -6.11 -4.54
C ASP A 38 10.73 -4.63 -4.88
N TRP A 39 9.87 -4.18 -5.78
CA TRP A 39 9.85 -2.78 -6.19
C TRP A 39 11.26 -2.23 -6.36
N CYS A 40 11.97 -2.74 -7.36
CA CYS A 40 13.34 -2.30 -7.63
C CYS A 40 13.49 -1.87 -9.09
N GLY A 41 13.01 -2.70 -10.01
CA GLY A 41 13.11 -2.38 -11.42
C GLY A 41 12.03 -1.41 -11.87
N PRO A 42 10.78 -1.87 -11.86
CA PRO A 42 9.63 -1.04 -12.28
C PRO A 42 9.34 0.08 -11.29
N CYS A 43 9.74 -0.12 -10.03
CA CYS A 43 9.52 0.87 -8.99
C CYS A 43 9.98 2.24 -9.44
N LYS A 44 11.01 2.28 -10.28
CA LYS A 44 11.56 3.53 -10.78
C LYS A 44 10.45 4.40 -11.39
N MET A 45 9.48 3.74 -12.02
CA MET A 45 8.36 4.46 -12.64
C MET A 45 7.21 4.62 -11.65
N VAL A 46 7.05 3.66 -10.76
CA VAL A 46 5.99 3.70 -9.76
C VAL A 46 6.48 4.34 -8.47
N ALA A 47 7.54 5.13 -8.57
CA ALA A 47 8.10 5.81 -7.40
C ALA A 47 7.31 7.06 -7.05
N PRO A 48 7.25 8.01 -7.99
CA PRO A 48 6.53 9.27 -7.80
C PRO A 48 5.02 9.07 -7.78
N VAL A 49 4.48 8.48 -8.84
CA VAL A 49 3.05 8.23 -8.93
C VAL A 49 2.52 7.57 -7.67
N LEU A 50 3.35 6.74 -7.05
CA LEU A 50 2.96 6.04 -5.82
C LEU A 50 2.86 7.01 -4.66
N GLU A 51 3.81 7.94 -4.58
CA GLU A 51 3.82 8.94 -3.51
C GLU A 51 2.72 9.98 -3.73
N GLU A 52 2.44 10.28 -4.99
CA GLU A 52 1.41 11.26 -5.32
C GLU A 52 0.11 10.97 -4.59
N ILE A 53 -0.52 9.84 -4.93
CA ILE A 53 -1.77 9.45 -4.30
C ILE A 53 -1.66 9.50 -2.78
N ALA A 54 -0.48 9.21 -2.26
CA ALA A 54 -0.24 9.23 -0.83
C ALA A 54 -0.44 10.63 -0.26
N ASN A 55 0.11 11.63 -0.95
CA ASN A 55 -0.01 13.02 -0.51
C ASN A 55 -1.42 13.54 -0.75
N GLU A 56 -2.04 13.09 -1.84
CA GLU A 56 -3.39 13.53 -2.18
C GLU A 56 -4.42 12.92 -1.22
N LYS A 57 -4.16 11.68 -0.81
CA LYS A 57 -5.05 10.98 0.11
C LYS A 57 -5.15 11.72 1.44
N SER A 58 -4.03 11.83 2.14
CA SER A 58 -3.98 12.51 3.43
C SER A 58 -2.60 13.10 3.69
N GLY A 59 -2.37 13.55 4.92
CA GLY A 59 -1.10 14.13 5.28
C GLY A 59 -0.13 13.10 5.84
N THR A 60 1.04 12.99 5.22
CA THR A 60 2.05 12.04 5.66
C THR A 60 1.42 10.74 6.13
N LEU A 61 0.44 10.25 5.38
CA LEU A 61 -0.26 9.02 5.72
C LEU A 61 0.72 7.85 5.81
N LYS A 62 0.19 6.66 6.01
CA LYS A 62 1.02 5.46 6.10
C LYS A 62 1.06 4.71 4.77
N VAL A 63 2.24 4.19 4.43
CA VAL A 63 2.42 3.45 3.18
C VAL A 63 3.35 2.27 3.38
N ALA A 64 2.83 1.07 3.15
CA ALA A 64 3.61 -0.14 3.29
C ALA A 64 3.78 -0.87 1.95
N LYS A 65 4.92 -1.52 1.77
CA LYS A 65 5.20 -2.23 0.54
C LYS A 65 5.87 -3.57 0.83
N LEU A 66 5.36 -4.63 0.22
CA LEU A 66 5.93 -5.97 0.41
C LEU A 66 6.35 -6.58 -0.92
N ASP A 67 7.23 -7.56 -0.86
CA ASP A 67 7.71 -8.23 -2.06
C ASP A 67 7.05 -9.60 -2.24
N VAL A 68 6.32 -9.76 -3.33
CA VAL A 68 5.62 -11.01 -3.61
C VAL A 68 6.61 -12.16 -3.75
N ASP A 69 7.77 -11.87 -4.33
CA ASP A 69 8.80 -12.88 -4.53
C ASP A 69 9.09 -13.62 -3.22
N ALA A 70 9.01 -12.90 -2.11
CA ALA A 70 9.27 -13.49 -0.80
C ALA A 70 7.97 -13.90 -0.12
N ASN A 71 6.91 -13.11 -0.35
CA ASN A 71 5.61 -13.39 0.24
C ASN A 71 4.57 -13.65 -0.84
N PRO A 72 4.66 -14.82 -1.49
CA PRO A 72 3.74 -15.22 -2.55
C PRO A 72 2.35 -15.52 -2.01
N GLU A 73 2.28 -16.01 -0.78
CA GLU A 73 1.00 -16.34 -0.15
C GLU A 73 0.12 -15.10 -0.04
N ALA A 74 0.72 -13.99 0.38
CA ALA A 74 0.00 -12.74 0.54
C ALA A 74 -0.60 -12.28 -0.78
N ALA A 75 0.21 -12.29 -1.84
CA ALA A 75 -0.24 -11.88 -3.16
C ALA A 75 -1.52 -12.62 -3.55
N ARG A 76 -1.39 -13.93 -3.74
CA ARG A 76 -2.54 -14.75 -4.13
C ARG A 76 -3.72 -14.51 -3.20
N ASP A 77 -3.43 -14.23 -1.94
CA ASP A 77 -4.47 -13.98 -0.96
C ASP A 77 -5.46 -12.92 -1.45
N PHE A 78 -4.93 -11.93 -2.18
CA PHE A 78 -5.76 -10.86 -2.73
C PHE A 78 -5.91 -11.00 -4.24
N GLN A 79 -5.75 -12.22 -4.73
CA GLN A 79 -5.85 -12.48 -6.17
C GLN A 79 -5.03 -11.47 -6.97
N VAL A 80 -3.71 -11.55 -6.82
CA VAL A 80 -2.81 -10.65 -7.53
C VAL A 80 -2.38 -11.24 -8.86
N VAL A 81 -2.93 -10.71 -9.95
CA VAL A 81 -2.60 -11.17 -11.28
C VAL A 81 -1.28 -10.59 -11.77
N SER A 82 -1.23 -9.27 -11.89
CA SER A 82 -0.02 -8.58 -12.35
C SER A 82 0.88 -8.24 -11.17
N ILE A 83 2.15 -7.99 -11.45
CA ILE A 83 3.11 -7.63 -10.41
C ILE A 83 2.70 -6.36 -9.68
N PRO A 84 2.55 -5.26 -10.45
CA PRO A 84 2.15 -3.96 -9.91
C PRO A 84 0.71 -3.95 -9.43
N THR A 85 0.46 -4.54 -8.26
CA THR A 85 -0.88 -4.59 -7.70
C THR A 85 -0.95 -3.84 -6.38
N MET A 86 -1.64 -2.70 -6.39
CA MET A 86 -1.79 -1.88 -5.19
C MET A 86 -3.25 -1.85 -4.72
N ILE A 87 -3.44 -1.80 -3.42
CA ILE A 87 -4.77 -1.76 -2.85
C ILE A 87 -4.92 -0.63 -1.84
N LEU A 88 -5.82 0.31 -2.13
CA LEU A 88 -6.05 1.45 -1.26
C LEU A 88 -6.96 1.07 -0.10
N PHE A 89 -6.39 0.86 1.07
CA PHE A 89 -7.15 0.50 2.25
C PHE A 89 -7.61 1.73 3.01
N LYS A 90 -8.52 1.55 3.96
CA LYS A 90 -9.04 2.65 4.76
C LYS A 90 -9.71 2.12 6.03
N GLY A 91 -8.95 2.10 7.12
CA GLY A 91 -9.49 1.63 8.38
C GLY A 91 -9.42 0.12 8.51
N GLY A 92 -8.38 -0.48 7.92
CA GLY A 92 -8.22 -1.92 7.98
C GLY A 92 -9.23 -2.65 7.09
N THR A 93 -9.45 -2.12 5.90
CA THR A 93 -10.39 -2.73 4.96
C THR A 93 -10.12 -2.25 3.53
N PRO A 94 -10.09 -3.20 2.59
CA PRO A 94 -9.85 -2.90 1.18
C PRO A 94 -11.02 -2.15 0.54
N VAL A 95 -10.93 -0.83 0.52
CA VAL A 95 -11.98 0.00 -0.07
C VAL A 95 -11.73 0.23 -1.55
N LYS A 96 -10.46 0.28 -1.93
CA LYS A 96 -10.09 0.49 -3.32
C LYS A 96 -9.03 -0.52 -3.76
N ARG A 97 -8.82 -0.61 -5.07
CA ARG A 97 -7.83 -1.54 -5.62
C ARG A 97 -7.43 -1.13 -7.04
N ILE A 98 -6.16 -0.80 -7.21
CA ILE A 98 -5.65 -0.38 -8.51
C ILE A 98 -4.33 -1.09 -8.83
N VAL A 99 -4.17 -1.50 -10.08
CA VAL A 99 -2.95 -2.18 -10.51
C VAL A 99 -2.43 -1.59 -11.82
N GLY A 100 -1.13 -1.72 -12.04
CA GLY A 100 -0.52 -1.20 -13.25
C GLY A 100 0.48 -0.09 -12.96
N ALA A 101 1.61 -0.12 -13.66
CA ALA A 101 2.65 0.89 -13.48
C ALA A 101 2.43 2.07 -14.43
N LYS A 102 1.49 2.93 -14.09
CA LYS A 102 1.19 4.10 -14.91
C LYS A 102 1.56 5.39 -14.18
N GLY A 103 1.39 6.51 -14.87
CA GLY A 103 1.72 7.80 -14.26
C GLY A 103 0.66 8.26 -13.28
N LYS A 104 0.99 9.26 -12.48
CA LYS A 104 0.07 9.80 -11.49
C LYS A 104 -1.22 10.28 -12.15
N ALA A 105 -1.08 10.94 -13.30
CA ALA A 105 -2.23 11.44 -14.03
C ALA A 105 -3.21 10.32 -14.37
N ALA A 106 -2.68 9.12 -14.59
CA ALA A 106 -3.51 7.97 -14.91
C ALA A 106 -3.92 7.22 -13.65
N LEU A 107 -2.94 6.70 -12.92
CA LEU A 107 -3.21 5.97 -11.69
C LEU A 107 -4.23 6.70 -10.82
N LEU A 108 -4.06 8.02 -10.71
CA LEU A 108 -4.96 8.84 -9.92
C LEU A 108 -6.43 8.54 -10.27
N ARG A 109 -6.72 8.51 -11.56
CA ARG A 109 -8.07 8.23 -12.03
C ARG A 109 -8.49 6.81 -11.68
N GLU A 110 -7.56 5.87 -11.84
CA GLU A 110 -7.83 4.47 -11.54
C GLU A 110 -8.46 4.32 -10.16
N ILE A 111 -8.20 5.28 -9.29
CA ILE A 111 -8.75 5.25 -7.94
C ILE A 111 -10.10 5.97 -7.88
N GLU A 112 -10.07 7.29 -8.01
CA GLU A 112 -11.29 8.09 -7.98
C GLU A 112 -12.33 7.53 -8.95
N ASP A 113 -11.91 7.32 -10.20
CA ASP A 113 -12.81 6.80 -11.22
C ASP A 113 -13.41 5.45 -10.79
N ALA A 114 -12.61 4.68 -10.07
CA ALA A 114 -13.06 3.37 -9.60
C ALA A 114 -14.05 3.50 -8.46
N LEU A 115 -13.88 4.53 -7.64
CA LEU A 115 -14.78 4.78 -6.51
C LEU A 115 -16.21 4.97 -6.98
N MET A 1 13.72 -11.54 18.22
CA MET A 1 14.08 -10.19 17.79
C MET A 1 12.89 -9.25 17.93
N ALA A 2 13.12 -7.96 17.66
CA ALA A 2 12.06 -6.96 17.76
C ALA A 2 11.75 -6.38 16.39
N HIS A 3 10.87 -7.06 15.65
CA HIS A 3 10.47 -6.61 14.33
C HIS A 3 9.34 -5.60 14.41
N HIS A 4 8.41 -5.84 15.34
CA HIS A 4 7.27 -4.94 15.52
C HIS A 4 7.71 -3.59 16.07
N HIS A 5 7.33 -2.52 15.38
CA HIS A 5 7.69 -1.17 15.81
C HIS A 5 6.62 -0.57 16.71
N HIS A 6 7.03 -0.01 17.84
CA HIS A 6 6.10 0.60 18.77
C HIS A 6 6.40 2.08 18.97
N HIS A 7 7.70 2.42 18.97
CA HIS A 7 8.12 3.80 19.15
C HIS A 7 8.44 4.44 17.80
N HIS A 8 9.00 3.66 16.89
CA HIS A 8 9.36 4.15 15.56
C HIS A 8 8.28 3.79 14.55
N MET A 9 7.14 3.34 15.04
CA MET A 9 6.02 2.96 14.17
C MET A 9 5.54 4.16 13.37
N SER A 10 5.48 5.32 14.02
CA SER A 10 5.02 6.54 13.36
C SER A 10 5.83 6.81 12.09
N GLY A 11 5.17 6.73 10.94
CA GLY A 11 5.84 6.97 9.68
C GLY A 11 5.51 5.91 8.63
N THR A 12 5.62 6.29 7.36
CA THR A 12 5.34 5.37 6.27
C THR A 12 6.24 4.15 6.32
N VAL A 13 5.68 3.02 6.75
CA VAL A 13 6.44 1.78 6.84
C VAL A 13 5.52 0.56 6.70
N THR A 14 6.13 -0.62 6.61
CA THR A 14 5.37 -1.86 6.47
C THR A 14 4.71 -2.25 7.80
N VAL A 15 3.41 -2.50 7.76
CA VAL A 15 2.67 -2.89 8.95
C VAL A 15 2.63 -4.39 9.12
N THR A 16 2.85 -4.86 10.34
CA THR A 16 2.83 -6.29 10.63
C THR A 16 1.49 -6.92 10.27
N ASP A 17 1.42 -8.24 10.40
CA ASP A 17 0.19 -8.96 10.08
C ASP A 17 -0.81 -8.88 11.24
N SER A 18 -0.33 -9.16 12.45
CA SER A 18 -1.17 -9.13 13.63
C SER A 18 -1.59 -7.69 13.95
N THR A 19 -0.61 -6.81 14.07
CA THR A 19 -0.88 -5.41 14.37
C THR A 19 -1.78 -4.77 13.32
N PHE A 20 -1.85 -5.40 12.15
CA PHE A 20 -2.68 -4.91 11.06
C PHE A 20 -4.10 -4.63 11.54
N LYS A 21 -4.55 -5.40 12.52
CA LYS A 21 -5.89 -5.25 13.07
C LYS A 21 -5.99 -3.97 13.91
N THR A 22 -4.89 -3.62 14.57
CA THR A 22 -4.85 -2.43 15.41
C THR A 22 -4.37 -1.22 14.61
N ASP A 23 -3.77 -1.48 13.46
CA ASP A 23 -3.27 -0.40 12.60
C ASP A 23 -4.31 -0.01 11.55
N VAL A 24 -4.52 -0.89 10.59
CA VAL A 24 -5.50 -0.63 9.53
C VAL A 24 -6.92 -0.69 10.06
N LEU A 25 -7.37 -1.89 10.39
CA LEU A 25 -8.72 -2.08 10.92
C LEU A 25 -9.09 -0.98 11.90
N ASP A 26 -8.31 -0.86 12.98
CA ASP A 26 -8.55 0.17 13.98
C ASP A 26 -8.71 1.55 13.34
N SER A 27 -7.66 2.00 12.65
CA SER A 27 -7.69 3.29 11.98
C SER A 27 -8.93 3.44 11.11
N ASP A 28 -9.25 4.68 10.76
CA ASP A 28 -10.41 4.96 9.93
C ASP A 28 -9.98 5.48 8.55
N THR A 29 -8.97 6.33 8.54
CA THR A 29 -8.46 6.91 7.30
C THR A 29 -8.16 5.82 6.27
N PRO A 30 -8.12 6.21 5.00
CA PRO A 30 -7.83 5.28 3.90
C PRO A 30 -6.38 4.80 3.90
N VAL A 31 -6.20 3.50 4.10
CA VAL A 31 -4.86 2.91 4.13
C VAL A 31 -4.36 2.64 2.72
N LEU A 32 -3.07 2.87 2.50
CA LEU A 32 -2.46 2.65 1.19
C LEU A 32 -1.47 1.49 1.24
N VAL A 33 -1.88 0.35 0.69
CA VAL A 33 -1.03 -0.84 0.67
C VAL A 33 -0.62 -1.19 -0.75
N ASP A 34 0.58 -1.74 -0.89
CA ASP A 34 1.10 -2.12 -2.20
C ASP A 34 1.84 -3.46 -2.13
N PHE A 35 1.34 -4.46 -2.85
CA PHE A 35 1.95 -5.77 -2.85
C PHE A 35 2.90 -5.93 -4.04
N TRP A 36 4.18 -5.71 -3.79
CA TRP A 36 5.19 -5.82 -4.84
C TRP A 36 6.50 -6.35 -4.29
N ALA A 37 7.56 -6.25 -5.08
CA ALA A 37 8.89 -6.72 -4.66
C ALA A 37 9.30 -6.07 -3.34
N ASP A 38 10.57 -6.22 -2.99
CA ASP A 38 11.10 -5.65 -1.75
C ASP A 38 11.37 -4.16 -1.92
N TRP A 39 10.86 -3.58 -3.01
CA TRP A 39 11.05 -2.16 -3.28
C TRP A 39 12.47 -1.89 -3.77
N CYS A 40 12.68 -2.05 -5.07
CA CYS A 40 13.99 -1.82 -5.67
C CYS A 40 13.88 -1.68 -7.19
N GLY A 41 13.15 -2.60 -7.80
CA GLY A 41 12.98 -2.56 -9.25
C GLY A 41 11.89 -1.62 -9.68
N PRO A 42 10.63 -1.99 -9.40
CA PRO A 42 9.46 -1.18 -9.77
C PRO A 42 9.37 0.10 -8.94
N CYS A 43 9.85 0.03 -7.71
CA CYS A 43 9.83 1.19 -6.80
C CYS A 43 10.42 2.41 -7.48
N LYS A 44 11.35 2.18 -8.39
CA LYS A 44 12.01 3.26 -9.12
C LYS A 44 11.01 4.03 -9.97
N MET A 45 10.22 3.30 -10.75
CA MET A 45 9.21 3.92 -11.61
C MET A 45 7.99 4.34 -10.80
N VAL A 46 7.66 3.57 -9.78
CA VAL A 46 6.52 3.86 -8.93
C VAL A 46 6.93 4.67 -7.71
N ALA A 47 8.08 5.34 -7.81
CA ALA A 47 8.58 6.15 -6.71
C ALA A 47 7.82 7.47 -6.60
N PRO A 48 7.88 8.28 -7.66
CA PRO A 48 7.21 9.57 -7.72
C PRO A 48 5.69 9.44 -7.79
N VAL A 49 5.23 8.61 -8.73
CA VAL A 49 3.80 8.39 -8.90
C VAL A 49 3.13 8.04 -7.58
N LEU A 50 3.88 7.40 -6.70
CA LEU A 50 3.36 7.01 -5.39
C LEU A 50 3.27 8.21 -4.45
N GLU A 51 4.30 9.05 -4.49
CA GLU A 51 4.33 10.24 -3.64
C GLU A 51 3.33 11.28 -4.12
N GLU A 52 3.13 11.34 -5.43
CA GLU A 52 2.18 12.29 -6.01
C GLU A 52 0.81 12.20 -5.33
N ILE A 53 0.12 11.10 -5.55
CA ILE A 53 -1.20 10.88 -4.95
C ILE A 53 -1.15 11.13 -3.45
N ALA A 54 -0.06 10.73 -2.82
CA ALA A 54 0.10 10.90 -1.38
C ALA A 54 0.03 12.38 -0.99
N ASN A 55 0.78 13.20 -1.71
CA ASN A 55 0.81 14.63 -1.43
C ASN A 55 -0.52 15.29 -1.83
N GLU A 56 -1.12 14.79 -2.91
CA GLU A 56 -2.40 15.32 -3.39
C GLU A 56 -3.52 15.04 -2.38
N LYS A 57 -3.45 13.87 -1.74
CA LYS A 57 -4.45 13.48 -0.77
C LYS A 57 -4.24 14.22 0.55
N SER A 58 -3.19 13.85 1.27
CA SER A 58 -2.87 14.47 2.56
C SER A 58 -1.61 13.88 3.16
N GLY A 59 -1.34 14.21 4.42
CA GLY A 59 -0.16 13.69 5.08
C GLY A 59 -0.51 12.75 6.21
N THR A 60 -1.64 12.97 6.86
CA THR A 60 -2.08 12.13 7.96
C THR A 60 -2.18 10.68 7.53
N LEU A 61 -2.54 10.45 6.27
CA LEU A 61 -2.68 9.11 5.74
C LEU A 61 -1.44 8.27 6.04
N LYS A 62 -1.53 6.97 5.81
CA LYS A 62 -0.42 6.05 6.06
C LYS A 62 -0.04 5.30 4.79
N VAL A 63 1.26 5.10 4.59
CA VAL A 63 1.75 4.39 3.42
C VAL A 63 2.54 3.14 3.82
N ALA A 64 1.89 1.99 3.75
CA ALA A 64 2.54 0.74 4.10
C ALA A 64 2.79 -0.12 2.85
N LYS A 65 3.93 -0.82 2.85
CA LYS A 65 4.30 -1.67 1.72
C LYS A 65 4.72 -3.05 2.21
N LEU A 66 4.67 -4.02 1.30
CA LEU A 66 5.06 -5.39 1.63
C LEU A 66 5.83 -6.03 0.48
N ASP A 67 6.80 -6.87 0.83
CA ASP A 67 7.60 -7.55 -0.18
C ASP A 67 7.05 -8.95 -0.47
N VAL A 68 6.66 -9.17 -1.73
CA VAL A 68 6.10 -10.45 -2.14
C VAL A 68 7.12 -11.57 -1.96
N ASP A 69 8.40 -11.25 -2.18
CA ASP A 69 9.47 -12.23 -2.04
C ASP A 69 9.39 -12.93 -0.68
N ALA A 70 8.98 -12.19 0.34
CA ALA A 70 8.87 -12.75 1.68
C ALA A 70 7.43 -13.16 1.98
N ASN A 71 6.48 -12.40 1.44
CA ASN A 71 5.07 -12.69 1.65
C ASN A 71 4.37 -13.00 0.32
N PRO A 72 4.72 -14.15 -0.27
CA PRO A 72 4.15 -14.59 -1.55
C PRO A 72 2.68 -14.99 -1.41
N GLU A 73 2.33 -15.54 -0.25
CA GLU A 73 0.96 -15.98 0.00
C GLU A 73 0.03 -14.78 0.09
N ALA A 74 0.52 -13.68 0.64
CA ALA A 74 -0.27 -12.47 0.78
C ALA A 74 -0.80 -12.00 -0.57
N ALA A 75 0.05 -12.02 -1.58
CA ALA A 75 -0.33 -11.61 -2.93
C ALA A 75 -1.48 -12.47 -3.46
N ARG A 76 -1.22 -13.75 -3.64
CA ARG A 76 -2.23 -14.67 -4.14
C ARG A 76 -3.52 -14.55 -3.35
N ASP A 77 -3.39 -14.30 -2.05
CA ASP A 77 -4.55 -14.16 -1.18
C ASP A 77 -5.51 -13.09 -1.71
N PHE A 78 -4.95 -12.04 -2.30
CA PHE A 78 -5.76 -10.96 -2.85
C PHE A 78 -5.74 -11.00 -4.38
N GLN A 79 -5.58 -12.19 -4.94
CA GLN A 79 -5.54 -12.36 -6.38
C GLN A 79 -4.55 -11.40 -7.03
N VAL A 80 -3.28 -11.80 -7.06
CA VAL A 80 -2.24 -10.96 -7.65
C VAL A 80 -1.54 -11.68 -8.79
N VAL A 81 -1.25 -10.94 -9.85
CA VAL A 81 -0.58 -11.50 -11.02
C VAL A 81 0.66 -10.69 -11.39
N SER A 82 0.57 -9.37 -11.25
CA SER A 82 1.67 -8.48 -11.58
C SER A 82 2.40 -8.05 -10.31
N ILE A 83 3.70 -7.83 -10.44
CA ILE A 83 4.52 -7.41 -9.30
C ILE A 83 4.02 -6.09 -8.73
N PRO A 84 3.98 -5.04 -9.58
CA PRO A 84 3.52 -3.71 -9.18
C PRO A 84 2.02 -3.68 -8.91
N THR A 85 1.61 -4.29 -7.79
CA THR A 85 0.21 -4.33 -7.41
C THR A 85 -0.07 -3.39 -6.24
N MET A 86 -1.16 -2.63 -6.34
CA MET A 86 -1.54 -1.70 -5.29
C MET A 86 -3.03 -1.80 -4.98
N ILE A 87 -3.38 -1.59 -3.72
CA ILE A 87 -4.78 -1.66 -3.30
C ILE A 87 -5.09 -0.59 -2.26
N LEU A 88 -6.00 0.31 -2.59
CA LEU A 88 -6.40 1.39 -1.69
C LEU A 88 -7.39 0.89 -0.65
N PHE A 89 -6.90 0.63 0.56
CA PHE A 89 -7.75 0.15 1.64
C PHE A 89 -8.33 1.31 2.44
N LYS A 90 -9.27 1.01 3.33
CA LYS A 90 -9.91 2.02 4.16
C LYS A 90 -10.70 1.39 5.29
N GLY A 91 -10.32 1.69 6.52
CA GLY A 91 -11.02 1.15 7.67
C GLY A 91 -10.95 -0.37 7.72
N GLY A 92 -9.82 -0.92 7.28
CA GLY A 92 -9.64 -2.36 7.28
C GLY A 92 -10.49 -3.05 6.24
N THR A 93 -10.55 -2.47 5.05
CA THR A 93 -11.33 -3.04 3.95
C THR A 93 -10.88 -2.49 2.61
N PRO A 94 -10.71 -3.38 1.62
CA PRO A 94 -10.28 -3.00 0.27
C PRO A 94 -11.36 -2.23 -0.48
N VAL A 95 -11.45 -0.93 -0.22
CA VAL A 95 -12.43 -0.08 -0.87
C VAL A 95 -12.12 0.07 -2.35
N LYS A 96 -10.83 0.06 -2.68
CA LYS A 96 -10.39 0.21 -4.06
C LYS A 96 -9.18 -0.68 -4.35
N ARG A 97 -8.94 -0.95 -5.62
CA ARG A 97 -7.81 -1.78 -6.02
C ARG A 97 -7.29 -1.37 -7.40
N ILE A 98 -6.00 -1.05 -7.47
CA ILE A 98 -5.38 -0.65 -8.73
C ILE A 98 -4.00 -1.28 -8.89
N VAL A 99 -3.85 -2.11 -9.91
CA VAL A 99 -2.58 -2.77 -10.17
C VAL A 99 -1.95 -2.25 -11.46
N GLY A 100 -0.65 -1.96 -11.41
CA GLY A 100 0.04 -1.46 -12.57
C GLY A 100 0.93 -0.27 -12.26
N ALA A 101 2.11 -0.22 -12.86
CA ALA A 101 3.04 0.87 -12.65
C ALA A 101 2.89 1.95 -13.71
N LYS A 102 1.95 2.87 -13.49
CA LYS A 102 1.71 3.95 -14.42
C LYS A 102 1.88 5.31 -13.75
N GLY A 103 1.95 6.37 -14.55
CA GLY A 103 2.11 7.70 -14.01
C GLY A 103 0.93 8.13 -13.16
N LYS A 104 1.19 8.97 -12.17
CA LYS A 104 0.13 9.46 -11.29
C LYS A 104 -1.08 9.93 -12.09
N ALA A 105 -0.82 10.54 -13.24
CA ALA A 105 -1.89 11.03 -14.10
C ALA A 105 -2.88 9.92 -14.45
N ALA A 106 -2.34 8.76 -14.83
CA ALA A 106 -3.18 7.62 -15.18
C ALA A 106 -3.60 6.84 -13.94
N LEU A 107 -2.63 6.52 -13.09
CA LEU A 107 -2.90 5.79 -11.86
C LEU A 107 -4.08 6.39 -11.11
N LEU A 108 -4.02 7.69 -10.88
CA LEU A 108 -5.08 8.39 -10.17
C LEU A 108 -6.44 8.07 -10.77
N ARG A 109 -6.48 7.91 -12.10
CA ARG A 109 -7.71 7.61 -12.80
C ARG A 109 -8.19 6.20 -12.47
N GLU A 110 -7.26 5.24 -12.47
CA GLU A 110 -7.59 3.86 -12.17
C GLU A 110 -8.36 3.75 -10.86
N ILE A 111 -8.17 4.73 -9.99
CA ILE A 111 -8.84 4.75 -8.70
C ILE A 111 -10.23 5.37 -8.81
N GLU A 112 -10.27 6.67 -9.08
CA GLU A 112 -11.53 7.39 -9.22
C GLU A 112 -12.45 6.69 -10.22
N ASP A 113 -11.90 6.37 -11.39
CA ASP A 113 -12.67 5.70 -12.44
C ASP A 113 -13.34 4.44 -11.89
N ALA A 114 -12.68 3.78 -10.95
CA ALA A 114 -13.20 2.56 -10.35
C ALA A 114 -14.40 2.87 -9.46
N LEU A 115 -14.37 4.03 -8.80
CA LEU A 115 -15.45 4.44 -7.91
C LEU A 115 -16.79 4.38 -8.64
N MET A 1 6.38 -7.21 18.45
CA MET A 1 7.66 -7.70 18.95
C MET A 1 7.99 -7.05 20.30
N ALA A 2 8.27 -5.75 20.28
CA ALA A 2 8.60 -5.03 21.50
C ALA A 2 7.34 -4.51 22.18
N HIS A 3 7.53 -3.75 23.26
CA HIS A 3 6.41 -3.19 24.00
C HIS A 3 5.82 -1.97 23.29
N HIS A 4 6.67 -0.97 23.05
CA HIS A 4 6.23 0.24 22.37
C HIS A 4 6.75 0.27 20.93
N HIS A 5 6.50 1.38 20.24
CA HIS A 5 6.93 1.54 18.86
C HIS A 5 7.29 2.99 18.57
N HIS A 6 8.54 3.22 18.18
CA HIS A 6 9.02 4.56 17.88
C HIS A 6 9.36 4.69 16.40
N HIS A 7 8.65 3.93 15.55
CA HIS A 7 8.89 3.96 14.12
C HIS A 7 7.89 4.89 13.42
N HIS A 8 7.16 5.66 14.21
CA HIS A 8 6.17 6.59 13.68
C HIS A 8 6.83 7.63 12.79
N MET A 9 8.03 8.08 13.19
CA MET A 9 8.76 9.08 12.43
C MET A 9 9.02 8.59 11.00
N SER A 10 9.43 7.35 10.87
CA SER A 10 9.72 6.76 9.56
C SER A 10 8.49 6.84 8.65
N GLY A 11 8.66 7.45 7.48
CA GLY A 11 7.56 7.57 6.55
C GLY A 11 6.94 6.23 6.19
N THR A 12 7.54 5.54 5.23
CA THR A 12 7.03 4.25 4.80
C THR A 12 7.28 3.18 5.85
N VAL A 13 6.21 2.56 6.34
CA VAL A 13 6.32 1.51 7.35
C VAL A 13 5.44 0.32 7.00
N THR A 14 5.95 -0.88 7.26
CA THR A 14 5.20 -2.10 6.98
C THR A 14 4.42 -2.56 8.19
N VAL A 15 3.15 -2.91 7.98
CA VAL A 15 2.30 -3.37 9.07
C VAL A 15 2.38 -4.88 9.24
N THR A 16 2.79 -5.32 10.42
CA THR A 16 2.92 -6.74 10.71
C THR A 16 1.58 -7.45 10.56
N ASP A 17 1.58 -8.76 10.81
CA ASP A 17 0.37 -9.55 10.69
C ASP A 17 -0.51 -9.38 11.93
N SER A 18 0.10 -9.45 13.10
CA SER A 18 -0.62 -9.31 14.36
C SER A 18 -1.13 -7.89 14.54
N THR A 19 -0.21 -6.93 14.45
CA THR A 19 -0.56 -5.52 14.60
C THR A 19 -1.61 -5.10 13.58
N PHE A 20 -1.70 -5.86 12.50
CA PHE A 20 -2.67 -5.56 11.44
C PHE A 20 -4.06 -5.33 12.02
N LYS A 21 -4.35 -6.00 13.14
CA LYS A 21 -5.64 -5.86 13.80
C LYS A 21 -5.82 -4.46 14.38
N THR A 22 -4.75 -3.94 14.99
CA THR A 22 -4.79 -2.61 15.58
C THR A 22 -4.34 -1.55 14.59
N ASP A 23 -3.81 -2.00 13.45
CA ASP A 23 -3.34 -1.08 12.41
C ASP A 23 -4.44 -0.83 11.38
N VAL A 24 -4.75 -1.85 10.59
CA VAL A 24 -5.77 -1.73 9.56
C VAL A 24 -7.16 -1.99 10.13
N LEU A 25 -7.40 -3.22 10.56
CA LEU A 25 -8.68 -3.60 11.14
C LEU A 25 -9.16 -2.56 12.15
N ASP A 26 -8.20 -1.94 12.84
CA ASP A 26 -8.51 -0.91 13.83
C ASP A 26 -9.49 0.11 13.27
N SER A 27 -9.39 0.36 11.97
CA SER A 27 -10.26 1.33 11.30
C SER A 27 -9.98 2.74 11.81
N ASP A 28 -8.76 3.22 11.58
CA ASP A 28 -8.37 4.56 12.00
C ASP A 28 -7.97 5.41 10.81
N THR A 29 -7.40 4.77 9.80
CA THR A 29 -6.96 5.48 8.60
C THR A 29 -6.87 4.54 7.41
N PRO A 30 -6.89 5.10 6.19
CA PRO A 30 -6.81 4.33 4.95
C PRO A 30 -5.43 3.72 4.74
N VAL A 31 -5.40 2.40 4.52
CA VAL A 31 -4.15 1.69 4.30
C VAL A 31 -3.88 1.48 2.81
N LEU A 32 -2.78 2.05 2.32
CA LEU A 32 -2.42 1.91 0.92
C LEU A 32 -1.22 0.98 0.75
N VAL A 33 -1.50 -0.27 0.38
CA VAL A 33 -0.45 -1.26 0.17
C VAL A 33 -0.25 -1.55 -1.31
N ASP A 34 0.99 -1.83 -1.69
CA ASP A 34 1.32 -2.13 -3.08
C ASP A 34 2.00 -3.49 -3.19
N PHE A 35 1.23 -4.50 -3.59
CA PHE A 35 1.75 -5.85 -3.73
C PHE A 35 2.66 -5.95 -4.96
N TRP A 36 3.97 -5.91 -4.73
CA TRP A 36 4.93 -5.99 -5.82
C TRP A 36 6.21 -6.69 -5.36
N ALA A 37 7.25 -6.62 -6.17
CA ALA A 37 8.52 -7.24 -5.86
C ALA A 37 9.07 -6.72 -4.53
N ASP A 38 10.35 -6.98 -4.27
CA ASP A 38 10.99 -6.55 -3.04
C ASP A 38 11.36 -5.06 -3.13
N TRP A 39 10.81 -4.38 -4.12
CA TRP A 39 11.10 -2.96 -4.31
C TRP A 39 12.49 -2.74 -4.89
N CYS A 40 12.56 -2.63 -6.21
CA CYS A 40 13.83 -2.42 -6.90
C CYS A 40 13.61 -2.12 -8.37
N GLY A 41 12.95 -3.04 -9.07
CA GLY A 41 12.68 -2.86 -10.48
C GLY A 41 11.52 -1.93 -10.74
N PRO A 42 10.30 -2.40 -10.44
CA PRO A 42 9.07 -1.62 -10.64
C PRO A 42 8.97 -0.45 -9.66
N CYS A 43 9.53 -0.64 -8.46
CA CYS A 43 9.50 0.41 -7.44
C CYS A 43 10.15 1.69 -7.95
N LYS A 44 11.20 1.53 -8.76
CA LYS A 44 11.92 2.68 -9.30
C LYS A 44 11.01 3.48 -10.25
N MET A 45 10.07 2.80 -10.88
CA MET A 45 9.15 3.44 -11.81
C MET A 45 7.94 4.00 -11.06
N VAL A 46 7.42 3.23 -10.11
CA VAL A 46 6.27 3.65 -9.33
C VAL A 46 6.71 4.32 -8.02
N ALA A 47 7.93 4.83 -8.01
CA ALA A 47 8.47 5.49 -6.82
C ALA A 47 7.87 6.89 -6.67
N PRO A 48 8.12 7.74 -7.67
CA PRO A 48 7.62 9.13 -7.67
C PRO A 48 6.11 9.20 -7.85
N VAL A 49 5.60 8.50 -8.86
CA VAL A 49 4.17 8.48 -9.14
C VAL A 49 3.37 8.10 -7.90
N LEU A 50 3.99 7.31 -7.03
CA LEU A 50 3.34 6.87 -5.80
C LEU A 50 3.53 7.89 -4.68
N GLU A 51 4.75 8.40 -4.56
CA GLU A 51 5.07 9.39 -3.53
C GLU A 51 4.27 10.67 -3.75
N GLU A 52 4.03 11.01 -5.01
CA GLU A 52 3.27 12.20 -5.35
C GLU A 52 1.94 12.24 -4.60
N ILE A 53 1.16 11.19 -4.76
CA ILE A 53 -0.14 11.10 -4.09
C ILE A 53 -0.01 11.40 -2.60
N ALA A 54 1.07 10.93 -1.99
CA ALA A 54 1.31 11.15 -0.57
C ALA A 54 1.71 12.59 -0.31
N ASN A 55 2.58 13.14 -1.16
CA ASN A 55 3.04 14.50 -1.01
C ASN A 55 1.89 15.49 -1.16
N GLU A 56 1.01 15.22 -2.12
CA GLU A 56 -0.14 16.09 -2.38
C GLU A 56 -1.19 15.92 -1.28
N LYS A 57 -1.34 14.68 -0.81
CA LYS A 57 -2.32 14.38 0.24
C LYS A 57 -2.04 15.21 1.50
N SER A 58 -0.94 14.89 2.18
CA SER A 58 -0.57 15.60 3.39
C SER A 58 -1.62 15.40 4.48
N GLY A 59 -2.15 14.19 4.57
CA GLY A 59 -3.17 13.90 5.56
C GLY A 59 -2.66 12.94 6.63
N THR A 60 -3.27 11.77 6.71
CA THR A 60 -2.89 10.77 7.70
C THR A 60 -2.92 9.36 7.12
N LEU A 61 -2.59 9.26 5.83
CA LEU A 61 -2.58 7.98 5.15
C LEU A 61 -1.29 7.21 5.44
N LYS A 62 -1.41 5.89 5.54
CA LYS A 62 -0.26 5.04 5.82
C LYS A 62 0.29 4.43 4.52
N VAL A 63 1.58 4.61 4.29
CA VAL A 63 2.22 4.08 3.10
C VAL A 63 2.99 2.80 3.40
N ALA A 64 2.39 1.67 3.06
CA ALA A 64 3.02 0.37 3.30
C ALA A 64 3.30 -0.35 1.99
N LYS A 65 4.32 -1.21 2.01
CA LYS A 65 4.69 -1.97 0.82
C LYS A 65 4.96 -3.43 1.17
N LEU A 66 4.45 -4.34 0.34
CA LEU A 66 4.64 -5.76 0.57
C LEU A 66 5.44 -6.40 -0.57
N ASP A 67 6.17 -7.46 -0.26
CA ASP A 67 6.98 -8.15 -1.25
C ASP A 67 6.36 -9.49 -1.62
N VAL A 68 6.00 -9.65 -2.90
CA VAL A 68 5.39 -10.88 -3.37
C VAL A 68 6.30 -12.08 -3.11
N ASP A 69 7.59 -11.89 -3.32
CA ASP A 69 8.57 -12.95 -3.10
C ASP A 69 8.40 -13.56 -1.72
N ALA A 70 8.06 -12.73 -0.73
CA ALA A 70 7.88 -13.19 0.64
C ALA A 70 6.42 -13.58 0.89
N ASN A 71 5.51 -12.86 0.25
CA ASN A 71 4.08 -13.12 0.41
C ASN A 71 3.45 -13.51 -0.93
N PRO A 72 3.83 -14.70 -1.44
CA PRO A 72 3.31 -15.21 -2.72
C PRO A 72 1.85 -15.61 -2.61
N GLU A 73 1.45 -16.10 -1.45
CA GLU A 73 0.06 -16.52 -1.23
C GLU A 73 -0.86 -15.31 -1.08
N ALA A 74 -0.35 -14.27 -0.44
CA ALA A 74 -1.13 -13.05 -0.22
C ALA A 74 -1.65 -12.50 -1.55
N ALA A 75 -0.76 -12.40 -2.53
CA ALA A 75 -1.13 -11.88 -3.85
C ALA A 75 -2.28 -12.69 -4.45
N ARG A 76 -2.04 -13.98 -4.66
CA ARG A 76 -3.06 -14.86 -5.23
C ARG A 76 -4.38 -14.74 -4.46
N ASP A 77 -4.28 -14.52 -3.16
CA ASP A 77 -5.45 -14.38 -2.31
C ASP A 77 -6.32 -13.21 -2.76
N PHE A 78 -5.67 -12.16 -3.24
CA PHE A 78 -6.38 -10.97 -3.70
C PHE A 78 -6.42 -10.92 -5.23
N GLN A 79 -6.35 -12.09 -5.87
CA GLN A 79 -6.37 -12.18 -7.31
C GLN A 79 -5.36 -11.23 -7.94
N VAL A 80 -4.10 -11.66 -8.00
CA VAL A 80 -3.03 -10.84 -8.57
C VAL A 80 -2.44 -11.50 -9.79
N VAL A 81 -2.05 -10.69 -10.77
CA VAL A 81 -1.46 -11.20 -12.01
C VAL A 81 -0.24 -10.37 -12.41
N SER A 82 -0.33 -9.06 -12.24
CA SER A 82 0.75 -8.16 -12.59
C SER A 82 1.58 -7.79 -11.36
N ILE A 83 2.87 -7.61 -11.55
CA ILE A 83 3.77 -7.26 -10.46
C ILE A 83 3.33 -5.98 -9.77
N PRO A 84 3.23 -4.88 -10.56
CA PRO A 84 2.81 -3.57 -10.04
C PRO A 84 1.33 -3.55 -9.65
N THR A 85 1.02 -4.17 -8.52
CA THR A 85 -0.35 -4.22 -8.04
C THR A 85 -0.52 -3.40 -6.76
N MET A 86 -1.67 -2.74 -6.63
CA MET A 86 -1.96 -1.93 -5.46
C MET A 86 -3.41 -2.08 -5.02
N ILE A 87 -3.63 -2.17 -3.72
CA ILE A 87 -4.96 -2.32 -3.17
C ILE A 87 -5.23 -1.31 -2.05
N LEU A 88 -6.14 -0.38 -2.32
CA LEU A 88 -6.49 0.64 -1.34
C LEU A 88 -7.46 0.10 -0.30
N PHE A 89 -6.98 -0.04 0.93
CA PHE A 89 -7.81 -0.55 2.02
C PHE A 89 -8.35 0.60 2.88
N LYS A 90 -9.30 0.27 3.75
CA LYS A 90 -9.91 1.27 4.62
C LYS A 90 -10.79 0.61 5.67
N GLY A 91 -10.21 0.34 6.84
CA GLY A 91 -10.96 -0.28 7.91
C GLY A 91 -11.00 -1.80 7.79
N GLY A 92 -9.84 -2.39 7.50
CA GLY A 92 -9.76 -3.83 7.36
C GLY A 92 -10.59 -4.34 6.20
N THR A 93 -10.61 -3.60 5.09
CA THR A 93 -11.37 -3.98 3.92
C THR A 93 -10.90 -3.21 2.69
N PRO A 94 -10.60 -3.96 1.61
CA PRO A 94 -10.14 -3.37 0.35
C PRO A 94 -11.25 -2.59 -0.37
N VAL A 95 -11.38 -1.32 -0.02
CA VAL A 95 -12.39 -0.47 -0.63
C VAL A 95 -12.23 -0.41 -2.15
N LYS A 96 -10.98 -0.43 -2.59
CA LYS A 96 -10.68 -0.38 -4.01
C LYS A 96 -9.35 -1.07 -4.32
N ARG A 97 -9.06 -1.26 -5.61
CA ARG A 97 -7.82 -1.89 -6.02
C ARG A 97 -7.38 -1.37 -7.38
N ILE A 98 -6.15 -0.85 -7.44
CA ILE A 98 -5.61 -0.31 -8.68
C ILE A 98 -4.25 -0.93 -9.00
N VAL A 99 -4.10 -1.44 -10.21
CA VAL A 99 -2.85 -2.05 -10.64
C VAL A 99 -2.32 -1.40 -11.90
N GLY A 100 -1.02 -1.57 -12.16
CA GLY A 100 -0.41 -0.99 -13.34
C GLY A 100 0.53 0.16 -13.01
N ALA A 101 1.66 0.20 -13.69
CA ALA A 101 2.65 1.24 -13.46
C ALA A 101 2.43 2.43 -14.39
N LYS A 102 1.48 3.28 -14.04
CA LYS A 102 1.16 4.46 -14.86
C LYS A 102 1.58 5.73 -14.13
N GLY A 103 1.36 6.87 -14.80
CA GLY A 103 1.73 8.15 -14.20
C GLY A 103 0.95 8.44 -12.94
N LYS A 104 1.06 9.67 -12.45
CA LYS A 104 0.36 10.08 -11.24
C LYS A 104 -1.11 10.36 -11.52
N ALA A 105 -1.37 11.24 -12.49
CA ALA A 105 -2.73 11.59 -12.87
C ALA A 105 -3.55 10.35 -13.18
N ALA A 106 -2.90 9.34 -13.75
CA ALA A 106 -3.57 8.09 -14.10
C ALA A 106 -3.77 7.21 -12.88
N LEU A 107 -2.67 6.76 -12.28
CA LEU A 107 -2.73 5.92 -11.10
C LEU A 107 -3.65 6.53 -10.04
N LEU A 108 -3.67 7.85 -9.97
CA LEU A 108 -4.51 8.55 -9.01
C LEU A 108 -5.98 8.45 -9.38
N ARG A 109 -6.32 8.94 -10.57
CA ARG A 109 -7.70 8.91 -11.06
C ARG A 109 -8.22 7.48 -11.06
N GLU A 110 -7.34 6.51 -11.30
CA GLU A 110 -7.72 5.11 -11.32
C GLU A 110 -8.51 4.73 -10.07
N ILE A 111 -8.27 5.47 -8.99
CA ILE A 111 -8.97 5.22 -7.73
C ILE A 111 -10.31 5.92 -7.69
N GLU A 112 -10.29 7.25 -7.62
CA GLU A 112 -11.51 8.04 -7.58
C GLU A 112 -12.45 7.65 -8.72
N ASP A 113 -11.91 7.62 -9.93
CA ASP A 113 -12.69 7.26 -11.11
C ASP A 113 -13.40 5.93 -10.91
N ALA A 114 -12.75 5.01 -10.21
CA ALA A 114 -13.32 3.70 -9.94
C ALA A 114 -14.45 3.78 -8.93
N LEU A 115 -14.30 4.66 -7.95
CA LEU A 115 -15.30 4.85 -6.92
C LEU A 115 -16.65 5.24 -7.53
N MET A 1 6.13 -5.99 27.53
CA MET A 1 5.56 -6.23 26.20
C MET A 1 5.35 -4.92 25.46
N ALA A 2 4.43 -4.09 25.94
CA ALA A 2 4.14 -2.81 25.32
C ALA A 2 4.70 -1.66 26.15
N HIS A 3 6.02 -1.67 26.37
CA HIS A 3 6.68 -0.63 27.15
C HIS A 3 7.08 0.53 26.26
N HIS A 4 7.66 0.23 25.11
CA HIS A 4 8.10 1.25 24.17
C HIS A 4 6.91 1.79 23.37
N HIS A 5 7.20 2.68 22.42
CA HIS A 5 6.16 3.28 21.59
C HIS A 5 6.46 3.06 20.11
N HIS A 6 5.52 3.46 19.25
CA HIS A 6 5.69 3.31 17.82
C HIS A 6 6.12 4.63 17.18
N HIS A 7 6.85 5.43 17.93
CA HIS A 7 7.32 6.73 17.45
C HIS A 7 8.72 6.60 16.85
N HIS A 8 9.17 5.37 16.66
CA HIS A 8 10.49 5.11 16.10
C HIS A 8 10.38 4.59 14.67
N MET A 9 9.36 3.78 14.43
CA MET A 9 9.14 3.20 13.11
C MET A 9 8.15 4.03 12.30
N SER A 10 8.13 5.35 12.56
CA SER A 10 7.22 6.24 11.87
C SER A 10 7.69 6.50 10.44
N GLY A 11 6.94 5.96 9.48
CA GLY A 11 7.29 6.13 8.08
C GLY A 11 6.68 5.06 7.20
N THR A 12 6.90 5.19 5.88
CA THR A 12 6.36 4.24 4.93
C THR A 12 7.16 2.94 4.96
N VAL A 13 6.61 1.93 5.64
CA VAL A 13 7.27 0.63 5.74
C VAL A 13 6.25 -0.48 5.94
N THR A 14 6.67 -1.71 5.67
CA THR A 14 5.79 -2.87 5.82
C THR A 14 5.48 -3.14 7.28
N VAL A 15 4.37 -3.82 7.53
CA VAL A 15 3.96 -4.16 8.90
C VAL A 15 3.77 -5.65 9.07
N THR A 16 3.91 -6.13 10.30
CA THR A 16 3.76 -7.54 10.60
C THR A 16 2.37 -8.04 10.22
N ASP A 17 2.18 -9.35 10.21
CA ASP A 17 0.90 -9.95 9.87
C ASP A 17 -0.05 -9.91 11.05
N SER A 18 0.44 -10.33 12.21
CA SER A 18 -0.37 -10.35 13.43
C SER A 18 -0.72 -8.93 13.86
N THR A 19 0.29 -8.09 14.00
CA THR A 19 0.09 -6.71 14.42
C THR A 19 -0.77 -5.95 13.41
N PHE A 20 -0.88 -6.51 12.21
CA PHE A 20 -1.67 -5.88 11.16
C PHE A 20 -3.06 -5.51 11.66
N LYS A 21 -3.58 -6.31 12.59
CA LYS A 21 -4.90 -6.07 13.16
C LYS A 21 -4.88 -4.84 14.06
N THR A 22 -3.76 -4.61 14.73
CA THR A 22 -3.61 -3.48 15.63
C THR A 22 -3.05 -2.27 14.89
N ASP A 23 -2.48 -2.50 13.71
CA ASP A 23 -1.92 -1.42 12.91
C ASP A 23 -2.95 -0.90 11.91
N VAL A 24 -3.26 -1.71 10.91
CA VAL A 24 -4.22 -1.33 9.88
C VAL A 24 -5.64 -1.32 10.44
N LEU A 25 -6.16 -2.50 10.72
CA LEU A 25 -7.51 -2.64 11.26
C LEU A 25 -7.79 -1.56 12.30
N ASP A 26 -6.99 -1.54 13.36
CA ASP A 26 -7.15 -0.55 14.43
C ASP A 26 -7.21 0.86 13.85
N SER A 27 -6.14 1.28 13.20
CA SER A 27 -6.08 2.60 12.60
C SER A 27 -7.29 2.86 11.72
N ASP A 28 -7.84 4.08 11.82
CA ASP A 28 -9.01 4.45 11.04
C ASP A 28 -8.59 5.04 9.69
N THR A 29 -7.49 5.78 9.69
CA THR A 29 -6.98 6.41 8.48
C THR A 29 -6.84 5.38 7.35
N PRO A 30 -6.80 5.87 6.11
CA PRO A 30 -6.67 5.02 4.92
C PRO A 30 -5.28 4.38 4.82
N VAL A 31 -5.26 3.06 4.69
CA VAL A 31 -4.01 2.33 4.58
C VAL A 31 -3.69 1.99 3.13
N LEU A 32 -2.49 2.33 2.70
CA LEU A 32 -2.07 2.06 1.32
C LEU A 32 -1.19 0.82 1.26
N VAL A 33 -1.61 -0.16 0.47
CA VAL A 33 -0.87 -1.40 0.32
C VAL A 33 -0.62 -1.73 -1.16
N ASP A 34 0.64 -1.93 -1.50
CA ASP A 34 1.02 -2.25 -2.88
C ASP A 34 1.49 -3.69 -2.99
N PHE A 35 0.60 -4.57 -3.46
CA PHE A 35 0.93 -5.98 -3.62
C PHE A 35 1.63 -6.22 -4.96
N TRP A 36 2.96 -6.13 -4.94
CA TRP A 36 3.75 -6.34 -6.15
C TRP A 36 5.10 -6.94 -5.81
N ALA A 37 6.00 -6.96 -6.81
CA ALA A 37 7.33 -7.52 -6.61
C ALA A 37 8.10 -6.74 -5.54
N ASP A 38 9.42 -6.76 -5.63
CA ASP A 38 10.25 -6.06 -4.67
C ASP A 38 10.29 -4.57 -4.96
N TRP A 39 9.43 -4.13 -5.88
CA TRP A 39 9.36 -2.73 -6.25
C TRP A 39 10.75 -2.11 -6.36
N CYS A 40 11.54 -2.61 -7.30
CA CYS A 40 12.90 -2.12 -7.51
C CYS A 40 13.14 -1.79 -8.98
N GLY A 41 12.73 -2.70 -9.85
CA GLY A 41 12.91 -2.50 -11.28
C GLY A 41 11.85 -1.60 -11.88
N PRO A 42 10.61 -2.09 -11.94
CA PRO A 42 9.48 -1.34 -12.48
C PRO A 42 9.07 -0.17 -11.59
N CYS A 43 9.27 -0.33 -10.28
CA CYS A 43 8.93 0.72 -9.33
C CYS A 43 9.67 2.01 -9.65
N LYS A 44 10.76 1.90 -10.40
CA LYS A 44 11.56 3.06 -10.78
C LYS A 44 10.67 4.16 -11.35
N MET A 45 9.64 3.77 -12.09
CA MET A 45 8.71 4.73 -12.69
C MET A 45 7.55 5.01 -11.75
N VAL A 46 7.17 4.03 -10.95
CA VAL A 46 6.08 4.17 -10.00
C VAL A 46 6.58 4.61 -8.63
N ALA A 47 7.76 5.22 -8.62
CA ALA A 47 8.36 5.70 -7.37
C ALA A 47 7.74 7.02 -6.95
N PRO A 48 7.88 8.05 -7.80
CA PRO A 48 7.34 9.39 -7.52
C PRO A 48 5.82 9.42 -7.59
N VAL A 49 5.26 8.86 -8.65
CA VAL A 49 3.81 8.83 -8.84
C VAL A 49 3.12 8.30 -7.59
N LEU A 50 3.80 7.42 -6.86
CA LEU A 50 3.24 6.85 -5.64
C LEU A 50 3.20 7.88 -4.52
N GLU A 51 4.25 8.69 -4.43
CA GLU A 51 4.33 9.72 -3.40
C GLU A 51 3.38 10.88 -3.71
N GLU A 52 3.20 11.15 -5.00
CA GLU A 52 2.32 12.23 -5.43
C GLU A 52 0.93 12.09 -4.80
N ILE A 53 0.21 11.05 -5.18
CA ILE A 53 -1.12 10.80 -4.65
C ILE A 53 -1.12 10.84 -3.13
N ALA A 54 -0.02 10.36 -2.54
CA ALA A 54 0.11 10.34 -1.09
C ALA A 54 0.19 11.76 -0.52
N ASN A 55 0.92 12.62 -1.20
CA ASN A 55 1.08 14.01 -0.77
C ASN A 55 -0.27 14.74 -0.81
N GLU A 56 -0.97 14.61 -1.92
CA GLU A 56 -2.26 15.26 -2.09
C GLU A 56 -3.33 14.61 -1.21
N LYS A 57 -3.23 13.29 -1.06
CA LYS A 57 -4.18 12.55 -0.23
C LYS A 57 -4.30 13.17 1.15
N SER A 58 -3.29 12.94 1.99
CA SER A 58 -3.28 13.48 3.34
C SER A 58 -1.93 14.10 3.67
N GLY A 59 -0.87 13.47 3.21
CA GLY A 59 0.47 13.99 3.47
C GLY A 59 1.16 13.25 4.59
N THR A 60 0.37 12.70 5.52
CA THR A 60 0.91 11.97 6.66
C THR A 60 0.11 10.70 6.93
N LEU A 61 0.15 9.77 5.97
CA LEU A 61 -0.57 8.52 6.11
C LEU A 61 0.39 7.34 6.15
N LYS A 62 -0.15 6.13 6.22
CA LYS A 62 0.66 4.92 6.26
C LYS A 62 0.74 4.28 4.87
N VAL A 63 1.93 3.81 4.52
CA VAL A 63 2.14 3.16 3.22
C VAL A 63 3.09 1.99 3.34
N ALA A 64 2.53 0.78 3.39
CA ALA A 64 3.33 -0.43 3.50
C ALA A 64 3.45 -1.13 2.15
N LYS A 65 4.59 -1.77 1.92
CA LYS A 65 4.83 -2.49 0.68
C LYS A 65 5.30 -3.92 0.95
N LEU A 66 4.99 -4.82 0.02
CA LEU A 66 5.38 -6.22 0.16
C LEU A 66 5.84 -6.79 -1.17
N ASP A 67 6.73 -7.77 -1.11
CA ASP A 67 7.26 -8.40 -2.33
C ASP A 67 6.62 -9.77 -2.54
N VAL A 68 5.86 -9.90 -3.63
CA VAL A 68 5.19 -11.15 -3.95
C VAL A 68 6.20 -12.30 -4.07
N ASP A 69 7.38 -11.98 -4.57
CA ASP A 69 8.43 -12.98 -4.74
C ASP A 69 8.66 -13.75 -3.44
N ALA A 70 8.54 -13.05 -2.32
CA ALA A 70 8.74 -13.68 -1.01
C ALA A 70 7.40 -14.07 -0.38
N ASN A 71 6.37 -13.26 -0.64
CA ASN A 71 5.05 -13.52 -0.10
C ASN A 71 4.04 -13.73 -1.22
N PRO A 72 4.15 -14.86 -1.93
CA PRO A 72 3.26 -15.20 -3.04
C PRO A 72 1.85 -15.53 -2.57
N GLU A 73 1.76 -16.12 -1.38
CA GLU A 73 0.47 -16.48 -0.81
C GLU A 73 -0.43 -15.26 -0.66
N ALA A 74 0.14 -14.18 -0.15
CA ALA A 74 -0.61 -12.94 0.05
C ALA A 74 -1.23 -12.46 -1.26
N ALA A 75 -0.39 -12.30 -2.28
CA ALA A 75 -0.85 -11.85 -3.59
C ALA A 75 -1.97 -12.73 -4.11
N ARG A 76 -1.67 -14.01 -4.28
CA ARG A 76 -2.66 -14.97 -4.78
C ARG A 76 -3.95 -14.89 -3.98
N ASP A 77 -3.83 -14.58 -2.69
CA ASP A 77 -4.99 -14.47 -1.82
C ASP A 77 -5.99 -13.45 -2.37
N PHE A 78 -5.46 -12.36 -2.92
CA PHE A 78 -6.30 -11.31 -3.47
C PHE A 78 -6.50 -11.51 -4.97
N GLN A 79 -6.25 -12.72 -5.44
CA GLN A 79 -6.40 -13.05 -6.86
C GLN A 79 -5.72 -12.00 -7.73
N VAL A 80 -4.39 -12.08 -7.82
CA VAL A 80 -3.62 -11.13 -8.62
C VAL A 80 -2.85 -11.85 -9.71
N VAL A 81 -2.76 -11.23 -10.89
CA VAL A 81 -2.04 -11.80 -12.01
C VAL A 81 -0.89 -10.90 -12.46
N SER A 82 -1.11 -9.59 -12.40
CA SER A 82 -0.10 -8.63 -12.79
C SER A 82 0.77 -8.23 -11.61
N ILE A 83 2.07 -8.10 -11.85
CA ILE A 83 3.01 -7.71 -10.80
C ILE A 83 2.59 -6.42 -10.13
N PRO A 84 2.47 -5.35 -10.93
CA PRO A 84 2.08 -4.03 -10.44
C PRO A 84 0.62 -3.98 -10.00
N THR A 85 0.34 -4.49 -8.80
CA THR A 85 -1.02 -4.51 -8.27
C THR A 85 -1.09 -3.80 -6.92
N MET A 86 -1.70 -2.61 -6.91
CA MET A 86 -1.84 -1.84 -5.69
C MET A 86 -3.28 -1.80 -5.23
N ILE A 87 -3.49 -1.87 -3.92
CA ILE A 87 -4.83 -1.85 -3.34
C ILE A 87 -4.95 -0.76 -2.28
N LEU A 88 -5.99 0.06 -2.40
CA LEU A 88 -6.22 1.14 -1.44
C LEU A 88 -7.19 0.69 -0.35
N PHE A 89 -6.65 0.46 0.84
CA PHE A 89 -7.47 0.03 1.98
C PHE A 89 -7.99 1.23 2.76
N LYS A 90 -8.90 0.98 3.68
CA LYS A 90 -9.49 2.03 4.51
C LYS A 90 -10.17 1.45 5.74
N GLY A 91 -9.44 1.36 6.84
CA GLY A 91 -9.99 0.83 8.06
C GLY A 91 -9.90 -0.68 8.13
N GLY A 92 -8.80 -1.23 7.61
CA GLY A 92 -8.63 -2.67 7.62
C GLY A 92 -9.55 -3.38 6.66
N THR A 93 -9.76 -2.78 5.49
CA THR A 93 -10.64 -3.35 4.48
C THR A 93 -10.37 -2.74 3.11
N PRO A 94 -10.26 -3.61 2.09
CA PRO A 94 -10.01 -3.18 0.71
C PRO A 94 -11.19 -2.44 0.10
N VAL A 95 -11.06 -1.12 -0.05
CA VAL A 95 -12.12 -0.31 -0.63
C VAL A 95 -11.86 -0.03 -2.10
N LYS A 96 -10.59 0.08 -2.47
CA LYS A 96 -10.21 0.34 -3.85
C LYS A 96 -9.13 -0.64 -4.31
N ARG A 97 -8.95 -0.73 -5.62
CA ARG A 97 -7.95 -1.63 -6.20
C ARG A 97 -7.51 -1.13 -7.57
N ILE A 98 -6.24 -0.75 -7.67
CA ILE A 98 -5.69 -0.26 -8.93
C ILE A 98 -4.37 -0.97 -9.26
N VAL A 99 -4.28 -1.47 -10.49
CA VAL A 99 -3.09 -2.17 -10.94
C VAL A 99 -2.58 -1.60 -12.26
N GLY A 100 -1.26 -1.51 -12.40
CA GLY A 100 -0.68 -0.99 -13.61
C GLY A 100 0.40 0.04 -13.34
N ALA A 101 1.56 -0.13 -13.99
CA ALA A 101 2.67 0.79 -13.82
C ALA A 101 2.48 2.05 -14.65
N LYS A 102 1.38 2.76 -14.40
CA LYS A 102 1.08 3.99 -15.15
C LYS A 102 1.55 5.22 -14.37
N GLY A 103 1.49 6.38 -15.01
CA GLY A 103 1.90 7.60 -14.35
C GLY A 103 0.98 8.00 -13.22
N LYS A 104 1.26 9.13 -12.59
CA LYS A 104 0.46 9.63 -11.49
C LYS A 104 -0.91 10.09 -11.98
N ALA A 105 -0.92 10.82 -13.09
CA ALA A 105 -2.17 11.31 -13.67
C ALA A 105 -3.14 10.18 -13.94
N ALA A 106 -2.60 9.02 -14.32
CA ALA A 106 -3.42 7.86 -14.61
C ALA A 106 -3.68 7.04 -13.34
N LEU A 107 -2.61 6.63 -12.67
CA LEU A 107 -2.73 5.84 -11.45
C LEU A 107 -3.67 6.51 -10.46
N LEU A 108 -3.65 7.84 -10.43
CA LEU A 108 -4.50 8.60 -9.53
C LEU A 108 -5.96 8.48 -9.93
N ARG A 109 -6.28 8.92 -11.14
CA ARG A 109 -7.64 8.87 -11.66
C ARG A 109 -8.19 7.44 -11.57
N GLU A 110 -7.32 6.47 -11.79
CA GLU A 110 -7.71 5.06 -11.73
C GLU A 110 -8.42 4.75 -10.42
N ILE A 111 -8.13 5.54 -9.39
CA ILE A 111 -8.74 5.34 -8.08
C ILE A 111 -10.10 6.03 -7.99
N GLU A 112 -10.08 7.36 -8.02
CA GLU A 112 -11.32 8.14 -7.95
C GLU A 112 -12.32 7.66 -9.00
N ASP A 113 -11.84 7.50 -10.23
CA ASP A 113 -12.69 7.06 -11.32
C ASP A 113 -13.38 5.74 -10.98
N ALA A 114 -12.69 4.89 -10.23
CA ALA A 114 -13.24 3.60 -9.83
C ALA A 114 -14.32 3.77 -8.77
N LEU A 115 -14.11 4.73 -7.87
CA LEU A 115 -15.08 4.99 -6.80
C LEU A 115 -16.47 5.24 -7.37
N MET A 1 0.02 -7.37 24.01
CA MET A 1 -0.03 -6.61 22.77
C MET A 1 0.72 -5.29 22.91
N ALA A 2 1.96 -5.36 23.40
CA ALA A 2 2.77 -4.17 23.57
C ALA A 2 4.26 -4.50 23.39
N HIS A 3 4.84 -4.02 22.29
CA HIS A 3 6.24 -4.27 22.00
C HIS A 3 7.09 -3.05 22.40
N HIS A 4 6.80 -1.91 21.78
CA HIS A 4 7.53 -0.68 22.07
C HIS A 4 6.88 0.51 21.38
N HIS A 5 7.47 1.69 21.58
CA HIS A 5 6.94 2.91 20.98
C HIS A 5 6.97 2.83 19.46
N HIS A 6 6.31 3.77 18.80
CA HIS A 6 6.25 3.81 17.35
C HIS A 6 7.22 4.85 16.79
N HIS A 7 8.32 5.07 17.51
CA HIS A 7 9.32 6.04 17.09
C HIS A 7 9.86 5.70 15.70
N HIS A 8 9.98 4.41 15.42
CA HIS A 8 10.49 3.96 14.13
C HIS A 8 9.33 3.61 13.19
N MET A 9 8.26 3.05 13.75
CA MET A 9 7.09 2.67 12.97
C MET A 9 6.60 3.84 12.12
N SER A 10 6.72 5.05 12.67
CA SER A 10 6.28 6.25 11.96
C SER A 10 7.02 6.39 10.63
N GLY A 11 6.28 6.29 9.54
CA GLY A 11 6.89 6.42 8.21
C GLY A 11 6.68 5.18 7.37
N THR A 12 7.16 5.23 6.12
CA THR A 12 7.03 4.11 5.21
C THR A 12 7.74 2.87 5.75
N VAL A 13 6.96 1.91 6.22
CA VAL A 13 7.52 0.67 6.77
C VAL A 13 6.56 -0.50 6.55
N THR A 14 7.13 -1.67 6.30
CA THR A 14 6.32 -2.87 6.07
C THR A 14 5.64 -3.32 7.37
N VAL A 15 4.33 -3.51 7.29
CA VAL A 15 3.56 -3.94 8.46
C VAL A 15 3.42 -5.46 8.49
N THR A 16 3.68 -6.04 9.65
CA THR A 16 3.58 -7.49 9.82
C THR A 16 2.17 -7.98 9.51
N ASP A 17 1.98 -9.30 9.59
CA ASP A 17 0.68 -9.90 9.32
C ASP A 17 -0.23 -9.78 10.54
N SER A 18 0.29 -10.15 11.71
CA SER A 18 -0.47 -10.09 12.95
C SER A 18 -0.69 -8.64 13.38
N THR A 19 0.39 -7.89 13.46
CA THR A 19 0.32 -6.49 13.86
C THR A 19 -0.60 -5.69 12.93
N PHE A 20 -0.83 -6.23 11.74
CA PHE A 20 -1.68 -5.57 10.76
C PHE A 20 -3.03 -5.19 11.38
N LYS A 21 -3.47 -5.98 12.35
CA LYS A 21 -4.73 -5.73 13.02
C LYS A 21 -4.63 -4.52 13.94
N THR A 22 -3.45 -4.32 14.53
CA THR A 22 -3.22 -3.20 15.43
C THR A 22 -2.68 -1.99 14.67
N ASP A 23 -2.21 -2.23 13.46
CA ASP A 23 -1.66 -1.15 12.64
C ASP A 23 -2.74 -0.58 11.71
N VAL A 24 -3.13 -1.36 10.70
CA VAL A 24 -4.14 -0.92 9.75
C VAL A 24 -5.52 -0.89 10.41
N LEU A 25 -6.07 -2.05 10.71
CA LEU A 25 -7.38 -2.15 11.34
C LEU A 25 -7.55 -1.08 12.42
N ASP A 26 -6.69 -1.12 13.42
CA ASP A 26 -6.73 -0.15 14.51
C ASP A 26 -6.80 1.27 13.96
N SER A 27 -5.80 1.64 13.17
CA SER A 27 -5.74 2.97 12.59
C SER A 27 -7.04 3.32 11.87
N ASP A 28 -7.41 4.60 11.91
CA ASP A 28 -8.63 5.05 11.26
C ASP A 28 -8.34 5.58 9.85
N THR A 29 -7.29 6.40 9.74
CA THR A 29 -6.90 6.97 8.46
C THR A 29 -6.78 5.90 7.39
N PRO A 30 -6.84 6.32 6.11
CA PRO A 30 -6.73 5.41 4.97
C PRO A 30 -5.33 4.82 4.82
N VAL A 31 -5.26 3.50 4.64
CA VAL A 31 -3.98 2.82 4.49
C VAL A 31 -3.71 2.48 3.02
N LEU A 32 -2.49 2.76 2.57
CA LEU A 32 -2.11 2.48 1.19
C LEU A 32 -1.28 1.21 1.10
N VAL A 33 -1.80 0.21 0.42
CA VAL A 33 -1.10 -1.06 0.26
C VAL A 33 -0.31 -1.09 -1.04
N ASP A 34 0.87 -1.72 -1.00
CA ASP A 34 1.72 -1.82 -2.18
C ASP A 34 2.18 -3.25 -2.39
N PHE A 35 1.52 -3.94 -3.32
CA PHE A 35 1.86 -5.33 -3.62
C PHE A 35 2.69 -5.42 -4.89
N TRP A 36 4.02 -5.48 -4.73
CA TRP A 36 4.92 -5.56 -5.87
C TRP A 36 6.21 -6.27 -5.48
N ALA A 37 7.22 -6.19 -6.35
CA ALA A 37 8.50 -6.83 -6.09
C ALA A 37 9.09 -6.35 -4.78
N ASP A 38 10.38 -6.64 -4.57
CA ASP A 38 11.07 -6.24 -3.35
C ASP A 38 11.43 -4.76 -3.39
N TRP A 39 10.85 -4.04 -4.34
CA TRP A 39 11.11 -2.61 -4.48
C TRP A 39 12.45 -2.35 -5.16
N CYS A 40 12.43 -2.26 -6.49
CA CYS A 40 13.66 -2.03 -7.25
C CYS A 40 13.33 -1.84 -8.73
N GLY A 41 12.66 -2.83 -9.31
CA GLY A 41 12.32 -2.76 -10.72
C GLY A 41 11.09 -1.90 -10.97
N PRO A 42 9.92 -2.41 -10.56
CA PRO A 42 8.64 -1.69 -10.73
C PRO A 42 8.54 -0.47 -9.83
N CYS A 43 9.21 -0.53 -8.69
CA CYS A 43 9.19 0.57 -7.73
C CYS A 43 9.78 1.84 -8.35
N LYS A 44 10.75 1.66 -9.24
CA LYS A 44 11.40 2.77 -9.90
C LYS A 44 10.41 3.55 -10.77
N MET A 45 9.41 2.84 -11.30
CA MET A 45 8.40 3.47 -12.14
C MET A 45 7.30 4.10 -11.28
N VAL A 46 6.87 3.37 -10.26
CA VAL A 46 5.82 3.85 -9.37
C VAL A 46 6.41 4.55 -8.15
N ALA A 47 7.65 5.02 -8.28
CA ALA A 47 8.34 5.71 -7.20
C ALA A 47 7.79 7.12 -7.01
N PRO A 48 7.91 7.94 -8.07
CA PRO A 48 7.44 9.34 -8.05
C PRO A 48 5.91 9.42 -8.03
N VAL A 49 5.28 8.71 -8.94
CA VAL A 49 3.82 8.71 -9.04
C VAL A 49 3.19 8.35 -7.70
N LEU A 50 3.89 7.56 -6.91
CA LEU A 50 3.40 7.15 -5.60
C LEU A 50 3.44 8.32 -4.61
N GLU A 51 4.53 9.07 -4.65
CA GLU A 51 4.70 10.22 -3.76
C GLU A 51 3.65 11.29 -4.05
N GLU A 52 3.31 11.45 -5.32
CA GLU A 52 2.32 12.44 -5.73
C GLU A 52 1.00 12.22 -5.00
N ILE A 53 0.31 11.13 -5.33
CA ILE A 53 -0.96 10.80 -4.70
C ILE A 53 -0.83 10.76 -3.18
N ALA A 54 0.31 10.26 -2.71
CA ALA A 54 0.57 10.16 -1.28
C ALA A 54 0.54 11.53 -0.61
N ASN A 55 1.08 12.53 -1.32
CA ASN A 55 1.11 13.90 -0.81
C ASN A 55 -0.22 14.61 -1.03
N GLU A 56 -0.80 14.38 -2.20
CA GLU A 56 -2.08 15.00 -2.54
C GLU A 56 -3.19 14.51 -1.60
N LYS A 57 -3.28 13.20 -1.43
CA LYS A 57 -4.29 12.61 -0.56
C LYS A 57 -4.21 13.21 0.84
N SER A 58 -3.07 13.01 1.51
CA SER A 58 -2.87 13.54 2.86
C SER A 58 -1.40 13.81 3.12
N GLY A 59 -1.10 14.28 4.33
CA GLY A 59 0.28 14.56 4.70
C GLY A 59 0.79 13.66 5.79
N THR A 60 -0.13 13.07 6.55
CA THR A 60 0.23 12.17 7.64
C THR A 60 -0.51 10.85 7.54
N LEU A 61 -0.28 10.13 6.44
CA LEU A 61 -0.94 8.84 6.22
C LEU A 61 0.04 7.69 6.44
N LYS A 62 -0.48 6.46 6.42
CA LYS A 62 0.35 5.28 6.61
C LYS A 62 0.54 4.53 5.30
N VAL A 63 1.80 4.35 4.90
CA VAL A 63 2.13 3.65 3.67
C VAL A 63 3.01 2.44 3.94
N ALA A 64 2.47 1.24 3.71
CA ALA A 64 3.21 0.01 3.93
C ALA A 64 3.28 -0.82 2.66
N LYS A 65 4.48 -1.24 2.30
CA LYS A 65 4.68 -2.05 1.10
C LYS A 65 5.11 -3.47 1.47
N LEU A 66 4.84 -4.41 0.58
CA LEU A 66 5.20 -5.81 0.80
C LEU A 66 5.70 -6.47 -0.49
N ASP A 67 6.77 -7.23 -0.38
CA ASP A 67 7.34 -7.91 -1.53
C ASP A 67 6.56 -9.19 -1.86
N VAL A 68 6.52 -9.54 -3.14
CA VAL A 68 5.81 -10.73 -3.58
C VAL A 68 6.73 -11.95 -3.58
N ASP A 69 7.98 -11.73 -3.94
CA ASP A 69 8.96 -12.82 -3.98
C ASP A 69 9.03 -13.54 -2.64
N ALA A 70 8.87 -12.78 -1.56
CA ALA A 70 8.91 -13.35 -0.22
C ALA A 70 7.52 -13.69 0.28
N ASN A 71 6.53 -12.91 -0.15
CA ASN A 71 5.15 -13.13 0.26
C ASN A 71 4.28 -13.47 -0.95
N PRO A 72 4.51 -14.65 -1.54
CA PRO A 72 3.75 -15.11 -2.71
C PRO A 72 2.31 -15.45 -2.37
N GLU A 73 2.09 -15.95 -1.15
CA GLU A 73 0.75 -16.33 -0.70
C GLU A 73 -0.12 -15.09 -0.55
N ALA A 74 0.47 -13.99 -0.10
CA ALA A 74 -0.27 -12.75 0.09
C ALA A 74 -0.91 -12.29 -1.20
N ALA A 75 -0.13 -12.27 -2.28
CA ALA A 75 -0.63 -11.84 -3.58
C ALA A 75 -1.87 -12.65 -3.98
N ARG A 76 -1.71 -13.96 -4.09
CA ARG A 76 -2.81 -14.83 -4.46
C ARG A 76 -4.03 -14.58 -3.58
N ASP A 77 -3.78 -14.25 -2.32
CA ASP A 77 -4.86 -13.98 -1.37
C ASP A 77 -5.83 -12.95 -1.93
N PHE A 78 -5.29 -11.95 -2.62
CA PHE A 78 -6.10 -10.90 -3.21
C PHE A 78 -6.20 -11.07 -4.73
N GLN A 79 -6.08 -12.31 -5.20
CA GLN A 79 -6.15 -12.61 -6.62
C GLN A 79 -5.23 -11.69 -7.42
N VAL A 80 -3.93 -11.78 -7.12
CA VAL A 80 -2.94 -10.96 -7.81
C VAL A 80 -2.30 -11.73 -8.96
N VAL A 81 -2.14 -11.04 -10.10
CA VAL A 81 -1.54 -11.66 -11.27
C VAL A 81 -0.39 -10.81 -11.80
N SER A 82 -0.55 -9.49 -11.73
CA SER A 82 0.47 -8.57 -12.21
C SER A 82 1.36 -8.10 -11.06
N ILE A 83 2.64 -7.91 -11.35
CA ILE A 83 3.59 -7.46 -10.35
C ILE A 83 3.16 -6.13 -9.74
N PRO A 84 2.98 -5.12 -10.59
CA PRO A 84 2.57 -3.78 -10.17
C PRO A 84 1.12 -3.75 -9.69
N THR A 85 0.88 -4.24 -8.47
CA THR A 85 -0.45 -4.27 -7.90
C THR A 85 -0.54 -3.40 -6.66
N MET A 86 -1.52 -2.50 -6.63
CA MET A 86 -1.71 -1.61 -5.50
C MET A 86 -3.16 -1.66 -5.00
N ILE A 87 -3.32 -1.62 -3.68
CA ILE A 87 -4.65 -1.66 -3.09
C ILE A 87 -4.85 -0.52 -2.11
N LEU A 88 -5.95 0.21 -2.26
CA LEU A 88 -6.26 1.34 -1.39
C LEU A 88 -7.21 0.92 -0.27
N PHE A 89 -6.66 0.77 0.94
CA PHE A 89 -7.45 0.37 2.09
C PHE A 89 -8.02 1.59 2.81
N LYS A 90 -8.92 1.35 3.76
CA LYS A 90 -9.54 2.42 4.52
C LYS A 90 -10.22 1.88 5.77
N GLY A 91 -9.48 1.85 6.88
CA GLY A 91 -10.03 1.35 8.13
C GLY A 91 -9.91 -0.15 8.25
N GLY A 92 -8.85 -0.71 7.69
CA GLY A 92 -8.63 -2.14 7.75
C GLY A 92 -9.54 -2.91 6.82
N THR A 93 -9.75 -2.36 5.62
CA THR A 93 -10.61 -2.99 4.62
C THR A 93 -10.31 -2.47 3.23
N PRO A 94 -10.19 -3.38 2.25
CA PRO A 94 -9.90 -3.03 0.87
C PRO A 94 -11.09 -2.34 0.19
N VAL A 95 -11.07 -1.01 0.20
CA VAL A 95 -12.14 -0.22 -0.41
C VAL A 95 -11.89 -0.04 -1.91
N LYS A 96 -10.62 0.01 -2.29
CA LYS A 96 -10.25 0.18 -3.69
C LYS A 96 -9.07 -0.71 -4.05
N ARG A 97 -8.84 -0.88 -5.35
CA ARG A 97 -7.73 -1.70 -5.83
C ARG A 97 -7.38 -1.34 -7.27
N ILE A 98 -6.15 -0.87 -7.47
CA ILE A 98 -5.67 -0.50 -8.80
C ILE A 98 -4.36 -1.19 -9.13
N VAL A 99 -4.22 -1.62 -10.38
CA VAL A 99 -3.01 -2.30 -10.82
C VAL A 99 -2.67 -1.93 -12.26
N GLY A 100 -1.39 -2.02 -12.61
CA GLY A 100 -0.97 -1.69 -13.96
C GLY A 100 0.31 -0.87 -13.98
N ALA A 101 0.50 -0.07 -12.93
CA ALA A 101 1.69 0.77 -12.83
C ALA A 101 1.73 1.80 -13.95
N LYS A 102 1.02 2.91 -13.75
CA LYS A 102 0.98 3.98 -14.74
C LYS A 102 1.22 5.33 -14.10
N GLY A 103 1.22 6.39 -14.91
CA GLY A 103 1.44 7.72 -14.40
C GLY A 103 0.42 8.12 -13.36
N LYS A 104 0.83 8.97 -12.41
CA LYS A 104 -0.07 9.42 -11.35
C LYS A 104 -1.38 9.93 -11.94
N ALA A 105 -1.28 10.68 -13.03
CA ALA A 105 -2.47 11.23 -13.68
C ALA A 105 -3.45 10.12 -14.06
N ALA A 106 -2.90 9.00 -14.51
CA ALA A 106 -3.73 7.86 -14.90
C ALA A 106 -4.13 7.03 -13.70
N LEU A 107 -3.13 6.51 -12.99
CA LEU A 107 -3.38 5.69 -11.80
C LEU A 107 -4.41 6.35 -10.89
N LEU A 108 -4.29 7.67 -10.73
CA LEU A 108 -5.21 8.42 -9.88
C LEU A 108 -6.65 8.21 -10.32
N ARG A 109 -6.87 8.22 -11.63
CA ARG A 109 -8.21 8.02 -12.19
C ARG A 109 -8.75 6.63 -11.85
N GLU A 110 -7.88 5.63 -11.97
CA GLU A 110 -8.27 4.25 -11.68
C GLU A 110 -8.90 4.14 -10.31
N ILE A 111 -8.55 5.08 -9.43
CA ILE A 111 -9.09 5.09 -8.07
C ILE A 111 -10.44 5.81 -8.02
N GLU A 112 -10.41 7.12 -8.24
CA GLU A 112 -11.63 7.92 -8.21
C GLU A 112 -12.69 7.32 -9.13
N ASP A 113 -12.29 7.01 -10.36
CA ASP A 113 -13.20 6.43 -11.34
C ASP A 113 -13.80 5.12 -10.82
N ALA A 114 -13.00 4.39 -10.06
CA ALA A 114 -13.44 3.11 -9.50
C ALA A 114 -14.39 3.32 -8.32
N LEU A 115 -14.11 4.36 -7.53
CA LEU A 115 -14.93 4.67 -6.37
C LEU A 115 -16.42 4.76 -6.76
N MET A 1 4.07 -7.63 18.17
CA MET A 1 4.85 -8.82 17.82
C MET A 1 6.06 -8.96 18.74
N ALA A 2 6.71 -7.84 19.04
CA ALA A 2 7.89 -7.84 19.90
C ALA A 2 7.61 -7.10 21.20
N HIS A 3 8.63 -6.99 22.03
CA HIS A 3 8.50 -6.30 23.32
C HIS A 3 8.80 -4.81 23.16
N HIS A 4 9.77 -4.49 22.31
CA HIS A 4 10.15 -3.10 22.08
C HIS A 4 9.06 -2.36 21.32
N HIS A 5 9.20 -1.04 21.24
CA HIS A 5 8.22 -0.21 20.54
C HIS A 5 8.48 -0.20 19.04
N HIS A 6 7.50 0.26 18.27
CA HIS A 6 7.63 0.33 16.82
C HIS A 6 7.50 1.76 16.32
N HIS A 7 7.94 2.71 17.14
CA HIS A 7 7.88 4.11 16.79
C HIS A 7 9.19 4.57 16.15
N HIS A 8 10.30 4.05 16.65
CA HIS A 8 11.62 4.40 16.12
C HIS A 8 11.67 4.22 14.61
N MET A 9 11.04 3.14 14.14
CA MET A 9 11.00 2.85 12.71
C MET A 9 9.73 3.37 12.07
N SER A 10 9.21 4.46 12.61
CA SER A 10 7.98 5.07 12.10
C SER A 10 8.14 5.45 10.63
N GLY A 11 7.20 5.02 9.81
CA GLY A 11 7.25 5.33 8.39
C GLY A 11 6.53 4.31 7.54
N THR A 12 6.79 4.32 6.25
CA THR A 12 6.16 3.39 5.32
C THR A 12 6.64 1.96 5.56
N VAL A 13 5.71 1.08 5.93
CA VAL A 13 6.05 -0.31 6.19
C VAL A 13 4.80 -1.19 6.11
N THR A 14 5.01 -2.47 5.83
CA THR A 14 3.90 -3.43 5.74
C THR A 14 3.26 -3.66 7.10
N VAL A 15 2.01 -4.10 7.09
CA VAL A 15 1.28 -4.37 8.32
C VAL A 15 0.87 -5.83 8.41
N THR A 16 1.20 -6.48 9.52
CA THR A 16 0.87 -7.88 9.72
C THR A 16 -0.64 -8.10 9.67
N ASP A 17 -1.05 -9.35 9.49
CA ASP A 17 -2.46 -9.70 9.42
C ASP A 17 -3.10 -9.60 10.80
N SER A 18 -2.35 -9.98 11.83
CA SER A 18 -2.86 -9.94 13.20
C SER A 18 -2.90 -8.51 13.73
N THR A 19 -1.94 -7.69 13.30
CA THR A 19 -1.88 -6.30 13.72
C THR A 19 -2.73 -5.40 12.82
N PHE A 20 -3.06 -5.92 11.64
CA PHE A 20 -3.88 -5.16 10.70
C PHE A 20 -5.14 -4.64 11.36
N LYS A 21 -5.63 -5.37 12.36
CA LYS A 21 -6.84 -4.97 13.07
C LYS A 21 -6.56 -3.79 13.99
N THR A 22 -5.35 -3.75 14.54
CA THR A 22 -4.96 -2.66 15.44
C THR A 22 -4.30 -1.52 14.66
N ASP A 23 -3.89 -1.81 13.44
CA ASP A 23 -3.24 -0.80 12.59
C ASP A 23 -4.26 -0.12 11.70
N VAL A 24 -4.76 -0.83 10.71
CA VAL A 24 -5.75 -0.29 9.78
C VAL A 24 -7.09 -0.09 10.47
N LEU A 25 -7.77 -1.18 10.78
CA LEU A 25 -9.06 -1.12 11.44
C LEU A 25 -9.08 -0.03 12.51
N ASP A 26 -8.20 -0.17 13.50
CA ASP A 26 -8.12 0.79 14.58
C ASP A 26 -8.01 2.21 14.04
N SER A 27 -7.00 2.46 13.22
CA SER A 27 -6.80 3.78 12.63
C SER A 27 -8.06 4.26 11.92
N ASP A 28 -8.18 5.58 11.77
CA ASP A 28 -9.34 6.17 11.12
C ASP A 28 -9.02 6.51 9.66
N THR A 29 -7.88 7.13 9.44
CA THR A 29 -7.47 7.51 8.09
C THR A 29 -7.38 6.30 7.18
N PRO A 30 -7.43 6.55 5.87
CA PRO A 30 -7.37 5.47 4.85
C PRO A 30 -5.99 4.83 4.78
N VAL A 31 -5.96 3.55 4.43
CA VAL A 31 -4.71 2.81 4.33
C VAL A 31 -4.41 2.43 2.88
N LEU A 32 -3.21 2.77 2.42
CA LEU A 32 -2.81 2.47 1.06
C LEU A 32 -1.64 1.47 1.04
N VAL A 33 -1.96 0.21 0.80
CA VAL A 33 -0.95 -0.84 0.76
C VAL A 33 -0.53 -1.14 -0.68
N ASP A 34 0.75 -1.48 -0.86
CA ASP A 34 1.27 -1.79 -2.17
C ASP A 34 2.11 -3.07 -2.14
N PHE A 35 1.58 -4.13 -2.72
CA PHE A 35 2.28 -5.42 -2.75
C PHE A 35 3.12 -5.55 -4.02
N TRP A 36 4.39 -5.20 -3.93
CA TRP A 36 5.30 -5.28 -5.06
C TRP A 36 6.65 -5.84 -4.64
N ALA A 37 7.64 -5.72 -5.53
CA ALA A 37 8.98 -6.21 -5.25
C ALA A 37 9.54 -5.59 -3.97
N ASP A 38 10.84 -5.73 -3.76
CA ASP A 38 11.49 -5.19 -2.58
C ASP A 38 11.73 -3.69 -2.73
N TRP A 39 11.11 -3.10 -3.74
CA TRP A 39 11.25 -1.67 -4.00
C TRP A 39 12.59 -1.37 -4.67
N CYS A 40 12.58 -1.33 -5.99
CA CYS A 40 13.79 -1.05 -6.75
C CYS A 40 13.48 -0.92 -8.24
N GLY A 41 12.89 -1.96 -8.81
CA GLY A 41 12.56 -1.93 -10.22
C GLY A 41 11.29 -1.15 -10.50
N PRO A 42 10.14 -1.70 -10.07
CA PRO A 42 8.83 -1.07 -10.27
C PRO A 42 8.67 0.19 -9.42
N CYS A 43 9.08 0.11 -8.17
CA CYS A 43 8.98 1.24 -7.26
C CYS A 43 9.61 2.49 -7.86
N LYS A 44 10.68 2.29 -8.62
CA LYS A 44 11.38 3.40 -9.27
C LYS A 44 10.48 4.10 -10.29
N MET A 45 9.65 3.31 -10.97
CA MET A 45 8.73 3.84 -11.97
C MET A 45 7.46 4.36 -11.32
N VAL A 46 7.00 3.67 -10.28
CA VAL A 46 5.79 4.05 -9.57
C VAL A 46 6.11 4.90 -8.35
N ALA A 47 7.30 5.50 -8.35
CA ALA A 47 7.73 6.34 -7.24
C ALA A 47 7.09 7.72 -7.31
N PRO A 48 7.37 8.45 -8.40
CA PRO A 48 6.83 9.80 -8.62
C PRO A 48 5.32 9.78 -8.89
N VAL A 49 4.91 8.94 -9.83
CA VAL A 49 3.50 8.82 -10.19
C VAL A 49 2.63 8.59 -8.96
N LEU A 50 3.21 7.92 -7.96
CA LEU A 50 2.49 7.63 -6.72
C LEU A 50 2.56 8.82 -5.76
N GLU A 51 3.70 9.50 -5.77
CA GLU A 51 3.89 10.66 -4.90
C GLU A 51 2.84 11.73 -5.17
N GLU A 52 2.45 11.87 -6.44
CA GLU A 52 1.45 12.86 -6.83
C GLU A 52 0.20 12.74 -5.95
N ILE A 53 -0.41 11.56 -5.97
CA ILE A 53 -1.61 11.31 -5.18
C ILE A 53 -1.41 11.72 -3.72
N ALA A 54 -0.20 11.53 -3.23
CA ALA A 54 0.13 11.88 -1.85
C ALA A 54 0.22 13.39 -1.67
N ASN A 55 0.81 14.06 -2.67
CA ASN A 55 0.95 15.51 -2.62
C ASN A 55 -0.41 16.21 -2.62
N GLU A 56 -1.34 15.65 -3.39
CA GLU A 56 -2.68 16.22 -3.49
C GLU A 56 -3.51 15.85 -2.25
N LYS A 57 -3.30 14.63 -1.76
CA LYS A 57 -4.03 14.16 -0.58
C LYS A 57 -3.72 15.04 0.64
N SER A 58 -2.53 14.86 1.19
CA SER A 58 -2.12 15.64 2.36
C SER A 58 -3.02 15.34 3.55
N GLY A 59 -3.46 14.09 3.66
CA GLY A 59 -4.33 13.70 4.76
C GLY A 59 -3.72 12.60 5.62
N THR A 60 -2.48 12.82 6.05
CA THR A 60 -1.78 11.84 6.87
C THR A 60 -2.11 10.42 6.44
N LEU A 61 -2.11 10.19 5.13
CA LEU A 61 -2.41 8.87 4.59
C LEU A 61 -1.27 7.89 4.89
N LYS A 62 -1.64 6.66 5.22
CA LYS A 62 -0.65 5.63 5.53
C LYS A 62 -0.16 4.96 4.26
N VAL A 63 1.10 4.54 4.27
CA VAL A 63 1.69 3.87 3.11
C VAL A 63 2.40 2.58 3.52
N ALA A 64 1.75 1.45 3.25
CA ALA A 64 2.31 0.15 3.59
C ALA A 64 2.87 -0.55 2.34
N LYS A 65 4.11 -1.02 2.44
CA LYS A 65 4.76 -1.70 1.33
C LYS A 65 5.36 -3.03 1.79
N LEU A 66 5.27 -4.04 0.92
CA LEU A 66 5.81 -5.35 1.24
C LEU A 66 6.54 -5.95 0.04
N ASP A 67 7.65 -6.63 0.30
CA ASP A 67 8.44 -7.24 -0.77
C ASP A 67 7.90 -8.63 -1.10
N VAL A 68 7.29 -8.75 -2.27
CA VAL A 68 6.73 -10.02 -2.72
C VAL A 68 7.81 -11.09 -2.82
N ASP A 69 9.00 -10.68 -3.23
CA ASP A 69 10.12 -11.60 -3.36
C ASP A 69 10.32 -12.42 -2.08
N ALA A 70 10.06 -11.78 -0.94
CA ALA A 70 10.20 -12.45 0.35
C ALA A 70 8.86 -12.96 0.85
N ASN A 71 7.80 -12.21 0.57
CA ASN A 71 6.46 -12.58 1.00
C ASN A 71 5.56 -12.86 -0.20
N PRO A 72 5.82 -13.97 -0.90
CA PRO A 72 5.05 -14.37 -2.09
C PRO A 72 3.64 -14.81 -1.73
N GLU A 73 3.49 -15.40 -0.54
CA GLU A 73 2.19 -15.87 -0.08
C GLU A 73 1.22 -14.71 0.10
N ALA A 74 1.75 -13.57 0.55
CA ALA A 74 0.93 -12.38 0.76
C ALA A 74 0.20 -11.98 -0.52
N ALA A 75 0.95 -11.91 -1.61
CA ALA A 75 0.38 -11.53 -2.90
C ALA A 75 -0.82 -12.41 -3.25
N ARG A 76 -0.57 -13.71 -3.37
CA ARG A 76 -1.63 -14.65 -3.70
C ARG A 76 -2.83 -14.47 -2.78
N ASP A 77 -2.56 -14.13 -1.53
CA ASP A 77 -3.61 -13.92 -0.54
C ASP A 77 -4.68 -12.97 -1.08
N PHE A 78 -4.24 -11.93 -1.78
CA PHE A 78 -5.15 -10.95 -2.35
C PHE A 78 -5.31 -11.14 -3.85
N GLN A 79 -5.10 -12.38 -4.30
CA GLN A 79 -5.22 -12.70 -5.71
C GLN A 79 -4.42 -11.73 -6.57
N VAL A 80 -3.10 -11.75 -6.41
CA VAL A 80 -2.23 -10.86 -7.17
C VAL A 80 -1.66 -11.55 -8.40
N VAL A 81 -1.52 -10.80 -9.49
CA VAL A 81 -0.99 -11.36 -10.73
C VAL A 81 0.22 -10.57 -11.20
N SER A 82 0.18 -9.25 -11.03
CA SER A 82 1.28 -8.38 -11.44
C SER A 82 2.09 -7.93 -10.23
N ILE A 83 3.34 -7.56 -10.48
CA ILE A 83 4.22 -7.11 -9.41
C ILE A 83 3.71 -5.80 -8.79
N PRO A 84 3.56 -4.77 -9.63
CA PRO A 84 3.08 -3.46 -9.18
C PRO A 84 1.60 -3.49 -8.79
N THR A 85 1.30 -4.14 -7.68
CA THR A 85 -0.06 -4.24 -7.18
C THR A 85 -0.29 -3.31 -6.00
N MET A 86 -1.45 -2.64 -5.99
CA MET A 86 -1.80 -1.73 -4.92
C MET A 86 -3.26 -1.86 -4.53
N ILE A 87 -3.51 -2.06 -3.24
CA ILE A 87 -4.88 -2.21 -2.74
C ILE A 87 -5.26 -1.04 -1.83
N LEU A 88 -6.20 -0.23 -2.29
CA LEU A 88 -6.67 0.92 -1.52
C LEU A 88 -7.65 0.49 -0.44
N PHE A 89 -7.19 0.50 0.81
CA PHE A 89 -8.03 0.11 1.94
C PHE A 89 -8.70 1.32 2.56
N LYS A 90 -9.70 1.08 3.41
CA LYS A 90 -10.42 2.15 4.07
C LYS A 90 -11.35 1.60 5.15
N GLY A 91 -10.88 1.62 6.39
CA GLY A 91 -11.67 1.12 7.50
C GLY A 91 -11.56 -0.38 7.66
N GLY A 92 -10.35 -0.91 7.47
CA GLY A 92 -10.14 -2.34 7.59
C GLY A 92 -10.86 -3.13 6.52
N THR A 93 -10.77 -2.66 5.29
CA THR A 93 -11.42 -3.34 4.17
C THR A 93 -10.97 -2.76 2.84
N PRO A 94 -10.66 -3.64 1.88
CA PRO A 94 -10.20 -3.23 0.54
C PRO A 94 -11.32 -2.59 -0.29
N VAL A 95 -11.55 -1.30 -0.05
CA VAL A 95 -12.58 -0.57 -0.77
C VAL A 95 -12.33 -0.59 -2.27
N LYS A 96 -11.05 -0.56 -2.65
CA LYS A 96 -10.67 -0.58 -4.06
C LYS A 96 -9.34 -1.30 -4.25
N ARG A 97 -8.99 -1.56 -5.51
CA ARG A 97 -7.75 -2.25 -5.84
C ARG A 97 -7.27 -1.88 -7.24
N ILE A 98 -6.04 -1.37 -7.31
CA ILE A 98 -5.47 -0.98 -8.59
C ILE A 98 -4.07 -1.59 -8.78
N VAL A 99 -3.86 -2.23 -9.92
CA VAL A 99 -2.57 -2.85 -10.22
C VAL A 99 -2.05 -2.41 -11.58
N GLY A 100 -0.75 -2.20 -11.68
CA GLY A 100 -0.16 -1.78 -12.94
C GLY A 100 0.61 -0.47 -12.81
N ALA A 101 1.75 -0.39 -13.47
CA ALA A 101 2.58 0.81 -13.44
C ALA A 101 2.20 1.77 -14.55
N LYS A 102 1.31 2.71 -14.25
CA LYS A 102 0.87 3.70 -15.24
C LYS A 102 1.27 5.10 -14.82
N GLY A 103 0.84 6.09 -15.60
CA GLY A 103 1.17 7.48 -15.29
C GLY A 103 0.39 8.00 -14.09
N LYS A 104 0.85 9.11 -13.53
CA LYS A 104 0.20 9.71 -12.38
C LYS A 104 -1.28 9.92 -12.64
N ALA A 105 -1.61 10.27 -13.87
CA ALA A 105 -3.01 10.50 -14.26
C ALA A 105 -3.78 9.19 -14.31
N ALA A 106 -3.27 8.24 -15.08
CA ALA A 106 -3.92 6.94 -15.22
C ALA A 106 -4.12 6.28 -13.86
N LEU A 107 -3.04 6.16 -13.11
CA LEU A 107 -3.09 5.54 -11.78
C LEU A 107 -4.20 6.16 -10.94
N LEU A 108 -4.35 7.48 -11.06
CA LEU A 108 -5.38 8.20 -10.30
C LEU A 108 -6.78 7.80 -10.77
N ARG A 109 -7.01 7.89 -12.08
CA ARG A 109 -8.30 7.54 -12.65
C ARG A 109 -8.65 6.09 -12.33
N GLU A 110 -7.66 5.21 -12.41
CA GLU A 110 -7.88 3.80 -12.14
C GLU A 110 -8.68 3.61 -10.85
N ILE A 111 -8.54 4.56 -9.93
CA ILE A 111 -9.23 4.50 -8.65
C ILE A 111 -10.56 5.25 -8.71
N GLU A 112 -10.48 6.58 -8.81
CA GLU A 112 -11.67 7.41 -8.88
C GLU A 112 -12.59 6.96 -10.02
N ASP A 113 -12.06 6.99 -11.24
CA ASP A 113 -12.83 6.58 -12.41
C ASP A 113 -13.50 5.22 -12.18
N ALA A 114 -12.80 4.34 -11.47
CA ALA A 114 -13.32 3.01 -11.18
C ALA A 114 -14.40 3.07 -10.11
N LEU A 115 -14.24 3.98 -9.14
CA LEU A 115 -15.21 4.13 -8.07
C LEU A 115 -16.58 4.54 -8.61
N MET A 1 10.25 2.41 27.48
CA MET A 1 10.94 2.06 26.24
C MET A 1 12.34 2.68 26.22
N ALA A 2 13.22 2.17 27.08
CA ALA A 2 14.59 2.66 27.15
C ALA A 2 15.47 2.00 26.10
N HIS A 3 15.33 0.68 25.98
CA HIS A 3 16.12 -0.09 25.01
C HIS A 3 15.50 0.00 23.62
N HIS A 4 14.17 0.01 23.57
CA HIS A 4 13.46 0.08 22.31
C HIS A 4 13.17 1.54 21.92
N HIS A 5 13.13 1.80 20.63
CA HIS A 5 12.87 3.15 20.13
C HIS A 5 12.06 3.10 18.83
N HIS A 6 11.32 4.18 18.57
CA HIS A 6 10.51 4.26 17.37
C HIS A 6 10.94 5.43 16.49
N HIS A 7 12.22 5.77 16.54
CA HIS A 7 12.76 6.87 15.76
C HIS A 7 12.73 6.54 14.27
N HIS A 8 12.97 5.28 13.95
CA HIS A 8 12.98 4.84 12.55
C HIS A 8 11.58 4.42 12.11
N MET A 9 10.82 3.84 13.03
CA MET A 9 9.46 3.39 12.73
C MET A 9 8.64 4.52 12.11
N SER A 10 8.90 5.74 12.57
CA SER A 10 8.18 6.91 12.06
C SER A 10 8.24 6.97 10.54
N GLY A 11 7.09 6.73 9.91
CA GLY A 11 7.02 6.76 8.45
C GLY A 11 6.37 5.51 7.89
N THR A 12 6.81 5.09 6.71
CA THR A 12 6.27 3.92 6.05
C THR A 12 6.71 2.64 6.75
N VAL A 13 5.75 1.87 7.24
CA VAL A 13 6.04 0.62 7.94
C VAL A 13 5.16 -0.51 7.42
N THR A 14 5.68 -1.73 7.48
CA THR A 14 4.94 -2.90 7.02
C THR A 14 4.06 -3.47 8.13
N VAL A 15 2.79 -3.70 7.81
CA VAL A 15 1.85 -4.24 8.77
C VAL A 15 1.84 -5.77 8.74
N THR A 16 2.04 -6.38 9.91
CA THR A 16 2.06 -7.83 10.02
C THR A 16 0.74 -8.43 9.56
N ASP A 17 0.69 -9.76 9.50
CA ASP A 17 -0.53 -10.46 9.09
C ASP A 17 -1.57 -10.44 10.20
N SER A 18 -1.13 -10.76 11.42
CA SER A 18 -2.03 -10.79 12.57
C SER A 18 -2.42 -9.38 12.98
N THR A 19 -1.43 -8.53 13.17
CA THR A 19 -1.67 -7.15 13.57
C THR A 19 -2.53 -6.42 12.55
N PHE A 20 -2.60 -6.96 11.34
CA PHE A 20 -3.39 -6.37 10.27
C PHE A 20 -4.82 -6.09 10.74
N LYS A 21 -5.29 -6.92 11.67
CA LYS A 21 -6.64 -6.77 12.21
C LYS A 21 -6.73 -5.55 13.13
N THR A 22 -5.64 -5.28 13.83
CA THR A 22 -5.58 -4.15 14.75
C THR A 22 -5.05 -2.89 14.05
N ASP A 23 -4.43 -3.09 12.89
CA ASP A 23 -3.88 -1.97 12.12
C ASP A 23 -4.89 -1.47 11.09
N VAL A 24 -5.12 -2.28 10.05
CA VAL A 24 -6.05 -1.92 9.00
C VAL A 24 -7.49 -1.98 9.49
N LEU A 25 -7.98 -3.19 9.74
CA LEU A 25 -9.34 -3.39 10.23
C LEU A 25 -9.70 -2.34 11.27
N ASP A 26 -8.95 -2.31 12.35
CA ASP A 26 -9.19 -1.34 13.43
C ASP A 26 -9.30 0.07 12.87
N SER A 27 -8.29 0.48 12.10
CA SER A 27 -8.27 1.80 11.51
C SER A 27 -9.40 1.98 10.51
N ASP A 28 -9.91 3.21 10.39
CA ASP A 28 -10.99 3.50 9.47
C ASP A 28 -10.46 4.19 8.21
N THR A 29 -9.49 5.07 8.39
CA THR A 29 -8.89 5.79 7.27
C THR A 29 -8.46 4.84 6.17
N PRO A 30 -8.29 5.38 4.95
CA PRO A 30 -7.88 4.59 3.78
C PRO A 30 -6.42 4.13 3.89
N VAL A 31 -6.21 2.83 3.71
CA VAL A 31 -4.87 2.26 3.79
C VAL A 31 -4.23 2.17 2.41
N LEU A 32 -2.99 2.64 2.31
CA LEU A 32 -2.26 2.63 1.04
C LEU A 32 -1.25 1.48 1.01
N VAL A 33 -1.62 0.39 0.36
CA VAL A 33 -0.74 -0.76 0.25
C VAL A 33 -0.45 -1.12 -1.21
N ASP A 34 0.73 -1.67 -1.46
CA ASP A 34 1.12 -2.05 -2.81
C ASP A 34 1.63 -3.48 -2.85
N PHE A 35 1.02 -4.30 -3.70
CA PHE A 35 1.40 -5.70 -3.82
C PHE A 35 2.49 -5.88 -4.89
N TRP A 36 3.74 -5.76 -4.46
CA TRP A 36 4.87 -5.90 -5.37
C TRP A 36 6.03 -6.62 -4.70
N ALA A 37 7.19 -6.61 -5.35
CA ALA A 37 8.38 -7.26 -4.81
C ALA A 37 8.72 -6.72 -3.43
N ASP A 38 9.95 -6.97 -2.99
CA ASP A 38 10.39 -6.51 -1.68
C ASP A 38 10.75 -5.02 -1.72
N TRP A 39 10.36 -4.36 -2.80
CA TRP A 39 10.63 -2.93 -2.97
C TRP A 39 12.10 -2.70 -3.32
N CYS A 40 12.37 -2.57 -4.62
CA CYS A 40 13.73 -2.34 -5.09
C CYS A 40 13.74 -1.98 -6.57
N GLY A 41 13.11 -2.83 -7.38
CA GLY A 41 13.06 -2.59 -8.82
C GLY A 41 11.99 -1.58 -9.19
N PRO A 42 10.72 -1.99 -9.07
CA PRO A 42 9.57 -1.13 -9.40
C PRO A 42 9.40 0.00 -8.40
N CYS A 43 9.72 -0.26 -7.14
CA CYS A 43 9.60 0.74 -6.08
C CYS A 43 10.31 2.04 -6.49
N LYS A 44 11.40 1.90 -7.23
CA LYS A 44 12.18 3.05 -7.68
C LYS A 44 11.37 3.90 -8.64
N MET A 45 10.55 3.26 -9.46
CA MET A 45 9.72 3.96 -10.43
C MET A 45 8.43 4.45 -9.78
N VAL A 46 7.86 3.63 -8.92
CA VAL A 46 6.63 3.99 -8.22
C VAL A 46 6.91 4.61 -6.86
N ALA A 47 8.12 5.14 -6.71
CA ALA A 47 8.51 5.77 -5.44
C ALA A 47 7.85 7.13 -5.28
N PRO A 48 8.15 8.05 -6.21
CA PRO A 48 7.59 9.41 -6.18
C PRO A 48 6.09 9.42 -6.49
N VAL A 49 5.70 8.78 -7.58
CA VAL A 49 4.30 8.71 -7.98
C VAL A 49 3.43 8.23 -6.83
N LEU A 50 3.99 7.39 -5.97
CA LEU A 50 3.27 6.86 -4.83
C LEU A 50 3.08 7.91 -3.75
N GLU A 51 4.15 8.68 -3.49
CA GLU A 51 4.10 9.73 -2.48
C GLU A 51 3.01 10.73 -2.79
N GLU A 52 2.81 11.01 -4.07
CA GLU A 52 1.78 11.96 -4.50
C GLU A 52 0.40 11.54 -4.01
N ILE A 53 -0.09 10.43 -4.54
CA ILE A 53 -1.41 9.92 -4.15
C ILE A 53 -1.53 9.80 -2.65
N ALA A 54 -0.42 9.47 -1.98
CA ALA A 54 -0.40 9.33 -0.54
C ALA A 54 -0.79 10.63 0.14
N ASN A 55 -0.41 11.76 -0.47
CA ASN A 55 -0.72 13.07 0.08
C ASN A 55 -2.05 13.58 -0.45
N GLU A 56 -2.34 13.26 -1.71
CA GLU A 56 -3.58 13.69 -2.34
C GLU A 56 -4.78 13.01 -1.70
N LYS A 57 -4.70 11.69 -1.53
CA LYS A 57 -5.77 10.92 -0.92
C LYS A 57 -6.21 11.55 0.40
N SER A 58 -5.34 11.46 1.41
CA SER A 58 -5.63 12.01 2.72
C SER A 58 -4.39 12.66 3.33
N GLY A 59 -4.53 13.16 4.55
CA GLY A 59 -3.41 13.80 5.22
C GLY A 59 -2.48 12.79 5.88
N THR A 60 -1.24 12.74 5.39
CA THR A 60 -0.26 11.81 5.93
C THR A 60 -0.89 10.48 6.31
N LEU A 61 -1.74 9.96 5.43
CA LEU A 61 -2.42 8.69 5.67
C LEU A 61 -1.41 7.58 5.94
N LYS A 62 -1.93 6.37 6.15
CA LYS A 62 -1.07 5.22 6.41
C LYS A 62 -0.48 4.67 5.12
N VAL A 63 0.85 4.68 5.03
CA VAL A 63 1.54 4.18 3.84
C VAL A 63 2.31 2.90 4.15
N ALA A 64 1.81 1.78 3.67
CA ALA A 64 2.46 0.49 3.90
C ALA A 64 2.69 -0.25 2.58
N LYS A 65 3.44 -1.34 2.65
CA LYS A 65 3.74 -2.13 1.46
C LYS A 65 3.81 -3.61 1.80
N LEU A 66 3.43 -4.46 0.85
CA LEU A 66 3.45 -5.90 1.05
C LEU A 66 4.26 -6.59 -0.05
N ASP A 67 5.03 -7.61 0.33
CA ASP A 67 5.85 -8.35 -0.61
C ASP A 67 5.05 -9.49 -1.23
N VAL A 68 4.91 -9.45 -2.56
CA VAL A 68 4.17 -10.50 -3.27
C VAL A 68 4.87 -11.85 -3.16
N ASP A 69 6.19 -11.81 -2.99
CA ASP A 69 6.97 -13.03 -2.86
C ASP A 69 6.67 -13.74 -1.54
N ALA A 70 6.41 -12.95 -0.50
CA ALA A 70 6.11 -13.50 0.82
C ALA A 70 4.63 -13.80 0.96
N ASN A 71 3.81 -13.06 0.23
CA ASN A 71 2.36 -13.24 0.28
C ASN A 71 1.83 -13.70 -1.08
N PRO A 72 2.17 -14.95 -1.45
CA PRO A 72 1.74 -15.53 -2.72
C PRO A 72 0.25 -15.82 -2.75
N GLU A 73 -0.31 -16.17 -1.59
CA GLU A 73 -1.72 -16.47 -1.48
C GLU A 73 -2.57 -15.20 -1.54
N ALA A 74 -2.04 -14.12 -0.98
CA ALA A 74 -2.74 -12.84 -0.97
C ALA A 74 -2.88 -12.29 -2.39
N ALA A 75 -1.82 -12.42 -3.17
CA ALA A 75 -1.83 -11.93 -4.55
C ALA A 75 -2.96 -12.57 -5.35
N ARG A 76 -2.88 -13.88 -5.54
CA ARG A 76 -3.89 -14.61 -6.30
C ARG A 76 -5.28 -14.29 -5.77
N ASP A 77 -5.40 -14.08 -4.46
CA ASP A 77 -6.67 -13.76 -3.84
C ASP A 77 -7.24 -12.46 -4.38
N PHE A 78 -6.35 -11.51 -4.65
CA PHE A 78 -6.76 -10.21 -5.18
C PHE A 78 -6.59 -10.15 -6.69
N GLN A 79 -6.61 -11.32 -7.33
CA GLN A 79 -6.46 -11.40 -8.77
C GLN A 79 -5.25 -10.59 -9.24
N VAL A 80 -4.09 -10.88 -8.65
CA VAL A 80 -2.86 -10.19 -9.01
C VAL A 80 -2.13 -10.90 -10.14
N VAL A 81 -1.64 -10.13 -11.10
CA VAL A 81 -0.91 -10.69 -12.24
C VAL A 81 0.40 -9.95 -12.48
N SER A 82 0.35 -8.63 -12.31
CA SER A 82 1.55 -7.80 -12.51
C SER A 82 2.23 -7.50 -11.19
N ILE A 83 3.53 -7.23 -11.24
CA ILE A 83 4.31 -6.93 -10.05
C ILE A 83 3.86 -5.62 -9.42
N PRO A 84 3.93 -4.53 -10.20
CA PRO A 84 3.53 -3.19 -9.74
C PRO A 84 2.02 -3.08 -9.53
N THR A 85 1.51 -3.75 -8.51
CA THR A 85 0.08 -3.73 -8.20
C THR A 85 -0.19 -2.95 -6.93
N MET A 86 -1.36 -2.32 -6.86
CA MET A 86 -1.75 -1.53 -5.70
C MET A 86 -3.22 -1.77 -5.35
N ILE A 87 -3.54 -1.65 -4.06
CA ILE A 87 -4.91 -1.85 -3.60
C ILE A 87 -5.25 -0.87 -2.48
N LEU A 88 -6.12 0.09 -2.78
CA LEU A 88 -6.54 1.08 -1.80
C LEU A 88 -7.60 0.51 -0.87
N PHE A 89 -7.19 0.22 0.37
CA PHE A 89 -8.10 -0.34 1.36
C PHE A 89 -8.77 0.78 2.16
N LYS A 90 -9.78 0.41 2.95
CA LYS A 90 -10.51 1.38 3.76
C LYS A 90 -11.35 0.67 4.83
N GLY A 91 -10.79 0.54 6.02
CA GLY A 91 -11.51 -0.10 7.10
C GLY A 91 -11.39 -1.61 7.05
N GLY A 92 -10.21 -2.10 6.67
CA GLY A 92 -9.99 -3.53 6.58
C GLY A 92 -10.79 -4.17 5.45
N THR A 93 -10.84 -3.50 4.31
CA THR A 93 -11.57 -4.00 3.16
C THR A 93 -11.11 -3.32 1.88
N PRO A 94 -10.89 -4.13 0.82
CA PRO A 94 -10.44 -3.63 -0.47
C PRO A 94 -11.52 -2.85 -1.20
N VAL A 95 -11.60 -1.55 -0.91
CA VAL A 95 -12.59 -0.68 -1.54
C VAL A 95 -12.19 -0.34 -2.96
N LYS A 96 -10.90 -0.19 -3.20
CA LYS A 96 -10.39 0.13 -4.52
C LYS A 96 -9.24 -0.79 -4.90
N ARG A 97 -8.90 -0.81 -6.19
CA ARG A 97 -7.82 -1.66 -6.70
C ARG A 97 -7.25 -1.09 -7.99
N ILE A 98 -5.96 -0.77 -7.98
CA ILE A 98 -5.30 -0.23 -9.15
C ILE A 98 -3.91 -0.84 -9.33
N VAL A 99 -3.63 -1.31 -10.54
CA VAL A 99 -2.34 -1.91 -10.84
C VAL A 99 -1.69 -1.25 -12.05
N GLY A 100 -0.36 -1.11 -12.01
CA GLY A 100 0.35 -0.49 -13.11
C GLY A 100 1.28 0.61 -12.64
N ALA A 101 2.52 0.58 -13.12
CA ALA A 101 3.51 1.59 -12.76
C ALA A 101 3.41 2.81 -13.67
N LYS A 102 2.39 3.62 -13.46
CA LYS A 102 2.19 4.82 -14.26
C LYS A 102 2.38 6.08 -13.42
N GLY A 103 2.39 7.24 -14.08
CA GLY A 103 2.56 8.49 -13.37
C GLY A 103 1.47 8.74 -12.34
N LYS A 104 1.65 9.78 -11.54
CA LYS A 104 0.67 10.11 -10.50
C LYS A 104 -0.69 10.41 -11.12
N ALA A 105 -0.70 11.18 -12.21
CA ALA A 105 -1.93 11.54 -12.88
C ALA A 105 -2.75 10.30 -13.22
N ALA A 106 -2.21 9.47 -14.12
CA ALA A 106 -2.90 8.24 -14.52
C ALA A 106 -3.23 7.37 -13.31
N LEU A 107 -2.19 6.97 -12.58
CA LEU A 107 -2.38 6.14 -11.40
C LEU A 107 -3.49 6.67 -10.51
N LEU A 108 -3.60 8.00 -10.45
CA LEU A 108 -4.63 8.64 -9.64
C LEU A 108 -6.01 8.45 -10.26
N ARG A 109 -6.10 8.62 -11.58
CA ARG A 109 -7.36 8.46 -12.29
C ARG A 109 -7.91 7.05 -12.10
N GLU A 110 -7.04 6.06 -12.17
CA GLU A 110 -7.44 4.67 -12.02
C GLU A 110 -8.22 4.48 -10.72
N ILE A 111 -7.99 5.35 -9.76
CA ILE A 111 -8.67 5.28 -8.47
C ILE A 111 -10.01 6.00 -8.52
N GLU A 112 -9.95 7.33 -8.64
CA GLU A 112 -11.16 8.15 -8.70
C GLU A 112 -12.12 7.61 -9.76
N ASP A 113 -11.61 7.38 -10.96
CA ASP A 113 -12.41 6.88 -12.06
C ASP A 113 -13.05 5.53 -11.69
N ALA A 114 -12.34 4.74 -10.91
CA ALA A 114 -12.84 3.44 -10.48
C ALA A 114 -13.90 3.58 -9.41
N LEU A 115 -13.71 4.56 -8.53
CA LEU A 115 -14.66 4.80 -7.44
C LEU A 115 -16.08 4.94 -7.98
N MET A 1 8.89 -8.28 31.88
CA MET A 1 8.12 -7.39 31.03
C MET A 1 9.02 -6.69 30.02
N ALA A 2 8.41 -6.00 29.07
CA ALA A 2 9.16 -5.28 28.04
C ALA A 2 8.56 -3.90 27.78
N HIS A 3 9.24 -3.10 26.96
CA HIS A 3 8.78 -1.76 26.64
C HIS A 3 7.76 -1.80 25.50
N HIS A 4 8.14 -2.47 24.41
CA HIS A 4 7.26 -2.58 23.25
C HIS A 4 6.85 -1.20 22.74
N HIS A 5 7.85 -0.36 22.47
CA HIS A 5 7.60 0.99 21.98
C HIS A 5 7.25 0.97 20.49
N HIS A 6 6.25 1.75 20.11
CA HIS A 6 5.82 1.83 18.71
C HIS A 6 5.96 3.25 18.17
N HIS A 7 6.95 3.97 18.69
CA HIS A 7 7.19 5.35 18.26
C HIS A 7 7.88 5.37 16.90
N HIS A 8 8.84 4.46 16.71
CA HIS A 8 9.58 4.38 15.45
C HIS A 8 8.71 3.77 14.35
N MET A 9 7.88 2.80 14.72
CA MET A 9 7.01 2.14 13.76
C MET A 9 6.17 3.15 13.00
N SER A 10 5.68 4.18 13.72
CA SER A 10 4.87 5.21 13.11
C SER A 10 5.58 5.85 11.92
N GLY A 11 4.89 5.91 10.78
CA GLY A 11 5.48 6.50 9.59
C GLY A 11 5.33 5.60 8.38
N THR A 12 5.53 6.18 7.20
CA THR A 12 5.41 5.43 5.95
C THR A 12 6.41 4.28 5.90
N VAL A 13 5.94 3.08 6.20
CA VAL A 13 6.78 1.90 6.20
C VAL A 13 5.97 0.64 5.91
N THR A 14 6.66 -0.49 5.77
CA THR A 14 6.01 -1.77 5.50
C THR A 14 5.34 -2.32 6.75
N VAL A 15 4.06 -2.64 6.64
CA VAL A 15 3.30 -3.18 7.75
C VAL A 15 3.29 -4.70 7.73
N THR A 16 3.70 -5.31 8.83
CA THR A 16 3.73 -6.77 8.94
C THR A 16 2.35 -7.38 8.72
N ASP A 17 2.29 -8.70 8.67
CA ASP A 17 1.03 -9.40 8.47
C ASP A 17 0.19 -9.38 9.75
N SER A 18 0.82 -9.70 10.87
CA SER A 18 0.14 -9.74 12.16
C SER A 18 -0.17 -8.31 12.64
N THR A 19 0.86 -7.47 12.65
CA THR A 19 0.70 -6.09 13.09
C THR A 19 -0.33 -5.35 12.24
N PHE A 20 -0.61 -5.89 11.06
CA PHE A 20 -1.58 -5.30 10.15
C PHE A 20 -2.89 -5.00 10.86
N LYS A 21 -3.22 -5.83 11.86
CA LYS A 21 -4.44 -5.67 12.62
C LYS A 21 -4.36 -4.45 13.54
N THR A 22 -3.15 -4.19 14.05
CA THR A 22 -2.93 -3.06 14.94
C THR A 22 -2.53 -1.82 14.15
N ASP A 23 -2.13 -2.01 12.91
CA ASP A 23 -1.71 -0.90 12.05
C ASP A 23 -2.89 -0.39 11.21
N VAL A 24 -3.30 -1.19 10.23
CA VAL A 24 -4.41 -0.82 9.37
C VAL A 24 -5.74 -0.88 10.11
N LEU A 25 -6.17 -2.09 10.44
CA LEU A 25 -7.43 -2.27 11.16
C LEU A 25 -7.60 -1.23 12.25
N ASP A 26 -6.66 -1.20 13.19
CA ASP A 26 -6.70 -0.24 14.29
C ASP A 26 -6.89 1.17 13.76
N SER A 27 -5.95 1.63 12.96
CA SER A 27 -6.01 2.98 12.39
C SER A 27 -7.31 3.18 11.62
N ASP A 28 -7.67 4.43 11.39
CA ASP A 28 -8.88 4.77 10.65
C ASP A 28 -8.54 5.34 9.28
N THR A 29 -7.47 6.12 9.21
CA THR A 29 -7.03 6.74 7.97
C THR A 29 -6.89 5.70 6.86
N PRO A 30 -6.93 6.16 5.60
CA PRO A 30 -6.80 5.29 4.44
C PRO A 30 -5.39 4.74 4.29
N VAL A 31 -5.28 3.42 4.20
CA VAL A 31 -3.98 2.76 4.05
C VAL A 31 -3.75 2.32 2.61
N LEU A 32 -2.74 2.91 1.98
CA LEU A 32 -2.41 2.58 0.60
C LEU A 32 -1.33 1.51 0.53
N VAL A 33 -1.74 0.27 0.31
CA VAL A 33 -0.81 -0.84 0.21
C VAL A 33 -0.49 -1.18 -1.23
N ASP A 34 0.77 -1.51 -1.50
CA ASP A 34 1.20 -1.86 -2.85
C ASP A 34 1.87 -3.23 -2.87
N PHE A 35 1.14 -4.24 -3.32
CA PHE A 35 1.66 -5.59 -3.39
C PHE A 35 2.48 -5.81 -4.66
N TRP A 36 3.76 -5.52 -4.59
CA TRP A 36 4.65 -5.68 -5.74
C TRP A 36 5.96 -6.35 -5.34
N ALA A 37 6.93 -6.34 -6.24
CA ALA A 37 8.23 -6.95 -5.97
C ALA A 37 8.88 -6.35 -4.73
N ASP A 38 10.17 -6.58 -4.57
CA ASP A 38 10.91 -6.07 -3.43
C ASP A 38 11.25 -4.60 -3.62
N TRP A 39 10.63 -3.98 -4.62
CA TRP A 39 10.86 -2.57 -4.91
C TRP A 39 12.21 -2.38 -5.62
N CYS A 40 12.16 -2.33 -6.95
CA CYS A 40 13.37 -2.15 -7.75
C CYS A 40 13.03 -1.94 -9.22
N GLY A 41 12.28 -2.88 -9.79
CA GLY A 41 11.90 -2.78 -11.19
C GLY A 41 10.71 -1.86 -11.40
N PRO A 42 9.53 -2.33 -10.96
CA PRO A 42 8.29 -1.55 -11.09
C PRO A 42 8.27 -0.33 -10.17
N CYS A 43 8.90 -0.44 -9.01
CA CYS A 43 8.95 0.65 -8.06
C CYS A 43 9.51 1.91 -8.71
N LYS A 44 10.54 1.75 -9.54
CA LYS A 44 11.16 2.87 -10.22
C LYS A 44 10.18 3.54 -11.18
N MET A 45 9.20 2.76 -11.66
CA MET A 45 8.20 3.28 -12.58
C MET A 45 7.03 3.89 -11.83
N VAL A 46 6.59 3.21 -10.77
CA VAL A 46 5.47 3.69 -9.97
C VAL A 46 5.97 4.49 -8.77
N ALA A 47 7.20 5.00 -8.87
CA ALA A 47 7.79 5.78 -7.79
C ALA A 47 7.22 7.20 -7.77
N PRO A 48 7.42 7.94 -8.86
CA PRO A 48 6.93 9.31 -8.99
C PRO A 48 5.40 9.38 -9.11
N VAL A 49 4.85 8.57 -10.01
CA VAL A 49 3.41 8.54 -10.22
C VAL A 49 2.67 8.35 -8.90
N LEU A 50 3.30 7.65 -7.97
CA LEU A 50 2.70 7.39 -6.66
C LEU A 50 3.07 8.49 -5.68
N GLU A 51 4.29 9.00 -5.79
CA GLU A 51 4.77 10.06 -4.90
C GLU A 51 4.02 11.37 -5.16
N GLU A 52 3.49 11.50 -6.37
CA GLU A 52 2.75 12.70 -6.75
C GLU A 52 1.47 12.83 -5.94
N ILE A 53 0.59 11.84 -6.08
CA ILE A 53 -0.68 11.83 -5.36
C ILE A 53 -0.46 11.82 -3.85
N ALA A 54 0.61 11.15 -3.42
CA ALA A 54 0.94 11.07 -2.00
C ALA A 54 1.60 12.36 -1.51
N ASN A 55 2.15 13.13 -2.45
CA ASN A 55 2.81 14.39 -2.11
C ASN A 55 1.84 15.34 -1.43
N GLU A 56 0.61 15.40 -1.93
CA GLU A 56 -0.41 16.27 -1.35
C GLU A 56 -1.20 15.55 -0.27
N LYS A 57 -1.54 14.29 -0.53
CA LYS A 57 -2.30 13.49 0.41
C LYS A 57 -1.50 13.26 1.69
N SER A 58 -0.17 13.27 1.57
CA SER A 58 0.70 13.05 2.72
C SER A 58 0.19 13.83 3.94
N GLY A 59 0.19 13.18 5.09
CA GLY A 59 -0.26 13.82 6.31
C GLY A 59 -1.32 13.01 7.03
N THR A 60 -2.09 12.24 6.26
CA THR A 60 -3.15 11.42 6.83
C THR A 60 -3.04 9.96 6.36
N LEU A 61 -2.66 9.79 5.10
CA LEU A 61 -2.52 8.46 4.54
C LEU A 61 -1.11 7.91 4.77
N LYS A 62 -1.01 6.61 4.99
CA LYS A 62 0.27 5.96 5.22
C LYS A 62 0.69 5.12 4.02
N VAL A 63 1.98 5.13 3.70
CA VAL A 63 2.50 4.38 2.57
C VAL A 63 3.19 3.10 3.04
N ALA A 64 2.55 1.97 2.78
CA ALA A 64 3.10 0.67 3.17
C ALA A 64 3.27 -0.24 1.97
N LYS A 65 4.47 -0.80 1.83
CA LYS A 65 4.77 -1.69 0.71
C LYS A 65 5.32 -3.03 1.22
N LEU A 66 5.19 -4.06 0.39
CA LEU A 66 5.67 -5.39 0.76
C LEU A 66 6.15 -6.15 -0.47
N ASP A 67 7.17 -6.98 -0.29
CA ASP A 67 7.72 -7.78 -1.39
C ASP A 67 6.91 -9.04 -1.61
N VAL A 68 6.35 -9.18 -2.81
CA VAL A 68 5.55 -10.35 -3.15
C VAL A 68 6.26 -11.64 -2.75
N ASP A 69 7.57 -11.67 -2.96
CA ASP A 69 8.37 -12.86 -2.62
C ASP A 69 8.15 -13.25 -1.17
N ALA A 70 7.94 -12.25 -0.31
CA ALA A 70 7.72 -12.51 1.11
C ALA A 70 6.29 -12.98 1.37
N ASN A 71 5.35 -12.46 0.60
CA ASN A 71 3.94 -12.83 0.75
C ASN A 71 3.42 -13.48 -0.53
N PRO A 72 3.93 -14.67 -0.84
CA PRO A 72 3.53 -15.43 -2.03
C PRO A 72 2.11 -15.97 -1.92
N GLU A 73 1.70 -16.31 -0.70
CA GLU A 73 0.37 -16.84 -0.46
C GLU A 73 -0.66 -15.71 -0.37
N ALA A 74 -0.26 -14.60 0.24
CA ALA A 74 -1.15 -13.45 0.38
C ALA A 74 -1.56 -12.90 -0.98
N ALA A 75 -0.59 -12.81 -1.90
CA ALA A 75 -0.86 -12.31 -3.24
C ALA A 75 -2.03 -13.03 -3.88
N ARG A 76 -1.84 -14.33 -4.16
CA ARG A 76 -2.88 -15.14 -4.78
C ARG A 76 -4.19 -15.00 -4.01
N ASP A 77 -4.09 -14.86 -2.70
CA ASP A 77 -5.26 -14.73 -1.85
C ASP A 77 -6.09 -13.51 -2.24
N PHE A 78 -5.39 -12.41 -2.56
CA PHE A 78 -6.06 -11.17 -2.95
C PHE A 78 -6.08 -11.02 -4.46
N GLN A 79 -6.04 -12.15 -5.16
CA GLN A 79 -6.05 -12.14 -6.62
C GLN A 79 -5.00 -11.18 -7.17
N VAL A 80 -3.74 -11.59 -7.11
CA VAL A 80 -2.64 -10.76 -7.60
C VAL A 80 -1.93 -11.43 -8.77
N VAL A 81 -2.40 -11.14 -9.98
CA VAL A 81 -1.81 -11.71 -11.19
C VAL A 81 -0.60 -10.90 -11.65
N SER A 82 -0.73 -9.57 -11.60
CA SER A 82 0.35 -8.69 -12.02
C SER A 82 1.17 -8.22 -10.81
N ILE A 83 2.44 -7.92 -11.04
CA ILE A 83 3.32 -7.45 -9.98
C ILE A 83 2.84 -6.13 -9.40
N PRO A 84 2.72 -5.11 -10.26
CA PRO A 84 2.26 -3.77 -9.87
C PRO A 84 0.79 -3.76 -9.49
N THR A 85 0.48 -4.27 -8.30
CA THR A 85 -0.90 -4.31 -7.82
C THR A 85 -1.06 -3.48 -6.56
N MET A 86 -1.60 -2.26 -6.72
CA MET A 86 -1.80 -1.37 -5.58
C MET A 86 -3.26 -1.40 -5.14
N ILE A 87 -3.51 -1.94 -3.95
CA ILE A 87 -4.86 -2.02 -3.40
C ILE A 87 -5.10 -0.93 -2.37
N LEU A 88 -6.07 -0.06 -2.66
CA LEU A 88 -6.41 1.03 -1.75
C LEU A 88 -7.31 0.55 -0.62
N PHE A 89 -6.78 0.51 0.58
CA PHE A 89 -7.54 0.06 1.75
C PHE A 89 -8.10 1.25 2.52
N LYS A 90 -8.98 0.97 3.48
CA LYS A 90 -9.58 2.02 4.29
C LYS A 90 -10.29 1.42 5.49
N GLY A 91 -9.62 1.43 6.64
CA GLY A 91 -10.20 0.89 7.86
C GLY A 91 -10.04 -0.62 7.96
N GLY A 92 -8.88 -1.11 7.54
CA GLY A 92 -8.63 -2.54 7.59
C GLY A 92 -9.53 -3.32 6.66
N THR A 93 -9.82 -2.76 5.50
CA THR A 93 -10.67 -3.41 4.52
C THR A 93 -10.44 -2.86 3.12
N PRO A 94 -10.31 -3.77 2.14
CA PRO A 94 -10.07 -3.39 0.74
C PRO A 94 -11.30 -2.73 0.10
N VAL A 95 -11.17 -1.44 -0.21
CA VAL A 95 -12.26 -0.69 -0.82
C VAL A 95 -12.07 -0.58 -2.33
N LYS A 96 -10.81 -0.49 -2.75
CA LYS A 96 -10.49 -0.37 -4.17
C LYS A 96 -9.24 -1.20 -4.51
N ARG A 97 -8.98 -1.34 -5.81
CA ARG A 97 -7.82 -2.10 -6.27
C ARG A 97 -7.37 -1.61 -7.64
N ILE A 98 -6.19 -1.00 -7.69
CA ILE A 98 -5.65 -0.49 -8.93
C ILE A 98 -4.40 -1.26 -9.34
N VAL A 99 -4.39 -1.75 -10.58
CA VAL A 99 -3.25 -2.51 -11.10
C VAL A 99 -2.99 -2.17 -12.56
N GLY A 100 -1.71 -2.16 -12.94
CA GLY A 100 -1.34 -1.85 -14.30
C GLY A 100 -0.10 -0.98 -14.39
N ALA A 101 0.11 -0.16 -13.36
CA ALA A 101 1.26 0.74 -13.32
C ALA A 101 1.18 1.78 -14.44
N LYS A 102 0.69 2.96 -14.10
CA LYS A 102 0.57 4.05 -15.06
C LYS A 102 0.95 5.37 -14.44
N GLY A 103 0.86 6.44 -15.23
CA GLY A 103 1.20 7.76 -14.74
C GLY A 103 0.36 8.18 -13.55
N LYS A 104 0.66 9.34 -13.00
CA LYS A 104 -0.08 9.86 -11.85
C LYS A 104 -1.51 10.23 -12.25
N ALA A 105 -1.65 10.92 -13.37
CA ALA A 105 -2.95 11.34 -13.86
C ALA A 105 -3.86 10.14 -14.09
N ALA A 106 -3.25 9.02 -14.50
CA ALA A 106 -4.02 7.80 -14.77
C ALA A 106 -4.22 7.00 -13.48
N LEU A 107 -3.13 6.63 -12.84
CA LEU A 107 -3.20 5.86 -11.60
C LEU A 107 -4.13 6.52 -10.59
N LEU A 108 -4.14 7.85 -10.59
CA LEU A 108 -5.00 8.61 -9.68
C LEU A 108 -6.47 8.44 -10.05
N ARG A 109 -6.81 8.83 -11.28
CA ARG A 109 -8.18 8.72 -11.75
C ARG A 109 -8.68 7.29 -11.66
N GLU A 110 -7.77 6.34 -11.85
CA GLU A 110 -8.12 4.93 -11.80
C GLU A 110 -8.86 4.60 -10.51
N ILE A 111 -8.63 5.40 -9.48
CA ILE A 111 -9.29 5.20 -8.18
C ILE A 111 -10.66 5.87 -8.16
N GLU A 112 -10.65 7.20 -8.16
CA GLU A 112 -11.90 7.97 -8.13
C GLU A 112 -12.85 7.49 -9.22
N ASP A 113 -12.35 7.39 -10.44
CA ASP A 113 -13.15 6.95 -11.58
C ASP A 113 -13.81 5.60 -11.28
N ALA A 114 -13.11 4.76 -10.54
CA ALA A 114 -13.62 3.44 -10.20
C ALA A 114 -14.73 3.54 -9.14
N LEU A 115 -14.57 4.51 -8.24
CA LEU A 115 -15.55 4.71 -7.17
C LEU A 115 -16.93 5.05 -7.76
N MET A 1 1.56 -6.71 27.49
CA MET A 1 3.01 -6.80 27.55
C MET A 1 3.67 -5.74 26.67
N ALA A 2 3.46 -4.48 27.02
CA ALA A 2 4.03 -3.37 26.26
C ALA A 2 5.25 -2.78 26.97
N HIS A 3 6.39 -3.43 26.80
CA HIS A 3 7.63 -2.97 27.43
C HIS A 3 8.49 -2.20 26.43
N HIS A 4 8.50 -2.66 25.19
CA HIS A 4 9.28 -2.02 24.13
C HIS A 4 8.61 -0.73 23.66
N HIS A 5 9.23 -0.05 22.71
CA HIS A 5 8.69 1.19 22.17
C HIS A 5 8.35 1.04 20.69
N HIS A 6 7.61 2.01 20.16
CA HIS A 6 7.21 1.99 18.75
C HIS A 6 7.75 3.22 18.02
N HIS A 7 8.91 3.71 18.47
CA HIS A 7 9.52 4.87 17.85
C HIS A 7 10.08 4.53 16.47
N HIS A 8 11.06 3.64 16.43
CA HIS A 8 11.66 3.22 15.18
C HIS A 8 10.60 2.78 14.17
N MET A 9 9.55 2.16 14.68
CA MET A 9 8.45 1.68 13.83
C MET A 9 7.96 2.80 12.92
N SER A 10 7.97 4.02 13.43
CA SER A 10 7.51 5.18 12.66
C SER A 10 8.20 5.23 11.30
N GLY A 11 7.40 5.39 10.25
CA GLY A 11 7.94 5.45 8.91
C GLY A 11 7.15 4.61 7.92
N THR A 12 7.19 5.01 6.64
CA THR A 12 6.46 4.29 5.61
C THR A 12 7.16 2.98 5.26
N VAL A 13 6.64 1.89 5.82
CA VAL A 13 7.20 0.56 5.57
C VAL A 13 6.15 -0.53 5.76
N THR A 14 6.56 -1.77 5.56
CA THR A 14 5.66 -2.91 5.71
C THR A 14 5.34 -3.17 7.17
N VAL A 15 4.15 -3.72 7.43
CA VAL A 15 3.72 -4.02 8.79
C VAL A 15 3.47 -5.51 8.96
N THR A 16 3.64 -6.00 10.19
CA THR A 16 3.42 -7.41 10.49
C THR A 16 1.96 -7.80 10.26
N ASP A 17 1.73 -9.10 10.14
CA ASP A 17 0.38 -9.61 9.93
C ASP A 17 -0.42 -9.60 11.23
N SER A 18 0.14 -10.19 12.27
CA SER A 18 -0.52 -10.26 13.57
C SER A 18 -0.84 -8.86 14.08
N THR A 19 0.05 -7.92 13.81
CA THR A 19 -0.13 -6.54 14.25
C THR A 19 -0.99 -5.76 13.26
N PHE A 20 -1.12 -6.29 12.05
CA PHE A 20 -1.91 -5.65 11.00
C PHE A 20 -3.30 -5.28 11.53
N LYS A 21 -3.80 -6.08 12.47
CA LYS A 21 -5.12 -5.85 13.04
C LYS A 21 -5.09 -4.62 13.96
N THR A 22 -3.96 -4.42 14.64
CA THR A 22 -3.81 -3.28 15.54
C THR A 22 -3.23 -2.07 14.82
N ASP A 23 -2.68 -2.31 13.63
CA ASP A 23 -2.09 -1.24 12.83
C ASP A 23 -3.11 -0.67 11.85
N VAL A 24 -3.45 -1.46 10.83
CA VAL A 24 -4.40 -1.05 9.82
C VAL A 24 -5.82 -1.02 10.38
N LEU A 25 -6.36 -2.20 10.64
CA LEU A 25 -7.72 -2.33 11.18
C LEU A 25 -7.98 -1.25 12.24
N ASP A 26 -7.14 -1.24 13.28
CA ASP A 26 -7.28 -0.28 14.36
C ASP A 26 -7.37 1.15 13.81
N SER A 27 -6.33 1.56 13.09
CA SER A 27 -6.28 2.90 12.51
C SER A 27 -7.54 3.18 11.70
N ASP A 28 -8.05 4.41 11.83
CA ASP A 28 -9.25 4.81 11.11
C ASP A 28 -8.90 5.37 9.73
N THR A 29 -7.85 6.18 9.68
CA THR A 29 -7.41 6.79 8.43
C THR A 29 -7.24 5.74 7.34
N PRO A 30 -7.28 6.20 6.08
CA PRO A 30 -7.13 5.31 4.92
C PRO A 30 -5.72 4.76 4.78
N VAL A 31 -5.61 3.44 4.63
CA VAL A 31 -4.31 2.79 4.48
C VAL A 31 -3.97 2.56 3.02
N LEU A 32 -2.80 3.02 2.61
CA LEU A 32 -2.36 2.86 1.23
C LEU A 32 -1.20 1.87 1.13
N VAL A 33 -1.39 0.80 0.37
CA VAL A 33 -0.36 -0.21 0.20
C VAL A 33 -0.18 -0.57 -1.27
N ASP A 34 1.04 -0.96 -1.63
CA ASP A 34 1.35 -1.34 -3.01
C ASP A 34 1.99 -2.72 -3.07
N PHE A 35 1.18 -3.72 -3.39
CA PHE A 35 1.66 -5.10 -3.48
C PHE A 35 2.50 -5.29 -4.73
N TRP A 36 3.82 -5.20 -4.57
CA TRP A 36 4.74 -5.38 -5.69
C TRP A 36 6.00 -6.11 -5.25
N ALA A 37 7.01 -6.11 -6.12
CA ALA A 37 8.27 -6.77 -5.82
C ALA A 37 8.90 -6.21 -4.56
N ASP A 38 10.20 -6.46 -4.38
CA ASP A 38 10.92 -5.97 -3.22
C ASP A 38 11.27 -4.50 -3.37
N TRP A 39 10.64 -3.84 -4.35
CA TRP A 39 10.88 -2.43 -4.60
C TRP A 39 12.22 -2.22 -5.29
N CYS A 40 12.19 -2.15 -6.62
CA CYS A 40 13.41 -1.95 -7.40
C CYS A 40 13.08 -1.78 -8.88
N GLY A 41 12.28 -2.70 -9.42
CA GLY A 41 11.91 -2.64 -10.81
C GLY A 41 10.77 -1.67 -11.07
N PRO A 42 9.57 -2.02 -10.60
CA PRO A 42 8.38 -1.19 -10.77
C PRO A 42 8.43 0.08 -9.93
N CYS A 43 9.15 0.01 -8.81
CA CYS A 43 9.28 1.17 -7.92
C CYS A 43 9.79 2.38 -8.67
N LYS A 44 10.50 2.14 -9.77
CA LYS A 44 11.05 3.22 -10.58
C LYS A 44 9.96 3.83 -11.47
N MET A 45 9.00 3.02 -11.87
CA MET A 45 7.91 3.48 -12.71
C MET A 45 6.79 4.08 -11.87
N VAL A 46 6.56 3.49 -10.70
CA VAL A 46 5.51 3.96 -9.79
C VAL A 46 6.10 4.82 -8.67
N ALA A 47 7.27 5.37 -8.92
CA ALA A 47 7.94 6.22 -7.94
C ALA A 47 7.27 7.58 -7.85
N PRO A 48 7.27 8.32 -8.97
CA PRO A 48 6.67 9.66 -9.05
C PRO A 48 5.15 9.61 -8.97
N VAL A 49 4.54 8.77 -9.79
CA VAL A 49 3.09 8.62 -9.82
C VAL A 49 2.54 8.36 -8.42
N LEU A 50 3.35 7.71 -7.59
CA LEU A 50 2.95 7.40 -6.22
C LEU A 50 3.00 8.64 -5.34
N GLU A 51 4.04 9.44 -5.51
CA GLU A 51 4.21 10.66 -4.73
C GLU A 51 3.14 11.69 -5.10
N GLU A 52 2.75 11.70 -6.36
CA GLU A 52 1.74 12.63 -6.85
C GLU A 52 0.48 12.55 -5.99
N ILE A 53 -0.16 11.38 -5.99
CA ILE A 53 -1.37 11.17 -5.22
C ILE A 53 -1.18 11.62 -3.77
N ALA A 54 -0.01 11.33 -3.21
CA ALA A 54 0.30 11.69 -1.84
C ALA A 54 0.36 13.21 -1.67
N ASN A 55 0.97 13.89 -2.65
CA ASN A 55 1.10 15.34 -2.61
C ASN A 55 -0.28 16.00 -2.64
N GLU A 56 -1.15 15.51 -3.51
CA GLU A 56 -2.49 16.06 -3.63
C GLU A 56 -3.36 15.65 -2.44
N LYS A 57 -3.14 14.44 -1.95
CA LYS A 57 -3.90 13.93 -0.81
C LYS A 57 -3.56 14.70 0.46
N SER A 58 -2.38 14.42 1.01
CA SER A 58 -1.94 15.10 2.23
C SER A 58 -0.54 14.64 2.63
N GLY A 59 -0.11 15.04 3.82
CA GLY A 59 1.21 14.67 4.29
C GLY A 59 1.17 13.97 5.64
N THR A 60 0.10 13.22 5.88
CA THR A 60 -0.06 12.51 7.14
C THR A 60 -0.78 11.18 6.93
N LEU A 61 -0.56 10.57 5.77
CA LEU A 61 -1.18 9.29 5.45
C LEU A 61 -0.22 8.14 5.64
N LYS A 62 -0.74 6.94 5.85
CA LYS A 62 0.07 5.76 6.05
C LYS A 62 0.43 5.12 4.71
N VAL A 63 1.62 4.51 4.65
CA VAL A 63 2.07 3.86 3.43
C VAL A 63 2.81 2.55 3.74
N ALA A 64 2.15 1.43 3.47
CA ALA A 64 2.74 0.12 3.72
C ALA A 64 2.99 -0.63 2.42
N LYS A 65 4.27 -0.78 2.06
CA LYS A 65 4.65 -1.47 0.84
C LYS A 65 5.01 -2.92 1.14
N LEU A 66 4.41 -3.84 0.39
CA LEU A 66 4.67 -5.27 0.56
C LEU A 66 5.55 -5.80 -0.56
N ASP A 67 6.40 -6.77 -0.23
CA ASP A 67 7.30 -7.37 -1.21
C ASP A 67 6.88 -8.80 -1.54
N VAL A 68 6.14 -8.94 -2.64
CA VAL A 68 5.67 -10.26 -3.06
C VAL A 68 6.80 -11.27 -3.06
N ASP A 69 8.01 -10.81 -3.35
CA ASP A 69 9.18 -11.68 -3.38
C ASP A 69 9.27 -12.52 -2.11
N ALA A 70 8.81 -11.95 -1.00
CA ALA A 70 8.83 -12.65 0.28
C ALA A 70 7.43 -13.11 0.68
N ASN A 71 6.42 -12.38 0.22
CA ASN A 71 5.03 -12.71 0.54
C ASN A 71 4.28 -13.13 -0.73
N PRO A 72 4.59 -14.33 -1.23
CA PRO A 72 3.96 -14.88 -2.43
C PRO A 72 2.50 -15.25 -2.19
N GLU A 73 2.18 -15.65 -0.97
CA GLU A 73 0.82 -16.03 -0.61
C GLU A 73 -0.10 -14.81 -0.57
N ALA A 74 0.41 -13.73 0.01
CA ALA A 74 -0.37 -12.49 0.10
C ALA A 74 -0.94 -12.08 -1.25
N ALA A 75 -0.09 -12.10 -2.27
CA ALA A 75 -0.50 -11.73 -3.61
C ALA A 75 -1.70 -12.55 -4.06
N ARG A 76 -1.49 -13.85 -4.25
CA ARG A 76 -2.55 -14.74 -4.67
C ARG A 76 -3.77 -14.60 -3.78
N ASP A 77 -3.54 -14.28 -2.51
CA ASP A 77 -4.63 -14.11 -1.55
C ASP A 77 -5.69 -13.14 -2.08
N PHE A 78 -5.23 -12.10 -2.79
CA PHE A 78 -6.14 -11.11 -3.34
C PHE A 78 -6.26 -11.29 -4.85
N GLN A 79 -5.95 -12.49 -5.34
CA GLN A 79 -6.02 -12.79 -6.76
C GLN A 79 -5.37 -11.68 -7.58
N VAL A 80 -4.05 -11.73 -7.71
CA VAL A 80 -3.31 -10.74 -8.48
C VAL A 80 -2.51 -11.38 -9.60
N VAL A 81 -2.62 -10.81 -10.80
CA VAL A 81 -1.90 -11.34 -11.96
C VAL A 81 -0.96 -10.28 -12.53
N SER A 82 -0.21 -9.62 -11.66
CA SER A 82 0.74 -8.59 -12.09
C SER A 82 1.56 -8.09 -10.91
N ILE A 83 2.83 -7.76 -11.18
CA ILE A 83 3.73 -7.28 -10.14
C ILE A 83 3.28 -5.91 -9.62
N PRO A 84 3.18 -4.94 -10.53
CA PRO A 84 2.76 -3.58 -10.19
C PRO A 84 1.29 -3.51 -9.80
N THR A 85 0.96 -3.99 -8.61
CA THR A 85 -0.41 -3.99 -8.13
C THR A 85 -0.54 -3.14 -6.87
N MET A 86 -1.52 -2.23 -6.87
CA MET A 86 -1.75 -1.36 -5.72
C MET A 86 -3.17 -1.54 -5.18
N ILE A 87 -3.30 -1.45 -3.86
CA ILE A 87 -4.61 -1.61 -3.22
C ILE A 87 -4.86 -0.49 -2.21
N LEU A 88 -5.95 0.23 -2.41
CA LEU A 88 -6.31 1.34 -1.53
C LEU A 88 -7.28 0.86 -0.44
N PHE A 89 -6.76 0.72 0.78
CA PHE A 89 -7.57 0.28 1.91
C PHE A 89 -8.21 1.47 2.62
N LYS A 90 -9.14 1.17 3.53
CA LYS A 90 -9.82 2.23 4.28
C LYS A 90 -10.53 1.64 5.50
N GLY A 91 -9.82 1.62 6.62
CA GLY A 91 -10.39 1.08 7.85
C GLY A 91 -10.20 -0.41 7.98
N GLY A 92 -9.07 -0.91 7.47
CA GLY A 92 -8.79 -2.33 7.54
C GLY A 92 -9.62 -3.14 6.55
N THR A 93 -9.80 -2.58 5.35
CA THR A 93 -10.58 -3.26 4.32
C THR A 93 -10.29 -2.68 2.95
N PRO A 94 -10.07 -3.57 1.96
CA PRO A 94 -9.78 -3.18 0.59
C PRO A 94 -10.98 -2.55 -0.11
N VAL A 95 -11.02 -1.22 -0.13
CA VAL A 95 -12.12 -0.50 -0.77
C VAL A 95 -11.85 -0.28 -2.26
N LYS A 96 -10.57 -0.14 -2.60
CA LYS A 96 -10.17 0.09 -3.99
C LYS A 96 -9.02 -0.84 -4.37
N ARG A 97 -8.76 -0.94 -5.67
CA ARG A 97 -7.68 -1.79 -6.17
C ARG A 97 -7.28 -1.38 -7.57
N ILE A 98 -6.04 -0.90 -7.71
CA ILE A 98 -5.52 -0.47 -9.00
C ILE A 98 -4.22 -1.19 -9.34
N VAL A 99 -4.23 -1.95 -10.43
CA VAL A 99 -3.05 -2.68 -10.86
C VAL A 99 -2.74 -2.41 -12.33
N GLY A 100 -1.45 -2.38 -12.66
CA GLY A 100 -1.05 -2.12 -14.03
C GLY A 100 0.12 -1.15 -14.11
N ALA A 101 0.22 -0.26 -13.13
CA ALA A 101 1.30 0.72 -13.10
C ALA A 101 1.19 1.69 -14.27
N LYS A 102 0.77 2.92 -13.99
CA LYS A 102 0.63 3.94 -15.02
C LYS A 102 0.93 5.32 -14.47
N GLY A 103 0.92 6.32 -15.34
CA GLY A 103 1.19 7.69 -14.92
C GLY A 103 0.22 8.18 -13.87
N LYS A 104 0.54 9.29 -13.23
CA LYS A 104 -0.32 9.87 -12.19
C LYS A 104 -1.65 10.32 -12.79
N ALA A 105 -1.60 10.84 -14.01
CA ALA A 105 -2.81 11.31 -14.69
C ALA A 105 -3.78 10.17 -14.94
N ALA A 106 -3.24 8.96 -15.15
CA ALA A 106 -4.06 7.79 -15.39
C ALA A 106 -4.40 7.08 -14.09
N LEU A 107 -3.38 6.66 -13.36
CA LEU A 107 -3.58 5.96 -12.08
C LEU A 107 -4.59 6.71 -11.21
N LEU A 108 -4.39 8.02 -11.09
CA LEU A 108 -5.28 8.85 -10.28
C LEU A 108 -6.75 8.56 -10.60
N ARG A 109 -7.04 8.39 -11.89
CA ARG A 109 -8.40 8.10 -12.34
C ARG A 109 -8.76 6.64 -12.07
N GLU A 110 -7.79 5.76 -12.22
CA GLU A 110 -8.00 4.33 -11.99
C GLU A 110 -8.66 4.09 -10.64
N ILE A 111 -8.48 5.03 -9.72
CA ILE A 111 -9.06 4.92 -8.39
C ILE A 111 -10.46 5.50 -8.35
N GLU A 112 -10.56 6.82 -8.49
CA GLU A 112 -11.84 7.50 -8.47
C GLU A 112 -12.79 6.90 -9.49
N ASP A 113 -12.34 6.81 -10.74
CA ASP A 113 -13.14 6.25 -11.82
C ASP A 113 -13.64 4.85 -11.46
N ALA A 114 -12.82 4.11 -10.72
CA ALA A 114 -13.18 2.76 -10.30
C ALA A 114 -14.29 2.79 -9.25
N LEU A 115 -14.25 3.81 -8.39
CA LEU A 115 -15.25 3.96 -7.33
C LEU A 115 -16.66 3.94 -7.90
#